data_2EW5
# 
_entry.id   2EW5 
# 
_audit_conform.dict_name       mmcif_pdbx.dic 
_audit_conform.dict_version    5.380 
_audit_conform.dict_location   http://mmcif.pdb.org/dictionaries/ascii/mmcif_pdbx.dic 
# 
loop_
_database_2.database_id 
_database_2.database_code 
_database_2.pdbx_database_accession 
_database_2.pdbx_DOI 
PDB   2EW5         pdb_00002ew5 10.2210/pdb2ew5/pdb 
RCSB  RCSB035165   ?            ?                   
WWPDB D_1000035165 ?            ?                   
# 
loop_
_pdbx_database_related.db_name 
_pdbx_database_related.db_id 
_pdbx_database_related.details 
_pdbx_database_related.content_type 
PDB 2EW6 'Helicobacter Pylori peptide deformylase in complex with inhibitor' unspecified 
PDB 2EW7 'Helicobacter Pylori peptide deformylase'                           unspecified 
# 
_pdbx_database_status.status_code                     REL 
_pdbx_database_status.entry_id                        2EW5 
_pdbx_database_status.recvd_initial_deposition_date   2005-11-02 
_pdbx_database_status.deposit_site                    RCSB 
_pdbx_database_status.process_site                    PDBJ 
_pdbx_database_status.status_code_sf                  REL 
_pdbx_database_status.status_code_mr                  ? 
_pdbx_database_status.SG_entry                        ? 
_pdbx_database_status.pdb_format_compatible           Y 
_pdbx_database_status.status_code_cs                  ? 
_pdbx_database_status.methods_development_category    ? 
_pdbx_database_status.status_code_nmr_data            ? 
# 
_audit_author.name           'Cai, J.' 
_audit_author.pdbx_ordinal   1 
# 
_citation.id                        primary 
_citation.title                     
;Peptide deformylase is a potential target for anti-Helicobacter pylori drugs: reverse docking, enzymatic assay, and X-ray crystallography validation
;
_citation.journal_abbrev            'Protein Sci.' 
_citation.journal_volume            15 
_citation.page_first                2071 
_citation.page_last                 2081 
_citation.year                      2006 
_citation.journal_id_ASTM           PRCIEI 
_citation.country                   US 
_citation.journal_id_ISSN           0961-8368 
_citation.journal_id_CSD            0795 
_citation.book_publisher            ? 
_citation.pdbx_database_id_PubMed   16882991 
_citation.pdbx_database_id_DOI      10.1110/ps.062238406 
# 
loop_
_citation_author.citation_id 
_citation_author.name 
_citation_author.ordinal 
_citation_author.identifier_ORCID 
primary 'Cai, J.'   1  ? 
primary 'Han, C.'   2  ? 
primary 'Hu, T.'    3  ? 
primary 'Zhang, J.' 4  ? 
primary 'Wu, D.'    5  ? 
primary 'Wang, F.'  6  ? 
primary 'Liu, Y.'   7  ? 
primary 'Ding, J.'  8  ? 
primary 'Chen, K.'  9  ? 
primary 'Yue, J.'   10 ? 
primary 'Shen, X.'  11 ? 
primary 'Jiang, H.' 12 ? 
# 
_cell.entry_id           2EW5 
_cell.length_a           42.117 
_cell.length_b           52.970 
_cell.length_c           92.259 
_cell.angle_alpha        90.00 
_cell.angle_beta         90.00 
_cell.angle_gamma        90.00 
_cell.Z_PDB              4 
_cell.pdbx_unique_axis   ? 
_cell.length_a_esd       ? 
_cell.length_b_esd       ? 
_cell.length_c_esd       ? 
_cell.angle_alpha_esd    ? 
_cell.angle_beta_esd     ? 
_cell.angle_gamma_esd    ? 
# 
_symmetry.entry_id                         2EW5 
_symmetry.space_group_name_H-M             'P 21 21 21' 
_symmetry.pdbx_full_space_group_name_H-M   ? 
_symmetry.cell_setting                     ? 
_symmetry.Int_Tables_number                19 
_symmetry.space_group_name_Hall            ? 
# 
loop_
_entity.id 
_entity.type 
_entity.src_method 
_entity.pdbx_description 
_entity.formula_weight 
_entity.pdbx_number_of_molecules 
_entity.pdbx_ec 
_entity.pdbx_mutation 
_entity.pdbx_fragment 
_entity.details 
1 polymer     man 'peptide deformylase'                                                           21008.465 1   3.5.1.88 ? ? ? 
2 non-polymer syn 'COBALT (II) ION'                                                               58.933    1   ?        ? ? ? 
3 non-polymer syn '4-{(1E)-3-OXO-3-[(2-PHENYLETHYL)AMINO]PROP-1-EN-1-YL}-1,2-PHENYLENE DIACETATE' 367.395   1   ?        ? ? ? 
4 water       nat water                                                                           18.015    125 ?        ? ? ? 
# 
_entity_poly.entity_id                      1 
_entity_poly.type                           'polypeptide(L)' 
_entity_poly.nstd_linkage                   no 
_entity_poly.nstd_monomer                   no 
_entity_poly.pdbx_seq_one_letter_code       
;ALLEIIHYPSKILRTISKEVVSFDAKLHQQLDDMYETMIASEGIGLAAIQVGLPLRMLIINLPQEDGVQHKEDCLEIINP
KFIETGGSMMYKEGCLSVPGFYEEVERFEKVKIEYQNRFAEVKVLEASELLAVAIQHEIDHLNGVLFVDKLSILKRKKFE
KELKELQKKQKHKLEHHHHHH
;
_entity_poly.pdbx_seq_one_letter_code_can   
;ALLEIIHYPSKILRTISKEVVSFDAKLHQQLDDMYETMIASEGIGLAAIQVGLPLRMLIINLPQEDGVQHKEDCLEIINP
KFIETGGSMMYKEGCLSVPGFYEEVERFEKVKIEYQNRFAEVKVLEASELLAVAIQHEIDHLNGVLFVDKLSILKRKKFE
KELKELQKKQKHKLEHHHHHH
;
_entity_poly.pdbx_strand_id                 A 
_entity_poly.pdbx_target_identifier         ? 
# 
loop_
_entity_poly_seq.entity_id 
_entity_poly_seq.num 
_entity_poly_seq.mon_id 
_entity_poly_seq.hetero 
1 1   ALA n 
1 2   LEU n 
1 3   LEU n 
1 4   GLU n 
1 5   ILE n 
1 6   ILE n 
1 7   HIS n 
1 8   TYR n 
1 9   PRO n 
1 10  SER n 
1 11  LYS n 
1 12  ILE n 
1 13  LEU n 
1 14  ARG n 
1 15  THR n 
1 16  ILE n 
1 17  SER n 
1 18  LYS n 
1 19  GLU n 
1 20  VAL n 
1 21  VAL n 
1 22  SER n 
1 23  PHE n 
1 24  ASP n 
1 25  ALA n 
1 26  LYS n 
1 27  LEU n 
1 28  HIS n 
1 29  GLN n 
1 30  GLN n 
1 31  LEU n 
1 32  ASP n 
1 33  ASP n 
1 34  MET n 
1 35  TYR n 
1 36  GLU n 
1 37  THR n 
1 38  MET n 
1 39  ILE n 
1 40  ALA n 
1 41  SER n 
1 42  GLU n 
1 43  GLY n 
1 44  ILE n 
1 45  GLY n 
1 46  LEU n 
1 47  ALA n 
1 48  ALA n 
1 49  ILE n 
1 50  GLN n 
1 51  VAL n 
1 52  GLY n 
1 53  LEU n 
1 54  PRO n 
1 55  LEU n 
1 56  ARG n 
1 57  MET n 
1 58  LEU n 
1 59  ILE n 
1 60  ILE n 
1 61  ASN n 
1 62  LEU n 
1 63  PRO n 
1 64  GLN n 
1 65  GLU n 
1 66  ASP n 
1 67  GLY n 
1 68  VAL n 
1 69  GLN n 
1 70  HIS n 
1 71  LYS n 
1 72  GLU n 
1 73  ASP n 
1 74  CYS n 
1 75  LEU n 
1 76  GLU n 
1 77  ILE n 
1 78  ILE n 
1 79  ASN n 
1 80  PRO n 
1 81  LYS n 
1 82  PHE n 
1 83  ILE n 
1 84  GLU n 
1 85  THR n 
1 86  GLY n 
1 87  GLY n 
1 88  SER n 
1 89  MET n 
1 90  MET n 
1 91  TYR n 
1 92  LYS n 
1 93  GLU n 
1 94  GLY n 
1 95  CYS n 
1 96  LEU n 
1 97  SER n 
1 98  VAL n 
1 99  PRO n 
1 100 GLY n 
1 101 PHE n 
1 102 TYR n 
1 103 GLU n 
1 104 GLU n 
1 105 VAL n 
1 106 GLU n 
1 107 ARG n 
1 108 PHE n 
1 109 GLU n 
1 110 LYS n 
1 111 VAL n 
1 112 LYS n 
1 113 ILE n 
1 114 GLU n 
1 115 TYR n 
1 116 GLN n 
1 117 ASN n 
1 118 ARG n 
1 119 PHE n 
1 120 ALA n 
1 121 GLU n 
1 122 VAL n 
1 123 LYS n 
1 124 VAL n 
1 125 LEU n 
1 126 GLU n 
1 127 ALA n 
1 128 SER n 
1 129 GLU n 
1 130 LEU n 
1 131 LEU n 
1 132 ALA n 
1 133 VAL n 
1 134 ALA n 
1 135 ILE n 
1 136 GLN n 
1 137 HIS n 
1 138 GLU n 
1 139 ILE n 
1 140 ASP n 
1 141 HIS n 
1 142 LEU n 
1 143 ASN n 
1 144 GLY n 
1 145 VAL n 
1 146 LEU n 
1 147 PHE n 
1 148 VAL n 
1 149 ASP n 
1 150 LYS n 
1 151 LEU n 
1 152 SER n 
1 153 ILE n 
1 154 LEU n 
1 155 LYS n 
1 156 ARG n 
1 157 LYS n 
1 158 LYS n 
1 159 PHE n 
1 160 GLU n 
1 161 LYS n 
1 162 GLU n 
1 163 LEU n 
1 164 LYS n 
1 165 GLU n 
1 166 LEU n 
1 167 GLN n 
1 168 LYS n 
1 169 LYS n 
1 170 GLN n 
1 171 LYS n 
1 172 HIS n 
1 173 LYS n 
1 174 LEU n 
1 175 GLU n 
1 176 HIS n 
1 177 HIS n 
1 178 HIS n 
1 179 HIS n 
1 180 HIS n 
1 181 HIS n 
# 
_entity_src_gen.entity_id                          1 
_entity_src_gen.pdbx_src_id                        1 
_entity_src_gen.pdbx_alt_source_flag               sample 
_entity_src_gen.pdbx_seq_type                      ? 
_entity_src_gen.pdbx_beg_seq_num                   ? 
_entity_src_gen.pdbx_end_seq_num                   ? 
_entity_src_gen.gene_src_common_name               ? 
_entity_src_gen.gene_src_genus                     Helicobacter 
_entity_src_gen.pdbx_gene_src_gene                 ? 
_entity_src_gen.gene_src_species                   ? 
_entity_src_gen.gene_src_strain                    ? 
_entity_src_gen.gene_src_tissue                    ? 
_entity_src_gen.gene_src_tissue_fraction           ? 
_entity_src_gen.gene_src_details                   ? 
_entity_src_gen.pdbx_gene_src_fragment             ? 
_entity_src_gen.pdbx_gene_src_scientific_name      'Helicobacter pylori' 
_entity_src_gen.pdbx_gene_src_ncbi_taxonomy_id     210 
_entity_src_gen.pdbx_gene_src_variant              ? 
_entity_src_gen.pdbx_gene_src_cell_line            ? 
_entity_src_gen.pdbx_gene_src_atcc                 ? 
_entity_src_gen.pdbx_gene_src_organ                ? 
_entity_src_gen.pdbx_gene_src_organelle            ? 
_entity_src_gen.pdbx_gene_src_cell                 ? 
_entity_src_gen.pdbx_gene_src_cellular_location    ? 
_entity_src_gen.host_org_common_name               ? 
_entity_src_gen.pdbx_host_org_scientific_name      'Escherichia coli BL21(DE3)' 
_entity_src_gen.pdbx_host_org_ncbi_taxonomy_id     469008 
_entity_src_gen.host_org_genus                     Escherichia 
_entity_src_gen.pdbx_host_org_gene                 ? 
_entity_src_gen.pdbx_host_org_organ                ? 
_entity_src_gen.host_org_species                   'Escherichia coli' 
_entity_src_gen.pdbx_host_org_tissue               ? 
_entity_src_gen.pdbx_host_org_tissue_fraction      ? 
_entity_src_gen.pdbx_host_org_strain               'BL21(DE3)' 
_entity_src_gen.pdbx_host_org_variant              ? 
_entity_src_gen.pdbx_host_org_cell_line            ? 
_entity_src_gen.pdbx_host_org_atcc                 ? 
_entity_src_gen.pdbx_host_org_culture_collection   ? 
_entity_src_gen.pdbx_host_org_cell                 ? 
_entity_src_gen.pdbx_host_org_organelle            ? 
_entity_src_gen.pdbx_host_org_cellular_location    ? 
_entity_src_gen.pdbx_host_org_vector_type          PLASMID 
_entity_src_gen.pdbx_host_org_vector               ? 
_entity_src_gen.host_org_details                   ? 
_entity_src_gen.expression_system_id               ? 
_entity_src_gen.plasmid_name                       'PET22B(+)' 
_entity_src_gen.plasmid_details                    ? 
_entity_src_gen.pdbx_description                   ? 
# 
_struct_ref.id                         1 
_struct_ref.db_name                    UNP 
_struct_ref.db_code                    Q672W7_HELPY 
_struct_ref.pdbx_db_accession          Q672W7 
_struct_ref.entity_id                  1 
_struct_ref.pdbx_align_begin           2 
_struct_ref.pdbx_db_isoform            ? 
_struct_ref.pdbx_seq_one_letter_code   ? 
# 
_struct_ref_seq.align_id                      1 
_struct_ref_seq.ref_id                        1 
_struct_ref_seq.pdbx_PDB_id_code              2EW5 
_struct_ref_seq.pdbx_strand_id                A 
_struct_ref_seq.seq_align_beg                 1 
_struct_ref_seq.pdbx_seq_align_beg_ins_code   ? 
_struct_ref_seq.seq_align_end                 173 
_struct_ref_seq.pdbx_seq_align_end_ins_code   ? 
_struct_ref_seq.pdbx_db_accession             Q672W7 
_struct_ref_seq.db_align_beg                  2 
_struct_ref_seq.pdbx_db_align_beg_ins_code    ? 
_struct_ref_seq.db_align_end                  174 
_struct_ref_seq.pdbx_db_align_end_ins_code    ? 
_struct_ref_seq.pdbx_auth_seq_align_beg       2 
_struct_ref_seq.pdbx_auth_seq_align_end       174 
# 
loop_
_struct_ref_seq_dif.align_id 
_struct_ref_seq_dif.pdbx_pdb_id_code 
_struct_ref_seq_dif.mon_id 
_struct_ref_seq_dif.pdbx_pdb_strand_id 
_struct_ref_seq_dif.seq_num 
_struct_ref_seq_dif.pdbx_pdb_ins_code 
_struct_ref_seq_dif.pdbx_seq_db_name 
_struct_ref_seq_dif.pdbx_seq_db_accession_code 
_struct_ref_seq_dif.db_mon_id 
_struct_ref_seq_dif.pdbx_seq_db_seq_num 
_struct_ref_seq_dif.details 
_struct_ref_seq_dif.pdbx_auth_seq_num 
_struct_ref_seq_dif.pdbx_ordinal 
1 2EW5 LEU A 174 ? UNP Q672W7 ? ? 'expression tag' 175 1 
1 2EW5 GLU A 175 ? UNP Q672W7 ? ? 'expression tag' 176 2 
1 2EW5 HIS A 176 ? UNP Q672W7 ? ? 'expression tag' 177 3 
1 2EW5 HIS A 177 ? UNP Q672W7 ? ? 'expression tag' 178 4 
1 2EW5 HIS A 178 ? UNP Q672W7 ? ? 'expression tag' 179 5 
1 2EW5 HIS A 179 ? UNP Q672W7 ? ? 'expression tag' 180 6 
1 2EW5 HIS A 180 ? UNP Q672W7 ? ? 'expression tag' 181 7 
1 2EW5 HIS A 181 ? UNP Q672W7 ? ? 'expression tag' 182 8 
# 
loop_
_chem_comp.id 
_chem_comp.type 
_chem_comp.mon_nstd_flag 
_chem_comp.name 
_chem_comp.pdbx_synonyms 
_chem_comp.formula 
_chem_comp.formula_weight 
ALA 'L-peptide linking' y ALANINE                                                                         ? 'C3 H7 N O2'     
89.093  
ARG 'L-peptide linking' y ARGININE                                                                        ? 'C6 H15 N4 O2 1' 
175.209 
ASN 'L-peptide linking' y ASPARAGINE                                                                      ? 'C4 H8 N2 O3'    
132.118 
ASP 'L-peptide linking' y 'ASPARTIC ACID'                                                                 ? 'C4 H7 N O4'     
133.103 
CO  non-polymer         . 'COBALT (II) ION'                                                               ? 'Co 2'           
58.933  
CYS 'L-peptide linking' y CYSTEINE                                                                        ? 'C3 H7 N O2 S'   
121.158 
GLN 'L-peptide linking' y GLUTAMINE                                                                       ? 'C5 H10 N2 O3'   
146.144 
GLU 'L-peptide linking' y 'GLUTAMIC ACID'                                                                 ? 'C5 H9 N O4'     
147.129 
GLY 'peptide linking'   y GLYCINE                                                                         ? 'C2 H5 N O2'     
75.067  
HIS 'L-peptide linking' y HISTIDINE                                                                       ? 'C6 H10 N3 O2 1' 
156.162 
HOH non-polymer         . WATER                                                                           ? 'H2 O'           
18.015  
ILE 'L-peptide linking' y ISOLEUCINE                                                                      ? 'C6 H13 N O2'    
131.173 
LEU 'L-peptide linking' y LEUCINE                                                                         ? 'C6 H13 N O2'    
131.173 
LYS 'L-peptide linking' y LYSINE                                                                          ? 'C6 H15 N2 O2 1' 
147.195 
MET 'L-peptide linking' y METHIONINE                                                                      ? 'C5 H11 N O2 S'  
149.211 
PHE 'L-peptide linking' y PHENYLALANINE                                                                   ? 'C9 H11 N O2'    
165.189 
PRO 'L-peptide linking' y PROLINE                                                                         ? 'C5 H9 N O2'     
115.130 
SER 'L-peptide linking' y SERINE                                                                          ? 'C3 H7 N O3'     
105.093 
THR 'L-peptide linking' y THREONINE                                                                       ? 'C4 H9 N O3'     
119.119 
TYR 'L-peptide linking' y TYROSINE                                                                        ? 'C9 H11 N O3'    
181.189 
VAL 'L-peptide linking' y VALINE                                                                          ? 'C5 H11 N O2'    
117.146 
Y12 non-polymer         . '4-{(1E)-3-OXO-3-[(2-PHENYLETHYL)AMINO]PROP-1-EN-1-YL}-1,2-PHENYLENE DIACETATE' ? 'C21 H21 N O5'   
367.395 
# 
_exptl.entry_id          2EW5 
_exptl.method            'X-RAY DIFFRACTION' 
_exptl.crystals_number   1 
# 
_exptl_crystal.id                    1 
_exptl_crystal.density_meas          ? 
_exptl_crystal.density_Matthews      2.45 
_exptl_crystal.density_percent_sol   49.77 
_exptl_crystal.description           ? 
_exptl_crystal.F_000                 ? 
_exptl_crystal.preparation           ? 
# 
_exptl_crystal_grow.crystal_id      1 
_exptl_crystal_grow.method          'VAPOR DIFFUSION, HANGING DROP' 
_exptl_crystal_grow.temp            277 
_exptl_crystal_grow.temp_details    ? 
_exptl_crystal_grow.pH              7.8 
_exptl_crystal_grow.pdbx_details    '60-70% MPD in 0.1M pH7.8 Hepes, VAPOR DIFFUSION, HANGING DROP, temperature 277K' 
_exptl_crystal_grow.pdbx_pH_range   . 
# 
_diffrn.id                     1 
_diffrn.ambient_temp           100 
_diffrn.ambient_temp_details   ? 
_diffrn.crystal_id             1 
# 
_diffrn_detector.diffrn_id              1 
_diffrn_detector.detector               'IMAGE PLATE' 
_diffrn_detector.type                   'RIGAKU RAXIS IV' 
_diffrn_detector.pdbx_collection_date   2004-06-25 
_diffrn_detector.details                'OSMIC MIRRORS' 
# 
_diffrn_radiation.diffrn_id                        1 
_diffrn_radiation.wavelength_id                    1 
_diffrn_radiation.pdbx_monochromatic_or_laue_m_l   M 
_diffrn_radiation.monochromator                    OSCILLATION 
_diffrn_radiation.pdbx_diffrn_protocol             'SINGLE WAVELENGTH' 
_diffrn_radiation.pdbx_scattering_type             x-ray 
# 
_diffrn_radiation_wavelength.id           1 
_diffrn_radiation_wavelength.wavelength   1.5418 
_diffrn_radiation_wavelength.wt           1.0 
# 
_diffrn_source.diffrn_id                   1 
_diffrn_source.source                      'ROTATING ANODE' 
_diffrn_source.type                        RIGAKU 
_diffrn_source.pdbx_synchrotron_site       ? 
_diffrn_source.pdbx_synchrotron_beamline   ? 
_diffrn_source.pdbx_wavelength             ? 
_diffrn_source.pdbx_wavelength_list        1.5418 
# 
_reflns.entry_id                     2EW5 
_reflns.observed_criterion_sigma_I   1.0 
_reflns.observed_criterion_sigma_F   1.0 
_reflns.d_resolution_low             12.0 
_reflns.d_resolution_high            2.2 
_reflns.number_obs                   10663 
_reflns.number_all                   10663 
_reflns.percent_possible_obs         97.7 
_reflns.pdbx_Rmerge_I_obs            0.075 
_reflns.pdbx_Rsym_value              ? 
_reflns.pdbx_netI_over_sigmaI        8.1 
_reflns.B_iso_Wilson_estimate        14.2 
_reflns.pdbx_redundancy              3.3 
_reflns.R_free_details               ? 
_reflns.limit_h_max                  ? 
_reflns.limit_h_min                  ? 
_reflns.limit_k_max                  ? 
_reflns.limit_k_min                  ? 
_reflns.limit_l_max                  ? 
_reflns.limit_l_min                  ? 
_reflns.observed_criterion_F_max     ? 
_reflns.observed_criterion_F_min     ? 
_reflns.pdbx_chi_squared             ? 
_reflns.pdbx_scaling_rejects         ? 
_reflns.pdbx_diffrn_id               1 
_reflns.pdbx_ordinal                 1 
# 
_reflns_shell.d_res_high             2.20 
_reflns_shell.d_res_low              2.28 
_reflns_shell.percent_possible_all   96.6 
_reflns_shell.Rmerge_I_obs           0.19 
_reflns_shell.pdbx_Rsym_value        ? 
_reflns_shell.meanI_over_sigI_obs    3.3 
_reflns_shell.pdbx_redundancy        3.2 
_reflns_shell.percent_possible_obs   ? 
_reflns_shell.number_unique_all      1019 
_reflns_shell.number_measured_all    ? 
_reflns_shell.number_measured_obs    ? 
_reflns_shell.number_unique_obs      ? 
_reflns_shell.pdbx_chi_squared       ? 
_reflns_shell.pdbx_diffrn_id         ? 
_reflns_shell.pdbx_ordinal           1 
# 
_refine.entry_id                                 2EW5 
_refine.ls_number_reflns_obs                     10633 
_refine.ls_number_reflns_all                     10633 
_refine.pdbx_ls_sigma_I                          ? 
_refine.pdbx_ls_sigma_F                          0.0 
_refine.pdbx_data_cutoff_high_absF               ? 
_refine.pdbx_data_cutoff_low_absF                ? 
_refine.pdbx_data_cutoff_high_rms_absF           ? 
_refine.ls_d_res_low                             12.0 
_refine.ls_d_res_high                            2.2 
_refine.ls_percent_reflns_obs                    ? 
_refine.ls_R_factor_obs                          0.201 
_refine.ls_R_factor_all                          0.213 
_refine.ls_R_factor_R_work                       0.201 
_refine.ls_R_factor_R_free                       0.254 
_refine.ls_R_factor_R_free_error                 0.011 
_refine.ls_R_factor_R_free_error_details         ? 
_refine.ls_percent_reflns_R_free                 5.1 
_refine.ls_number_reflns_R_free                  537 
_refine.ls_number_parameters                     ? 
_refine.ls_number_restraints                     ? 
_refine.occupancy_min                            ? 
_refine.occupancy_max                            ? 
_refine.correlation_coeff_Fo_to_Fc               ? 
_refine.correlation_coeff_Fo_to_Fc_free          ? 
_refine.B_iso_mean                               21.2 
_refine.aniso_B[1][1]                            -2.89 
_refine.aniso_B[2][2]                            1.63 
_refine.aniso_B[3][3]                            1.25 
_refine.aniso_B[1][2]                            0.00 
_refine.aniso_B[1][3]                            0.00 
_refine.aniso_B[2][3]                            0.00 
_refine.solvent_model_details                    ? 
_refine.solvent_model_param_ksol                 ? 
_refine.solvent_model_param_bsol                 ? 
_refine.pdbx_solvent_vdw_probe_radii             ? 
_refine.pdbx_solvent_ion_probe_radii             ? 
_refine.pdbx_solvent_shrinkage_radii             ? 
_refine.pdbx_ls_cross_valid_method               THROUGHOUT 
_refine.details                                  ? 
_refine.pdbx_starting_model                      1IX1 
_refine.pdbx_method_to_determine_struct          'MOLECULAR REPLACEMENT' 
_refine.pdbx_isotropic_thermal_model             RESTRAINED 
_refine.pdbx_stereochemistry_target_values       'Engh & Huber' 
_refine.pdbx_stereochem_target_val_spec_case     ? 
_refine.pdbx_R_Free_selection_details            RANDOM 
_refine.pdbx_overall_ESU_R                       ? 
_refine.pdbx_overall_ESU_R_Free                  ? 
_refine.overall_SU_ML                            ? 
_refine.overall_SU_B                             ? 
_refine.ls_redundancy_reflns_obs                 ? 
_refine.B_iso_min                                ? 
_refine.B_iso_max                                ? 
_refine.overall_SU_R_Cruickshank_DPI             ? 
_refine.overall_SU_R_free                        ? 
_refine.ls_wR_factor_R_free                      ? 
_refine.ls_wR_factor_R_work                      ? 
_refine.overall_FOM_free_R_set                   ? 
_refine.overall_FOM_work_R_set                   ? 
_refine.pdbx_refine_id                           'X-RAY DIFFRACTION' 
_refine.pdbx_diffrn_id                           1 
_refine.pdbx_TLS_residual_ADP_flag               ? 
_refine.pdbx_overall_phase_error                 ? 
_refine.pdbx_overall_SU_R_free_Cruickshank_DPI   ? 
_refine.pdbx_overall_SU_R_Blow_DPI               ? 
_refine.pdbx_overall_SU_R_free_Blow_DPI          ? 
# 
_refine_analyze.entry_id                        2EW5 
_refine_analyze.Luzzati_coordinate_error_obs    0.23 
_refine_analyze.Luzzati_sigma_a_obs             0.15 
_refine_analyze.Luzzati_d_res_low_obs           5.00 
_refine_analyze.Luzzati_coordinate_error_free   0.30 
_refine_analyze.Luzzati_sigma_a_free            0.21 
_refine_analyze.Luzzati_d_res_low_free          ? 
_refine_analyze.number_disordered_residues      ? 
_refine_analyze.occupancy_sum_hydrogen          ? 
_refine_analyze.occupancy_sum_non_hydrogen      ? 
_refine_analyze.pdbx_Luzzati_d_res_high_obs     ? 
_refine_analyze.pdbx_refine_id                  'X-RAY DIFFRACTION' 
# 
_refine_hist.pdbx_refine_id                   'X-RAY DIFFRACTION' 
_refine_hist.cycle_id                         LAST 
_refine_hist.pdbx_number_atoms_protein        1334 
_refine_hist.pdbx_number_atoms_nucleic_acid   0 
_refine_hist.pdbx_number_atoms_ligand         28 
_refine_hist.number_atoms_solvent             125 
_refine_hist.number_atoms_total               1487 
_refine_hist.d_res_high                       2.2 
_refine_hist.d_res_low                        12.0 
# 
loop_
_refine_ls_restr.type 
_refine_ls_restr.dev_ideal 
_refine_ls_restr.dev_ideal_target 
_refine_ls_restr.weight 
_refine_ls_restr.number 
_refine_ls_restr.pdbx_refine_id 
_refine_ls_restr.pdbx_restraint_function 
o_bond_d           0.007 ?    ? ? 'X-RAY DIFFRACTION' ? 
o_angle_deg        1.2   ?    ? ? 'X-RAY DIFFRACTION' ? 
o_dihedral_angle_d 22.3  ?    ? ? 'X-RAY DIFFRACTION' ? 
o_improper_angle_d 0.73  ?    ? ? 'X-RAY DIFFRACTION' ? 
o_mcbond_it        1.31  1.50 ? ? 'X-RAY DIFFRACTION' ? 
o_mcangle_it       2.07  2.00 ? ? 'X-RAY DIFFRACTION' ? 
o_scbond_it        2.13  2.00 ? ? 'X-RAY DIFFRACTION' ? 
o_scangle_it       3.19  2.50 ? ? 'X-RAY DIFFRACTION' ? 
# 
_refine_ls_shell.pdbx_total_number_of_bins_used   6 
_refine_ls_shell.d_res_high                       2.20 
_refine_ls_shell.d_res_low                        2.34 
_refine_ls_shell.number_reflns_R_work             1649 
_refine_ls_shell.R_factor_R_work                  0.214 
_refine_ls_shell.percent_reflns_obs               97.1 
_refine_ls_shell.R_factor_R_free                  0.256 
_refine_ls_shell.R_factor_R_free_error            0.029 
_refine_ls_shell.percent_reflns_R_free            4.5 
_refine_ls_shell.number_reflns_R_free             78 
_refine_ls_shell.number_reflns_all                ? 
_refine_ls_shell.R_factor_all                     ? 
_refine_ls_shell.number_reflns_obs                ? 
_refine_ls_shell.redundancy_reflns_obs            ? 
_refine_ls_shell.pdbx_refine_id                   'X-RAY DIFFRACTION' 
# 
loop_
_pdbx_xplor_file.serial_no 
_pdbx_xplor_file.param_file 
_pdbx_xplor_file.topol_file 
_pdbx_xplor_file.pdbx_refine_id 
1 protein_rep.param protein.top 'X-RAY DIFFRACTION' 
2 water_rep.param   lig.top     'X-RAY DIFFRACTION' 
3 ion.param         ion.top     'X-RAY DIFFRACTION' 
4 lig.param         water.top   'X-RAY DIFFRACTION' 
# 
_struct.entry_id                  2EW5 
_struct.title                     'Structure of Helicobacter Pylori peptide deformylase in complex with inhibitor' 
_struct.pdbx_model_details        ? 
_struct.pdbx_CASP_flag            ? 
_struct.pdbx_model_type_details   ? 
# 
_struct_keywords.entry_id        2EW5 
_struct_keywords.pdbx_keywords   HYDROLASE 
_struct_keywords.text            'Cobalt Helicobacter pylori peptide deformylase, inhibitor, HYDROLASE' 
# 
loop_
_struct_asym.id 
_struct_asym.pdbx_blank_PDB_chainid_flag 
_struct_asym.pdbx_modified 
_struct_asym.entity_id 
_struct_asym.details 
A N N 1 ? 
B N N 2 ? 
C N N 3 ? 
D N N 4 ? 
# 
_struct_biol.id                    1 
_struct_biol.details               ? 
_struct_biol.pdbx_parent_biol_id   ? 
# 
loop_
_struct_conf.conf_type_id 
_struct_conf.id 
_struct_conf.pdbx_PDB_helix_id 
_struct_conf.beg_label_comp_id 
_struct_conf.beg_label_asym_id 
_struct_conf.beg_label_seq_id 
_struct_conf.pdbx_beg_PDB_ins_code 
_struct_conf.end_label_comp_id 
_struct_conf.end_label_asym_id 
_struct_conf.end_label_seq_id 
_struct_conf.pdbx_end_PDB_ins_code 
_struct_conf.beg_auth_comp_id 
_struct_conf.beg_auth_asym_id 
_struct_conf.beg_auth_seq_id 
_struct_conf.end_auth_comp_id 
_struct_conf.end_auth_asym_id 
_struct_conf.end_auth_seq_id 
_struct_conf.pdbx_PDB_helix_class 
_struct_conf.details 
_struct_conf.pdbx_PDB_helix_length 
HELX_P HELX_P1 1 SER A 10  ? THR A 15  ? SER A 11  THR A 16  5 ? 6  
HELX_P HELX_P2 2 ASP A 24  ? SER A 41  ? ASP A 25  SER A 42  1 ? 18 
HELX_P HELX_P3 3 ILE A 49  ? GLY A 52  ? ILE A 50  GLY A 53  5 ? 4  
HELX_P HELX_P4 4 HIS A 70  ? CYS A 74  ? HIS A 71  CYS A 75  5 ? 5  
HELX_P HELX_P5 5 GLU A 129 ? ASN A 143 ? GLU A 130 ASN A 144 1 ? 15 
HELX_P HELX_P6 6 LEU A 146 ? LEU A 151 ? LEU A 147 LEU A 152 5 ? 6  
HELX_P HELX_P7 7 SER A 152 ? LEU A 166 ? SER A 153 LEU A 167 1 ? 15 
# 
_struct_conf_type.id          HELX_P 
_struct_conf_type.criteria    ? 
_struct_conf_type.reference   ? 
# 
loop_
_struct_conn.id 
_struct_conn.conn_type_id 
_struct_conn.pdbx_leaving_atom_flag 
_struct_conn.pdbx_PDB_id 
_struct_conn.ptnr1_label_asym_id 
_struct_conn.ptnr1_label_comp_id 
_struct_conn.ptnr1_label_seq_id 
_struct_conn.ptnr1_label_atom_id 
_struct_conn.pdbx_ptnr1_label_alt_id 
_struct_conn.pdbx_ptnr1_PDB_ins_code 
_struct_conn.pdbx_ptnr1_standard_comp_id 
_struct_conn.ptnr1_symmetry 
_struct_conn.ptnr2_label_asym_id 
_struct_conn.ptnr2_label_comp_id 
_struct_conn.ptnr2_label_seq_id 
_struct_conn.ptnr2_label_atom_id 
_struct_conn.pdbx_ptnr2_label_alt_id 
_struct_conn.pdbx_ptnr2_PDB_ins_code 
_struct_conn.ptnr1_auth_asym_id 
_struct_conn.ptnr1_auth_comp_id 
_struct_conn.ptnr1_auth_seq_id 
_struct_conn.ptnr2_auth_asym_id 
_struct_conn.ptnr2_auth_comp_id 
_struct_conn.ptnr2_auth_seq_id 
_struct_conn.ptnr2_symmetry 
_struct_conn.pdbx_ptnr3_label_atom_id 
_struct_conn.pdbx_ptnr3_label_seq_id 
_struct_conn.pdbx_ptnr3_label_comp_id 
_struct_conn.pdbx_ptnr3_label_asym_id 
_struct_conn.pdbx_ptnr3_label_alt_id 
_struct_conn.pdbx_ptnr3_PDB_ins_code 
_struct_conn.details 
_struct_conn.pdbx_dist_value 
_struct_conn.pdbx_value_order 
_struct_conn.pdbx_role 
metalc1 metalc ? ? A CYS 95  SG  ? ? ? 1_555 B CO  . CO ? ? A CYS 96  A CO  300 1_555 ? ? ? ? ? ? ? 2.396 ? ? 
metalc2 metalc ? ? A HIS 137 NE2 ? ? ? 1_555 B CO  . CO ? ? A HIS 138 A CO  300 1_555 ? ? ? ? ? ? ? 2.217 ? ? 
metalc3 metalc ? ? A HIS 141 NE2 ? ? ? 1_555 B CO  . CO ? ? A HIS 142 A CO  300 1_555 ? ? ? ? ? ? ? 2.157 ? ? 
metalc4 metalc ? ? B CO  .   CO  ? ? ? 1_555 D HOH . O  ? ? A CO  300 A HOH 424 1_555 ? ? ? ? ? ? ? 2.018 ? ? 
# 
_struct_conn_type.id          metalc 
_struct_conn_type.criteria    ? 
_struct_conn_type.reference   ? 
# 
_struct_mon_prot_cis.pdbx_id                1 
_struct_mon_prot_cis.label_comp_id          TYR 
_struct_mon_prot_cis.label_seq_id           8 
_struct_mon_prot_cis.label_asym_id          A 
_struct_mon_prot_cis.label_alt_id           . 
_struct_mon_prot_cis.pdbx_PDB_ins_code      ? 
_struct_mon_prot_cis.auth_comp_id           TYR 
_struct_mon_prot_cis.auth_seq_id            9 
_struct_mon_prot_cis.auth_asym_id           A 
_struct_mon_prot_cis.pdbx_label_comp_id_2   PRO 
_struct_mon_prot_cis.pdbx_label_seq_id_2    9 
_struct_mon_prot_cis.pdbx_label_asym_id_2   A 
_struct_mon_prot_cis.pdbx_PDB_ins_code_2    ? 
_struct_mon_prot_cis.pdbx_auth_comp_id_2    PRO 
_struct_mon_prot_cis.pdbx_auth_seq_id_2     10 
_struct_mon_prot_cis.pdbx_auth_asym_id_2    A 
_struct_mon_prot_cis.pdbx_PDB_model_num     1 
_struct_mon_prot_cis.pdbx_omega_angle       0.38 
# 
loop_
_struct_sheet.id 
_struct_sheet.type 
_struct_sheet.number_strands 
_struct_sheet.details 
A ? 5 ? 
B ? 2 ? 
# 
loop_
_struct_sheet_order.sheet_id 
_struct_sheet_order.range_id_1 
_struct_sheet_order.range_id_2 
_struct_sheet_order.offset 
_struct_sheet_order.sense 
A 1 2 ? anti-parallel 
A 2 3 ? anti-parallel 
A 3 4 ? anti-parallel 
A 4 5 ? anti-parallel 
B 1 2 ? anti-parallel 
# 
loop_
_struct_sheet_range.sheet_id 
_struct_sheet_range.id 
_struct_sheet_range.beg_label_comp_id 
_struct_sheet_range.beg_label_asym_id 
_struct_sheet_range.beg_label_seq_id 
_struct_sheet_range.pdbx_beg_PDB_ins_code 
_struct_sheet_range.end_label_comp_id 
_struct_sheet_range.end_label_asym_id 
_struct_sheet_range.end_label_seq_id 
_struct_sheet_range.pdbx_end_PDB_ins_code 
_struct_sheet_range.beg_auth_comp_id 
_struct_sheet_range.beg_auth_asym_id 
_struct_sheet_range.beg_auth_seq_id 
_struct_sheet_range.end_auth_comp_id 
_struct_sheet_range.end_auth_asym_id 
_struct_sheet_range.end_auth_seq_id 
A 1 GLY A 45  ? ALA A 47  ? GLY A 46  ALA A 48  
A 2 MET A 57  ? ILE A 60  ? MET A 58  ILE A 61  
A 3 LEU A 75  ? GLY A 86  ? LEU A 76  GLY A 87  
A 4 LYS A 110 ? GLN A 116 ? LYS A 111 GLN A 117 
A 5 VAL A 122 ? SER A 128 ? VAL A 123 SER A 129 
B 1 MET A 89  ? GLU A 93  ? MET A 90  GLU A 94  
B 2 GLU A 103 ? ARG A 107 ? GLU A 104 ARG A 108 
# 
loop_
_pdbx_struct_sheet_hbond.sheet_id 
_pdbx_struct_sheet_hbond.range_id_1 
_pdbx_struct_sheet_hbond.range_id_2 
_pdbx_struct_sheet_hbond.range_1_label_atom_id 
_pdbx_struct_sheet_hbond.range_1_label_comp_id 
_pdbx_struct_sheet_hbond.range_1_label_asym_id 
_pdbx_struct_sheet_hbond.range_1_label_seq_id 
_pdbx_struct_sheet_hbond.range_1_PDB_ins_code 
_pdbx_struct_sheet_hbond.range_1_auth_atom_id 
_pdbx_struct_sheet_hbond.range_1_auth_comp_id 
_pdbx_struct_sheet_hbond.range_1_auth_asym_id 
_pdbx_struct_sheet_hbond.range_1_auth_seq_id 
_pdbx_struct_sheet_hbond.range_2_label_atom_id 
_pdbx_struct_sheet_hbond.range_2_label_comp_id 
_pdbx_struct_sheet_hbond.range_2_label_asym_id 
_pdbx_struct_sheet_hbond.range_2_label_seq_id 
_pdbx_struct_sheet_hbond.range_2_PDB_ins_code 
_pdbx_struct_sheet_hbond.range_2_auth_atom_id 
_pdbx_struct_sheet_hbond.range_2_auth_comp_id 
_pdbx_struct_sheet_hbond.range_2_auth_asym_id 
_pdbx_struct_sheet_hbond.range_2_auth_seq_id 
A 1 2 N LEU A 46  ? N LEU A 47  O ILE A 59  ? O ILE A 60  
A 2 3 N ILE A 60  ? N ILE A 61  O LEU A 75  ? O LEU A 76  
A 3 4 N ILE A 83  ? N ILE A 84  O LYS A 112 ? O LYS A 113 
A 4 5 N TYR A 115 ? N TYR A 116 O LYS A 123 ? O LYS A 124 
B 1 2 N MET A 89  ? N MET A 90  O ARG A 107 ? O ARG A 108 
# 
loop_
_struct_site.id 
_struct_site.pdbx_evidence_code 
_struct_site.pdbx_auth_asym_id 
_struct_site.pdbx_auth_comp_id 
_struct_site.pdbx_auth_seq_id 
_struct_site.pdbx_auth_ins_code 
_struct_site.pdbx_num_residues 
_struct_site.details 
AC1 Software A CO  300 ? 5  'BINDING SITE FOR RESIDUE CO A 300'  
AC2 Software A Y12 200 ? 15 'BINDING SITE FOR RESIDUE Y12 A 200' 
# 
loop_
_struct_site_gen.id 
_struct_site_gen.site_id 
_struct_site_gen.pdbx_num_res 
_struct_site_gen.label_comp_id 
_struct_site_gen.label_asym_id 
_struct_site_gen.label_seq_id 
_struct_site_gen.pdbx_auth_ins_code 
_struct_site_gen.auth_comp_id 
_struct_site_gen.auth_asym_id 
_struct_site_gen.auth_seq_id 
_struct_site_gen.label_atom_id 
_struct_site_gen.label_alt_id 
_struct_site_gen.symmetry 
_struct_site_gen.details 
1  AC1 5  GLN A 50  ? GLN A 51  . ? 1_555 ? 
2  AC1 5  CYS A 95  ? CYS A 96  . ? 1_555 ? 
3  AC1 5  HIS A 137 ? HIS A 138 . ? 1_555 ? 
4  AC1 5  HIS A 141 ? HIS A 142 . ? 1_555 ? 
5  AC1 5  HOH D .   ? HOH A 424 . ? 1_555 ? 
6  AC2 15 SER A 41  ? SER A 42  . ? 1_555 ? 
7  AC2 15 GLY A 43  ? GLY A 44  . ? 1_555 ? 
8  AC2 15 ILE A 44  ? ILE A 45  . ? 1_555 ? 
9  AC2 15 GLY A 45  ? GLY A 46  . ? 1_555 ? 
10 AC2 15 TYR A 91  ? TYR A 92  . ? 1_555 ? 
11 AC2 15 GLU A 93  ? GLU A 94  . ? 1_555 ? 
12 AC2 15 GLY A 94  ? GLY A 95  . ? 1_555 ? 
13 AC2 15 CYS A 95  ? CYS A 96  . ? 1_555 ? 
14 AC2 15 LEU A 96  ? LEU A 97  . ? 1_555 ? 
15 AC2 15 PRO A 99  ? PRO A 100 . ? 1_555 ? 
16 AC2 15 GLY A 100 ? GLY A 101 . ? 1_555 ? 
17 AC2 15 TYR A 102 ? TYR A 103 . ? 1_555 ? 
18 AC2 15 LEU A 130 ? LEU A 131 . ? 1_555 ? 
19 AC2 15 HIS A 137 ? HIS A 138 . ? 1_555 ? 
20 AC2 15 GLU A 138 ? GLU A 139 . ? 1_555 ? 
# 
_atom_sites.entry_id                    2EW5 
_atom_sites.fract_transf_matrix[1][1]   -0.01364120 
_atom_sites.fract_transf_matrix[1][2]   -0.00490712 
_atom_sites.fract_transf_matrix[1][3]   -0.01880340 
_atom_sites.fract_transf_matrix[2][1]   0.00012396 
_atom_sites.fract_transf_matrix[2][2]   -0.01828858 
_atom_sites.fract_transf_matrix[2][3]   0.00468284 
_atom_sites.fract_transf_matrix[3][1]   -0.00887121 
_atom_sites.fract_transf_matrix[3][2]   0.00148831 
_atom_sites.fract_transf_matrix[3][3]   0.00604735 
_atom_sites.fract_transf_vector[1]      -1.940055 
_atom_sites.fract_transf_vector[2]      -1.197922 
_atom_sites.fract_transf_vector[3]      0.646841 
# 
loop_
_atom_type.symbol 
C  
CO 
N  
O  
S  
# 
loop_
_atom_site.group_PDB 
_atom_site.id 
_atom_site.type_symbol 
_atom_site.label_atom_id 
_atom_site.label_alt_id 
_atom_site.label_comp_id 
_atom_site.label_asym_id 
_atom_site.label_entity_id 
_atom_site.label_seq_id 
_atom_site.pdbx_PDB_ins_code 
_atom_site.Cartn_x 
_atom_site.Cartn_y 
_atom_site.Cartn_z 
_atom_site.occupancy 
_atom_site.B_iso_or_equiv 
_atom_site.pdbx_formal_charge 
_atom_site.auth_seq_id 
_atom_site.auth_comp_id 
_atom_site.auth_asym_id 
_atom_site.auth_atom_id 
_atom_site.pdbx_PDB_model_num 
ATOM   1    N  N   . ALA A 1 1   ? 16.333  6.518   7.992   1.00 15.12 ? 2   ALA A N   1 
ATOM   2    C  CA  . ALA A 1 1   ? 17.233  5.407   7.560   1.00 14.17 ? 2   ALA A CA  1 
ATOM   3    C  C   . ALA A 1 1   ? 16.479  4.480   6.616   1.00 15.26 ? 2   ALA A C   1 
ATOM   4    O  O   . ALA A 1 1   ? 15.254  4.387   6.678   1.00 16.95 ? 2   ALA A O   1 
ATOM   5    C  CB  . ALA A 1 1   ? 17.715  4.624   8.779   1.00 12.76 ? 2   ALA A CB  1 
ATOM   6    N  N   . LEU A 1 2   ? 17.208  3.804   5.736   1.00 14.77 ? 3   LEU A N   1 
ATOM   7    C  CA  . LEU A 1 2   ? 16.592  2.871   4.804   1.00 15.40 ? 3   LEU A CA  1 
ATOM   8    C  C   . LEU A 1 2   ? 16.206  1.598   5.549   1.00 15.49 ? 3   LEU A C   1 
ATOM   9    O  O   . LEU A 1 2   ? 16.906  1.167   6.460   1.00 15.75 ? 3   LEU A O   1 
ATOM   10   C  CB  . LEU A 1 2   ? 17.558  2.511   3.670   1.00 15.54 ? 3   LEU A CB  1 
ATOM   11   C  CG  . LEU A 1 2   ? 17.686  3.448   2.471   1.00 17.85 ? 3   LEU A CG  1 
ATOM   12   C  CD1 . LEU A 1 2   ? 18.665  2.850   1.463   1.00 19.09 ? 3   LEU A CD1 1 
ATOM   13   C  CD2 . LEU A 1 2   ? 16.323  3.635   1.825   1.00 16.35 ? 3   LEU A CD2 1 
ATOM   14   N  N   . LEU A 1 3   ? 15.086  1.001   5.163   1.00 15.18 ? 4   LEU A N   1 
ATOM   15   C  CA  . LEU A 1 3   ? 14.639  -0.233  5.793   1.00 14.21 ? 4   LEU A CA  1 
ATOM   16   C  C   . LEU A 1 3   ? 14.572  -1.316  4.735   1.00 14.53 ? 4   LEU A C   1 
ATOM   17   O  O   . LEU A 1 3   ? 14.306  -1.038  3.569   1.00 12.96 ? 4   LEU A O   1 
ATOM   18   C  CB  . LEU A 1 3   ? 13.256  -0.053  6.418   1.00 14.22 ? 4   LEU A CB  1 
ATOM   19   C  CG  . LEU A 1 3   ? 13.132  1.013   7.503   1.00 14.81 ? 4   LEU A CG  1 
ATOM   20   C  CD1 . LEU A 1 3   ? 11.686  1.064   7.990   1.00 15.47 ? 4   LEU A CD1 1 
ATOM   21   C  CD2 . LEU A 1 3   ? 14.077  0.692   8.652   1.00 15.01 ? 4   LEU A CD2 1 
ATOM   22   N  N   . GLU A 1 4   ? 14.817  -2.553  5.143   1.00 14.78 ? 5   GLU A N   1 
ATOM   23   C  CA  . GLU A 1 4   ? 14.764  -3.668  4.219   1.00 15.58 ? 5   GLU A CA  1 
ATOM   24   C  C   . GLU A 1 4   ? 13.329  -3.902  3.751   1.00 16.04 ? 5   GLU A C   1 
ATOM   25   O  O   . GLU A 1 4   ? 12.399  -3.929  4.560   1.00 15.02 ? 5   GLU A O   1 
ATOM   26   C  CB  . GLU A 1 4   ? 15.294  -4.934  4.895   1.00 18.12 ? 5   GLU A CB  1 
ATOM   27   C  CG  . GLU A 1 4   ? 15.038  -6.207  4.098   1.00 24.34 ? 5   GLU A CG  1 
ATOM   28   C  CD  . GLU A 1 4   ? 15.704  -7.431  4.704   1.00 28.91 ? 5   GLU A CD  1 
ATOM   29   O  OE1 . GLU A 1 4   ? 15.465  -7.720  5.896   1.00 31.84 ? 5   GLU A OE1 1 
ATOM   30   O  OE2 . GLU A 1 4   ? 16.469  -8.107  3.984   1.00 32.25 ? 5   GLU A OE2 1 
ATOM   31   N  N   . ILE A 1 5   ? 13.148  -4.058  2.445   1.00 15.02 ? 6   ILE A N   1 
ATOM   32   C  CA  . ILE A 1 5   ? 11.821  -4.324  1.907   1.00 15.99 ? 6   ILE A CA  1 
ATOM   33   C  C   . ILE A 1 5   ? 11.631  -5.838  1.889   1.00 15.43 ? 6   ILE A C   1 
ATOM   34   O  O   . ILE A 1 5   ? 12.506  -6.568  1.429   1.00 15.25 ? 6   ILE A O   1 
ATOM   35   C  CB  . ILE A 1 5   ? 11.674  -3.820  0.462   1.00 17.08 ? 6   ILE A CB  1 
ATOM   36   C  CG1 . ILE A 1 5   ? 11.832  -2.297  0.411   1.00 20.16 ? 6   ILE A CG1 1 
ATOM   37   C  CG2 . ILE A 1 5   ? 10.321  -4.250  -0.091  1.00 16.09 ? 6   ILE A CG2 1 
ATOM   38   C  CD1 . ILE A 1 5   ? 10.691  -1.542  1.044   1.00 23.95 ? 6   ILE A CD1 1 
ATOM   39   N  N   . ILE A 1 6   ? 10.492  -6.305  2.387   1.00 15.58 ? 7   ILE A N   1 
ATOM   40   C  CA  . ILE A 1 6   ? 10.196  -7.735  2.413   1.00 15.03 ? 7   ILE A CA  1 
ATOM   41   C  C   . ILE A 1 6   ? 9.547   -8.121  1.088   1.00 14.87 ? 7   ILE A C   1 
ATOM   42   O  O   . ILE A 1 6   ? 8.613   -7.460  0.637   1.00 14.08 ? 7   ILE A O   1 
ATOM   43   C  CB  . ILE A 1 6   ? 9.230   -8.080  3.565   1.00 17.09 ? 7   ILE A CB  1 
ATOM   44   C  CG1 . ILE A 1 6   ? 9.827   -7.633  4.906   1.00 17.31 ? 7   ILE A CG1 1 
ATOM   45   C  CG2 . ILE A 1 6   ? 8.929   -9.569  3.570   1.00 15.87 ? 7   ILE A CG2 1 
ATOM   46   C  CD1 . ILE A 1 6   ? 11.193  -8.205  5.198   1.00 20.32 ? 7   ILE A CD1 1 
ATOM   47   N  N   . HIS A 1 7   ? 10.044  -9.190  0.470   1.00 15.02 ? 8   HIS A N   1 
ATOM   48   C  CA  . HIS A 1 7   ? 9.519   -9.653  -0.813  1.00 15.76 ? 8   HIS A CA  1 
ATOM   49   C  C   . HIS A 1 7   ? 8.735   -10.961 -0.733  1.00 15.60 ? 8   HIS A C   1 
ATOM   50   O  O   . HIS A 1 7   ? 8.974   -11.798 0.140   1.00 14.40 ? 8   HIS A O   1 
ATOM   51   C  CB  . HIS A 1 7   ? 10.663  -9.873  -1.814  1.00 17.40 ? 8   HIS A CB  1 
ATOM   52   C  CG  . HIS A 1 7   ? 11.563  -8.693  -1.990  1.00 18.52 ? 8   HIS A CG  1 
ATOM   53   N  ND1 . HIS A 1 7   ? 11.133  -7.499  -2.525  1.00 20.98 ? 8   HIS A ND1 1 
ATOM   54   C  CD2 . HIS A 1 7   ? 12.878  -8.527  -1.710  1.00 21.42 ? 8   HIS A CD2 1 
ATOM   55   C  CE1 . HIS A 1 7   ? 12.143  -6.648  -2.567  1.00 18.97 ? 8   HIS A CE1 1 
ATOM   56   N  NE2 . HIS A 1 7   ? 13.213  -7.246  -2.079  1.00 20.97 ? 8   HIS A NE2 1 
ATOM   57   N  N   . TYR A 1 8   ? 7.799   -11.121 -1.663  1.00 14.70 ? 9   TYR A N   1 
ATOM   58   C  CA  . TYR A 1 8   ? 7.011   -12.345 -1.790  1.00 15.17 ? 9   TYR A CA  1 
ATOM   59   C  C   . TYR A 1 8   ? 8.079   -13.407 -2.097  1.00 15.98 ? 9   TYR A C   1 
ATOM   60   O  O   . TYR A 1 8   ? 9.082   -13.098 -2.733  1.00 15.02 ? 9   TYR A O   1 
ATOM   61   C  CB  . TYR A 1 8   ? 6.056   -12.195 -2.982  1.00 16.07 ? 9   TYR A CB  1 
ATOM   62   C  CG  . TYR A 1 8   ? 5.395   -13.470 -3.473  1.00 17.35 ? 9   TYR A CG  1 
ATOM   63   C  CD1 . TYR A 1 8   ? 4.144   -13.862 -2.999  1.00 18.91 ? 9   TYR A CD1 1 
ATOM   64   C  CD2 . TYR A 1 8   ? 6.014   -14.271 -4.429  1.00 18.85 ? 9   TYR A CD2 1 
ATOM   65   C  CE1 . TYR A 1 8   ? 3.524   -15.021 -3.472  1.00 19.50 ? 9   TYR A CE1 1 
ATOM   66   C  CE2 . TYR A 1 8   ? 5.406   -15.428 -4.904  1.00 18.60 ? 9   TYR A CE2 1 
ATOM   67   C  CZ  . TYR A 1 8   ? 4.165   -15.795 -4.423  1.00 19.87 ? 9   TYR A CZ  1 
ATOM   68   O  OH  . TYR A 1 8   ? 3.569   -16.939 -4.892  1.00 21.90 ? 9   TYR A OH  1 
ATOM   69   N  N   . PRO A 1 9   ? 7.869   -14.671 -1.690  1.00 16.73 ? 10  PRO A N   1 
ATOM   70   C  CA  . PRO A 1 9   ? 6.738   -15.262 -0.971  1.00 15.39 ? 10  PRO A CA  1 
ATOM   71   C  C   . PRO A 1 9   ? 6.870   -15.282 0.554   1.00 15.34 ? 10  PRO A C   1 
ATOM   72   O  O   . PRO A 1 9   ? 6.284   -16.139 1.209   1.00 16.18 ? 10  PRO A O   1 
ATOM   73   C  CB  . PRO A 1 9   ? 6.698   -16.669 -1.537  1.00 16.91 ? 10  PRO A CB  1 
ATOM   74   C  CG  . PRO A 1 9   ? 8.174   -17.012 -1.572  1.00 15.10 ? 10  PRO A CG  1 
ATOM   75   C  CD  . PRO A 1 9   ? 8.815   -15.724 -2.116  1.00 16.13 ? 10  PRO A CD  1 
ATOM   76   N  N   . SER A 1 10  ? 7.631   -14.355 1.120   1.00 15.95 ? 11  SER A N   1 
ATOM   77   C  CA  . SER A 1 10  ? 7.798   -14.323 2.570   1.00 16.57 ? 11  SER A CA  1 
ATOM   78   C  C   . SER A 1 10  ? 6.462   -14.439 3.291   1.00 18.03 ? 11  SER A C   1 
ATOM   79   O  O   . SER A 1 10  ? 5.493   -13.763 2.947   1.00 16.11 ? 11  SER A O   1 
ATOM   80   C  CB  . SER A 1 10  ? 8.490   -13.035 3.010   1.00 17.70 ? 11  SER A CB  1 
ATOM   81   O  OG  . SER A 1 10  ? 8.456   -12.911 4.424   1.00 18.36 ? 11  SER A OG  1 
ATOM   82   N  N   . LYS A 1 11  ? 6.421   -15.299 4.300   1.00 18.32 ? 12  LYS A N   1 
ATOM   83   C  CA  . LYS A 1 11  ? 5.212   -15.512 5.080   1.00 18.96 ? 12  LYS A CA  1 
ATOM   84   C  C   . LYS A 1 11  ? 4.896   -14.277 5.931   1.00 17.60 ? 12  LYS A C   1 
ATOM   85   O  O   . LYS A 1 11  ? 3.776   -14.111 6.415   1.00 17.95 ? 12  LYS A O   1 
ATOM   86   C  CB  . LYS A 1 11  ? 5.388   -16.748 5.969   1.00 23.09 ? 12  LYS A CB  1 
ATOM   87   C  CG  . LYS A 1 11  ? 4.117   -17.230 6.641   1.00 27.74 ? 12  LYS A CG  1 
ATOM   88   C  CD  . LYS A 1 11  ? 4.368   -18.508 7.432   1.00 32.91 ? 12  LYS A CD  1 
ATOM   89   C  CE  . LYS A 1 11  ? 4.682   -19.698 6.525   1.00 34.49 ? 12  LYS A CE  1 
ATOM   90   N  NZ  . LYS A 1 11  ? 3.499   -20.137 5.727   1.00 36.46 ? 12  LYS A NZ  1 
ATOM   91   N  N   . ILE A 1 12  ? 5.888   -13.410 6.112   1.00 15.37 ? 13  ILE A N   1 
ATOM   92   C  CA  . ILE A 1 12  ? 5.701   -12.188 6.891   1.00 13.05 ? 13  ILE A CA  1 
ATOM   93   C  C   . ILE A 1 12  ? 4.617   -11.304 6.267   1.00 11.77 ? 13  ILE A C   1 
ATOM   94   O  O   . ILE A 1 12  ? 3.890   -10.604 6.972   1.00 10.35 ? 13  ILE A O   1 
ATOM   95   C  CB  . ILE A 1 12  ? 7.008   -11.370 6.976   1.00 12.88 ? 13  ILE A CB  1 
ATOM   96   C  CG1 . ILE A 1 12  ? 8.072   -12.168 7.743   1.00 15.60 ? 13  ILE A CG1 1 
ATOM   97   C  CG2 . ILE A 1 12  ? 6.744   -10.023 7.656   1.00 12.19 ? 13  ILE A CG2 1 
ATOM   98   C  CD1 . ILE A 1 12  ? 9.403   -11.447 7.882   1.00 15.32 ? 13  ILE A CD1 1 
ATOM   99   N  N   . LEU A 1 13  ? 4.508   -11.351 4.945   1.00 11.65 ? 14  LEU A N   1 
ATOM   100  C  CA  . LEU A 1 13  ? 3.517   -10.545 4.233   1.00 11.99 ? 14  LEU A CA  1 
ATOM   101  C  C   . LEU A 1 13  ? 2.082   -11.038 4.439   1.00 11.01 ? 14  LEU A C   1 
ATOM   102  O  O   . LEU A 1 13  ? 1.134   -10.431 3.945   1.00 11.07 ? 14  LEU A O   1 
ATOM   103  C  CB  . LEU A 1 13  ? 3.857   -10.508 2.739   1.00 9.69  ? 14  LEU A CB  1 
ATOM   104  C  CG  . LEU A 1 13  ? 5.223   -9.893  2.397   1.00 10.78 ? 14  LEU A CG  1 
ATOM   105  C  CD1 . LEU A 1 13  ? 5.547   -10.138 0.940   1.00 11.50 ? 14  LEU A CD1 1 
ATOM   106  C  CD2 . LEU A 1 13  ? 5.213   -8.399  2.695   1.00 9.77  ? 14  LEU A CD2 1 
ATOM   107  N  N   . ARG A 1 14  ? 1.922   -12.137 5.168   1.00 9.59  ? 15  ARG A N   1 
ATOM   108  C  CA  . ARG A 1 14  ? 0.590   -12.667 5.430   1.00 8.57  ? 15  ARG A CA  1 
ATOM   109  C  C   . ARG A 1 14  ? 0.114   -12.259 6.821   1.00 10.09 ? 15  ARG A C   1 
ATOM   110  O  O   . ARG A 1 14  ? -0.980  -12.619 7.257   1.00 11.84 ? 15  ARG A O   1 
ATOM   111  C  CB  . ARG A 1 14  ? 0.591   -14.191 5.312   1.00 12.87 ? 15  ARG A CB  1 
ATOM   112  C  CG  . ARG A 1 14  ? 1.017   -14.708 3.946   1.00 12.61 ? 15  ARG A CG  1 
ATOM   113  C  CD  . ARG A 1 14  ? 0.236   -14.027 2.856   1.00 15.26 ? 15  ARG A CD  1 
ATOM   114  N  NE  . ARG A 1 14  ? 0.524   -14.552 1.525   1.00 14.72 ? 15  ARG A NE  1 
ATOM   115  C  CZ  . ARG A 1 14  ? -0.092  -14.126 0.429   1.00 14.55 ? 15  ARG A CZ  1 
ATOM   116  N  NH1 . ARG A 1 14  ? -1.009  -13.177 0.526   1.00 14.64 ? 15  ARG A NH1 1 
ATOM   117  N  NH2 . ARG A 1 14  ? 0.187   -14.653 -0.753  1.00 16.95 ? 15  ARG A NH2 1 
ATOM   118  N  N   . THR A 1 15  ? 0.945   -11.504 7.519   1.00 9.17  ? 16  THR A N   1 
ATOM   119  C  CA  . THR A 1 15  ? 0.611   -11.045 8.857   1.00 11.76 ? 16  THR A CA  1 
ATOM   120  C  C   . THR A 1 15  ? -0.579  -10.099 8.842   1.00 12.15 ? 16  THR A C   1 
ATOM   121  O  O   . THR A 1 15  ? -0.811  -9.394  7.865   1.00 14.55 ? 16  THR A O   1 
ATOM   122  C  CB  . THR A 1 15  ? 1.795   -10.285 9.490   1.00 11.91 ? 16  THR A CB  1 
ATOM   123  O  OG1 . THR A 1 15  ? 2.950   -11.132 9.524   1.00 12.32 ? 16  THR A OG1 1 
ATOM   124  C  CG2 . THR A 1 15  ? 1.454   -9.844  10.898  1.00 11.20 ? 16  THR A CG2 1 
ATOM   125  N  N   . ILE A 1 16  ? -1.347  -10.113 9.921   1.00 12.53 ? 17  ILE A N   1 
ATOM   126  C  CA  . ILE A 1 16  ? -2.469  -9.199  10.070  1.00 11.79 ? 17  ILE A CA  1 
ATOM   127  C  C   . ILE A 1 16  ? -1.905  -8.135  11.002  1.00 11.93 ? 17  ILE A C   1 
ATOM   128  O  O   . ILE A 1 16  ? -1.582  -8.429  12.155  1.00 12.07 ? 17  ILE A O   1 
ATOM   129  C  CB  . ILE A 1 16  ? -3.688  -9.871  10.743  1.00 12.96 ? 17  ILE A CB  1 
ATOM   130  C  CG1 . ILE A 1 16  ? -4.361  -10.838 9.758   1.00 12.57 ? 17  ILE A CG1 1 
ATOM   131  C  CG2 . ILE A 1 16  ? -4.676  -8.803  11.222  1.00 10.30 ? 17  ILE A CG2 1 
ATOM   132  C  CD1 . ILE A 1 16  ? -5.580  -11.553 10.320  1.00 14.59 ? 17  ILE A CD1 1 
ATOM   133  N  N   . SER A 1 17  ? -1.755  -6.913  10.508  1.00 10.16 ? 18  SER A N   1 
ATOM   134  C  CA  . SER A 1 17  ? -1.204  -5.842  11.337  1.00 10.53 ? 18  SER A CA  1 
ATOM   135  C  C   . SER A 1 17  ? -2.201  -5.366  12.384  1.00 10.78 ? 18  SER A C   1 
ATOM   136  O  O   . SER A 1 17  ? -3.412  -5.477  12.198  1.00 10.11 ? 18  SER A O   1 
ATOM   137  C  CB  . SER A 1 17  ? -0.757  -4.665  10.468  1.00 8.34  ? 18  SER A CB  1 
ATOM   138  O  OG  . SER A 1 17  ? 0.331   -5.036  9.646   1.00 12.39 ? 18  SER A OG  1 
ATOM   139  N  N   . LYS A 1 18  ? -1.671  -4.834  13.481  1.00 12.07 ? 19  LYS A N   1 
ATOM   140  C  CA  . LYS A 1 18  ? -2.477  -4.343  14.591  1.00 13.74 ? 19  LYS A CA  1 
ATOM   141  C  C   . LYS A 1 18  ? -2.662  -2.823  14.567  1.00 14.22 ? 19  LYS A C   1 
ATOM   142  O  O   . LYS A 1 18  ? -1.854  -2.093  13.986  1.00 13.48 ? 19  LYS A O   1 
ATOM   143  C  CB  . LYS A 1 18  ? -1.821  -4.740  15.914  1.00 16.40 ? 19  LYS A CB  1 
ATOM   144  C  CG  . LYS A 1 18  ? -1.520  -6.218  16.040  1.00 18.44 ? 19  LYS A CG  1 
ATOM   145  C  CD  . LYS A 1 18  ? -2.787  -7.053  15.908  1.00 23.91 ? 19  LYS A CD  1 
ATOM   146  C  CE  . LYS A 1 18  ? -2.488  -8.528  16.123  1.00 27.44 ? 19  LYS A CE  1 
ATOM   147  N  NZ  . LYS A 1 18  ? -1.772  -8.728  17.414  1.00 26.85 ? 19  LYS A NZ  1 
ATOM   148  N  N   . GLU A 1 19  ? -3.720  -2.353  15.215  1.00 13.15 ? 20  GLU A N   1 
ATOM   149  C  CA  . GLU A 1 19  ? -3.996  -0.925  15.274  1.00 15.11 ? 20  GLU A CA  1 
ATOM   150  C  C   . GLU A 1 19  ? -2.874  -0.198  15.990  1.00 14.84 ? 20  GLU A C   1 
ATOM   151  O  O   . GLU A 1 19  ? -2.257  -0.740  16.908  1.00 11.76 ? 20  GLU A O   1 
ATOM   152  C  CB  . GLU A 1 19  ? -5.282  -0.629  16.050  1.00 18.22 ? 20  GLU A CB  1 
ATOM   153  C  CG  . GLU A 1 19  ? -6.551  -1.245  15.518  1.00 27.10 ? 20  GLU A CG  1 
ATOM   154  C  CD  . GLU A 1 19  ? -7.784  -0.539  16.060  1.00 31.29 ? 20  GLU A CD  1 
ATOM   155  O  OE1 . GLU A 1 19  ? -7.819  -0.240  17.279  1.00 31.28 ? 20  GLU A OE1 1 
ATOM   156  O  OE2 . GLU A 1 19  ? -8.714  -0.284  15.264  1.00 33.65 ? 20  GLU A OE2 1 
ATOM   157  N  N   . VAL A 1 20  ? -2.625  1.034   15.571  1.00 13.93 ? 21  VAL A N   1 
ATOM   158  C  CA  . VAL A 1 20  ? -1.613  1.863   16.207  1.00 15.03 ? 21  VAL A CA  1 
ATOM   159  C  C   . VAL A 1 20  ? -2.325  2.535   17.377  1.00 15.68 ? 21  VAL A C   1 
ATOM   160  O  O   . VAL A 1 20  ? -3.450  3.014   17.225  1.00 15.17 ? 21  VAL A O   1 
ATOM   161  C  CB  . VAL A 1 20  ? -1.095  2.947   15.237  1.00 15.02 ? 21  VAL A CB  1 
ATOM   162  C  CG1 . VAL A 1 20  ? -0.303  3.994   15.998  1.00 14.22 ? 21  VAL A CG1 1 
ATOM   163  C  CG2 . VAL A 1 20  ? -0.234  2.304   14.162  1.00 14.17 ? 21  VAL A CG2 1 
ATOM   164  N  N   . VAL A 1 21  ? -1.686  2.565   18.543  1.00 16.84 ? 22  VAL A N   1 
ATOM   165  C  CA  . VAL A 1 21  ? -2.307  3.186   19.704  1.00 18.62 ? 22  VAL A CA  1 
ATOM   166  C  C   . VAL A 1 21  ? -1.506  4.368   20.249  1.00 19.95 ? 22  VAL A C   1 
ATOM   167  O  O   . VAL A 1 21  ? -2.073  5.261   20.880  1.00 21.82 ? 22  VAL A O   1 
ATOM   168  C  CB  . VAL A 1 21  ? -2.550  2.154   20.840  1.00 20.80 ? 22  VAL A CB  1 
ATOM   169  C  CG1 . VAL A 1 21  ? -1.230  1.633   21.381  1.00 21.48 ? 22  VAL A CG1 1 
ATOM   170  C  CG2 . VAL A 1 21  ? -3.360  2.799   21.952  1.00 24.30 ? 22  VAL A CG2 1 
ATOM   171  N  N   . SER A 1 22  ? -0.197  4.383   20.016  1.00 19.38 ? 23  SER A N   1 
ATOM   172  C  CA  . SER A 1 22  ? 0.621   5.501   20.484  1.00 19.66 ? 23  SER A CA  1 
ATOM   173  C  C   . SER A 1 22  ? 1.235   6.258   19.308  1.00 19.19 ? 23  SER A C   1 
ATOM   174  O  O   . SER A 1 22  ? 2.076   5.739   18.574  1.00 18.10 ? 23  SER A O   1 
ATOM   175  C  CB  . SER A 1 22  ? 1.721   5.017   21.441  1.00 20.79 ? 23  SER A CB  1 
ATOM   176  O  OG  . SER A 1 22  ? 2.594   4.101   20.810  1.00 25.95 ? 23  SER A OG  1 
ATOM   177  N  N   . PHE A 1 23  ? 0.784   7.492   19.124  1.00 18.51 ? 24  PHE A N   1 
ATOM   178  C  CA  . PHE A 1 23  ? 1.270   8.337   18.046  1.00 18.45 ? 24  PHE A CA  1 
ATOM   179  C  C   . PHE A 1 23  ? 2.372   9.194   18.658  1.00 19.20 ? 24  PHE A C   1 
ATOM   180  O  O   . PHE A 1 23  ? 2.133   10.322  19.075  1.00 20.36 ? 24  PHE A O   1 
ATOM   181  C  CB  . PHE A 1 23  ? 0.117   9.199   17.520  1.00 17.89 ? 24  PHE A CB  1 
ATOM   182  C  CG  . PHE A 1 23  ? -1.043  8.396   16.974  1.00 14.96 ? 24  PHE A CG  1 
ATOM   183  C  CD1 . PHE A 1 23  ? -1.266  8.313   15.603  1.00 14.73 ? 24  PHE A CD1 1 
ATOM   184  C  CD2 . PHE A 1 23  ? -1.902  7.710   17.831  1.00 14.25 ? 24  PHE A CD2 1 
ATOM   185  C  CE1 . PHE A 1 23  ? -2.323  7.557   15.093  1.00 12.40 ? 24  PHE A CE1 1 
ATOM   186  C  CE2 . PHE A 1 23  ? -2.960  6.952   17.332  1.00 11.84 ? 24  PHE A CE2 1 
ATOM   187  C  CZ  . PHE A 1 23  ? -3.170  6.876   15.960  1.00 12.21 ? 24  PHE A CZ  1 
ATOM   188  N  N   . ASP A 1 24  ? 3.578   8.637   18.711  1.00 18.72 ? 25  ASP A N   1 
ATOM   189  C  CA  . ASP A 1 24  ? 4.721   9.308   19.318  1.00 17.43 ? 25  ASP A CA  1 
ATOM   190  C  C   . ASP A 1 24  ? 5.904   9.504   18.366  1.00 17.96 ? 25  ASP A C   1 
ATOM   191  O  O   . ASP A 1 24  ? 5.809   9.218   17.174  1.00 17.13 ? 25  ASP A O   1 
ATOM   192  C  CB  . ASP A 1 24  ? 5.178   8.500   20.537  1.00 18.13 ? 25  ASP A CB  1 
ATOM   193  C  CG  . ASP A 1 24  ? 5.259   7.003   20.247  1.00 20.61 ? 25  ASP A CG  1 
ATOM   194  O  OD1 . ASP A 1 24  ? 5.726   6.631   19.148  1.00 19.24 ? 25  ASP A OD1 1 
ATOM   195  O  OD2 . ASP A 1 24  ? 4.864   6.194   21.118  1.00 21.43 ? 25  ASP A OD2 1 
ATOM   196  N  N   . ALA A 1 25  ? 7.019   9.991   18.907  1.00 15.66 ? 26  ALA A N   1 
ATOM   197  C  CA  . ALA A 1 25  ? 8.221   10.225  18.111  1.00 16.30 ? 26  ALA A CA  1 
ATOM   198  C  C   . ALA A 1 25  ? 8.718   8.938   17.455  1.00 15.93 ? 26  ALA A C   1 
ATOM   199  O  O   . ALA A 1 25  ? 9.271   8.968   16.359  1.00 17.63 ? 26  ALA A O   1 
ATOM   200  C  CB  . ALA A 1 25  ? 9.319   10.826  18.979  1.00 13.19 ? 26  ALA A CB  1 
ATOM   201  N  N   . LYS A 1 26  ? 8.521   7.809   18.128  1.00 16.23 ? 27  LYS A N   1 
ATOM   202  C  CA  . LYS A 1 26  ? 8.954   6.522   17.591  1.00 16.21 ? 27  LYS A CA  1 
ATOM   203  C  C   . LYS A 1 26  ? 8.157   6.188   16.332  1.00 15.41 ? 27  LYS A C   1 
ATOM   204  O  O   . LYS A 1 26  ? 8.718   5.753   15.332  1.00 13.95 ? 27  LYS A O   1 
ATOM   205  C  CB  . LYS A 1 26  ? 8.759   5.416   18.631  1.00 16.24 ? 27  LYS A CB  1 
ATOM   206  C  CG  . LYS A 1 26  ? 9.235   4.037   18.183  1.00 19.52 ? 27  LYS A CG  1 
ATOM   207  C  CD  . LYS A 1 26  ? 8.829   2.955   19.183  1.00 21.29 ? 27  LYS A CD  1 
ATOM   208  C  CE  . LYS A 1 26  ? 9.242   1.578   18.698  1.00 25.48 ? 27  LYS A CE  1 
ATOM   209  N  NZ  . LYS A 1 26  ? 8.774   0.491   19.608  1.00 29.50 ? 27  LYS A NZ  1 
ATOM   210  N  N   . LEU A 1 27  ? 6.844   6.401   16.392  1.00 13.68 ? 28  LEU A N   1 
ATOM   211  C  CA  . LEU A 1 27  ? 5.970   6.126   15.258  1.00 12.36 ? 28  LEU A CA  1 
ATOM   212  C  C   . LEU A 1 27  ? 6.322   7.056   14.094  1.00 13.16 ? 28  LEU A C   1 
ATOM   213  O  O   . LEU A 1 27  ? 6.335   6.642   12.934  1.00 12.09 ? 28  LEU A O   1 
ATOM   214  C  CB  . LEU A 1 27  ? 4.506   6.324   15.675  1.00 12.28 ? 28  LEU A CB  1 
ATOM   215  C  CG  . LEU A 1 27  ? 3.363   5.753   14.825  1.00 15.98 ? 28  LEU A CG  1 
ATOM   216  C  CD1 . LEU A 1 27  ? 3.220   6.533   13.547  1.00 19.77 ? 28  LEU A CD1 1 
ATOM   217  C  CD2 . LEU A 1 27  ? 3.612   4.282   14.538  1.00 12.89 ? 28  LEU A CD2 1 
ATOM   218  N  N   . HIS A 1 28  ? 6.630   8.312   14.412  1.00 12.25 ? 29  HIS A N   1 
ATOM   219  C  CA  . HIS A 1 28  ? 6.968   9.291   13.384  1.00 13.39 ? 29  HIS A CA  1 
ATOM   220  C  C   . HIS A 1 28  ? 8.268   8.945   12.644  1.00 13.94 ? 29  HIS A C   1 
ATOM   221  O  O   . HIS A 1 28  ? 8.387   9.173   11.433  1.00 11.85 ? 29  HIS A O   1 
ATOM   222  C  CB  . HIS A 1 28  ? 7.048   10.683  14.016  1.00 13.14 ? 29  HIS A CB  1 
ATOM   223  C  CG  . HIS A 1 28  ? 5.749   11.145  14.603  1.00 13.16 ? 29  HIS A CG  1 
ATOM   224  N  ND1 . HIS A 1 28  ? 5.639   12.285  15.370  1.00 14.61 ? 29  HIS A ND1 1 
ATOM   225  C  CD2 . HIS A 1 28  ? 4.506   10.607  14.551  1.00 13.27 ? 29  HIS A CD2 1 
ATOM   226  C  CE1 . HIS A 1 28  ? 4.387   12.428  15.768  1.00 13.39 ? 29  HIS A CE1 1 
ATOM   227  N  NE2 . HIS A 1 28  ? 3.679   11.422  15.285  1.00 14.71 ? 29  HIS A NE2 1 
ATOM   228  N  N   . GLN A 1 29  ? 9.232   8.381   13.366  1.00 13.28 ? 30  GLN A N   1 
ATOM   229  C  CA  . GLN A 1 29  ? 10.501  8.005   12.754  1.00 14.48 ? 30  GLN A CA  1 
ATOM   230  C  C   . GLN A 1 29  ? 10.295  6.803   11.834  1.00 14.23 ? 30  GLN A C   1 
ATOM   231  O  O   . GLN A 1 29  ? 10.933  6.697   10.786  1.00 13.86 ? 30  GLN A O   1 
ATOM   232  C  CB  . GLN A 1 29  ? 11.537  7.673   13.829  1.00 16.88 ? 30  GLN A CB  1 
ATOM   233  C  CG  . GLN A 1 29  ? 12.926  7.356   13.282  1.00 21.52 ? 30  GLN A CG  1 
ATOM   234  C  CD  . GLN A 1 29  ? 13.524  8.498   12.463  1.00 24.89 ? 30  GLN A CD  1 
ATOM   235  O  OE1 . GLN A 1 29  ? 13.619  9.635   12.931  1.00 26.32 ? 30  GLN A OE1 1 
ATOM   236  N  NE2 . GLN A 1 29  ? 13.936  8.193   11.236  1.00 22.88 ? 30  GLN A NE2 1 
ATOM   237  N  N   . GLN A 1 30  ? 9.401   5.898   12.223  1.00 12.85 ? 31  GLN A N   1 
ATOM   238  C  CA  . GLN A 1 30  ? 9.118   4.730   11.398  1.00 12.45 ? 31  GLN A CA  1 
ATOM   239  C  C   . GLN A 1 30  ? 8.488   5.207   10.089  1.00 12.07 ? 31  GLN A C   1 
ATOM   240  O  O   . GLN A 1 30  ? 8.793   4.693   9.012   1.00 11.35 ? 31  GLN A O   1 
ATOM   241  C  CB  . GLN A 1 30  ? 8.166   3.778   12.122  1.00 12.59 ? 31  GLN A CB  1 
ATOM   242  C  CG  . GLN A 1 30  ? 8.709   3.220   13.435  1.00 13.82 ? 31  GLN A CG  1 
ATOM   243  C  CD  . GLN A 1 30  ? 7.714   2.313   14.136  1.00 13.34 ? 31  GLN A CD  1 
ATOM   244  O  OE1 . GLN A 1 30  ? 6.550   2.673   14.316  1.00 11.27 ? 31  GLN A OE1 1 
ATOM   245  N  NE2 . GLN A 1 30  ? 8.169   1.134   14.542  1.00 15.24 ? 31  GLN A NE2 1 
ATOM   246  N  N   . LEU A 1 31  ? 7.602   6.193   10.192  1.00 10.58 ? 32  LEU A N   1 
ATOM   247  C  CA  . LEU A 1 31  ? 6.943   6.753   9.021   1.00 11.11 ? 32  LEU A CA  1 
ATOM   248  C  C   . LEU A 1 31  ? 7.962   7.451   8.119   1.00 11.40 ? 32  LEU A C   1 
ATOM   249  O  O   . LEU A 1 31  ? 7.871   7.373   6.895   1.00 10.44 ? 32  LEU A O   1 
ATOM   250  C  CB  . LEU A 1 31  ? 5.849   7.739   9.450   1.00 8.74  ? 32  LEU A CB  1 
ATOM   251  C  CG  . LEU A 1 31  ? 4.599   7.098   10.069  1.00 11.07 ? 32  LEU A CG  1 
ATOM   252  C  CD1 . LEU A 1 31  ? 3.718   8.162   10.695  1.00 11.71 ? 32  LEU A CD1 1 
ATOM   253  C  CD2 . LEU A 1 31  ? 3.833   6.330   8.990   1.00 10.13 ? 32  LEU A CD2 1 
ATOM   254  N  N   . ASP A 1 32  ? 8.934   8.135   8.721   1.00 11.06 ? 33  ASP A N   1 
ATOM   255  C  CA  . ASP A 1 32  ? 9.950   8.814   7.926   1.00 12.02 ? 33  ASP A CA  1 
ATOM   256  C  C   . ASP A 1 32  ? 10.834  7.794   7.228   1.00 11.26 ? 33  ASP A C   1 
ATOM   257  O  O   . ASP A 1 32  ? 11.170  7.956   6.055   1.00 11.49 ? 33  ASP A O   1 
ATOM   258  C  CB  . ASP A 1 32  ? 10.810  9.733   8.795   1.00 13.23 ? 33  ASP A CB  1 
ATOM   259  C  CG  . ASP A 1 32  ? 10.013  10.867  9.391   1.00 14.36 ? 33  ASP A CG  1 
ATOM   260  O  OD1 . ASP A 1 32  ? 9.027   11.292  8.756   1.00 14.42 ? 33  ASP A OD1 1 
ATOM   261  O  OD2 . ASP A 1 32  ? 10.374  11.341  10.488  1.00 19.61 ? 33  ASP A OD2 1 
ATOM   262  N  N   . ASP A 1 33  ? 11.202  6.740   7.949   1.00 10.14 ? 34  ASP A N   1 
ATOM   263  C  CA  . ASP A 1 33  ? 12.031  5.697   7.366   1.00 10.08 ? 34  ASP A CA  1 
ATOM   264  C  C   . ASP A 1 33  ? 11.256  5.019   6.239   1.00 10.13 ? 34  ASP A C   1 
ATOM   265  O  O   . ASP A 1 33  ? 11.826  4.637   5.218   1.00 10.82 ? 34  ASP A O   1 
ATOM   266  C  CB  . ASP A 1 33  ? 12.414  4.665   8.426   1.00 9.50  ? 34  ASP A CB  1 
ATOM   267  C  CG  . ASP A 1 33  ? 13.441  5.191   9.415   1.00 10.01 ? 34  ASP A CG  1 
ATOM   268  O  OD1 . ASP A 1 33  ? 13.914  6.334   9.254   1.00 12.28 ? 34  ASP A OD1 1 
ATOM   269  O  OD2 . ASP A 1 33  ? 13.782  4.446   10.350  1.00 13.00 ? 34  ASP A OD2 1 
ATOM   270  N  N   . MET A 1 34  ? 9.950   4.868   6.428   1.00 8.57  ? 35  MET A N   1 
ATOM   271  C  CA  . MET A 1 34  ? 9.125   4.245   5.407   1.00 9.59  ? 35  MET A CA  1 
ATOM   272  C  C   . MET A 1 34  ? 9.143   5.101   4.148   1.00 10.09 ? 35  MET A C   1 
ATOM   273  O  O   . MET A 1 34  ? 9.327   4.583   3.053   1.00 9.91  ? 35  MET A O   1 
ATOM   274  C  CB  . MET A 1 34  ? 7.687   4.056   5.909   1.00 8.91  ? 35  MET A CB  1 
ATOM   275  C  CG  . MET A 1 34  ? 7.475   2.773   6.713   1.00 7.85  ? 35  MET A CG  1 
ATOM   276  S  SD  . MET A 1 34  ? 5.807   2.622   7.422   1.00 11.23 ? 35  MET A SD  1 
ATOM   277  C  CE  . MET A 1 34  ? 4.819   2.379   5.906   1.00 7.24  ? 35  MET A CE  1 
ATOM   278  N  N   . TYR A 1 35  ? 8.967   6.412   4.310   1.00 11.61 ? 36  TYR A N   1 
ATOM   279  C  CA  . TYR A 1 35  ? 8.969   7.318   3.165   1.00 12.28 ? 36  TYR A CA  1 
ATOM   280  C  C   . TYR A 1 35  ? 10.327  7.243   2.465   1.00 12.39 ? 36  TYR A C   1 
ATOM   281  O  O   . TYR A 1 35  ? 10.401  7.065   1.257   1.00 11.26 ? 36  TYR A O   1 
ATOM   282  C  CB  . TYR A 1 35  ? 8.702   8.765   3.608   1.00 13.21 ? 36  TYR A CB  1 
ATOM   283  C  CG  . TYR A 1 35  ? 8.504   9.706   2.439   1.00 13.50 ? 36  TYR A CG  1 
ATOM   284  C  CD1 . TYR A 1 35  ? 7.315   9.702   1.718   1.00 12.93 ? 36  TYR A CD1 1 
ATOM   285  C  CD2 . TYR A 1 35  ? 9.532   10.548  2.010   1.00 14.08 ? 36  TYR A CD2 1 
ATOM   286  C  CE1 . TYR A 1 35  ? 7.148   10.505  0.590   1.00 15.69 ? 36  TYR A CE1 1 
ATOM   287  C  CE2 . TYR A 1 35  ? 9.377   11.361  0.883   1.00 15.40 ? 36  TYR A CE2 1 
ATOM   288  C  CZ  . TYR A 1 35  ? 8.180   11.330  0.176   1.00 16.49 ? 36  TYR A CZ  1 
ATOM   289  O  OH  . TYR A 1 35  ? 8.015   12.105  -0.954  1.00 17.83 ? 36  TYR A OH  1 
ATOM   290  N  N   . GLU A 1 36  ? 11.399  7.380   3.239   1.00 13.15 ? 37  GLU A N   1 
ATOM   291  C  CA  . GLU A 1 36  ? 12.749  7.317   2.689   1.00 13.41 ? 37  GLU A CA  1 
ATOM   292  C  C   . GLU A 1 36  ? 12.942  5.989   1.938   1.00 12.79 ? 37  GLU A C   1 
ATOM   293  O  O   . GLU A 1 36  ? 13.533  5.950   0.860   1.00 12.14 ? 37  GLU A O   1 
ATOM   294  C  CB  . GLU A 1 36  ? 13.771  7.464   3.830   1.00 12.90 ? 37  GLU A CB  1 
ATOM   295  C  CG  . GLU A 1 36  ? 15.237  7.390   3.423   1.00 16.82 ? 37  GLU A CG  1 
ATOM   296  C  CD  . GLU A 1 36  ? 16.191  7.645   4.595   1.00 19.37 ? 37  GLU A CD  1 
ATOM   297  O  OE1 . GLU A 1 36  ? 17.383  7.267   4.499   1.00 15.49 ? 37  GLU A OE1 1 
ATOM   298  O  OE2 . GLU A 1 36  ? 15.749  8.228   5.611   1.00 21.58 ? 37  GLU A OE2 1 
ATOM   299  N  N   . THR A 1 37  ? 12.419  4.909   2.504   1.00 11.56 ? 38  THR A N   1 
ATOM   300  C  CA  . THR A 1 37  ? 12.543  3.594   1.888   1.00 11.74 ? 38  THR A CA  1 
ATOM   301  C  C   . THR A 1 37  ? 11.739  3.470   0.588   1.00 11.94 ? 38  THR A C   1 
ATOM   302  O  O   . THR A 1 37  ? 12.206  2.873   -0.390  1.00 10.85 ? 38  THR A O   1 
ATOM   303  C  CB  . THR A 1 37  ? 12.077  2.485   2.857   1.00 13.00 ? 38  THR A CB  1 
ATOM   304  O  OG1 . THR A 1 37  ? 12.909  2.482   4.028   1.00 12.89 ? 38  THR A OG1 1 
ATOM   305  C  CG2 . THR A 1 37  ? 12.140  1.128   2.175   1.00 9.78  ? 38  THR A CG2 1 
ATOM   306  N  N   . MET A 1 38  ? 10.529  4.026   0.586   1.00 10.06 ? 39  MET A N   1 
ATOM   307  C  CA  . MET A 1 38  ? 9.662   3.970   -0.588  1.00 11.89 ? 39  MET A CA  1 
ATOM   308  C  C   . MET A 1 38  ? 10.274  4.724   -1.770  1.00 11.34 ? 39  MET A C   1 
ATOM   309  O  O   . MET A 1 38  ? 10.320  4.214   -2.889  1.00 11.86 ? 39  MET A O   1 
ATOM   310  C  CB  . MET A 1 38  ? 8.288   4.568   -0.261  1.00 12.13 ? 39  MET A CB  1 
ATOM   311  C  CG  . MET A 1 38  ? 7.305   4.520   -1.420  1.00 11.36 ? 39  MET A CG  1 
ATOM   312  S  SD  . MET A 1 38  ? 5.671   5.134   -0.978  1.00 13.23 ? 39  MET A SD  1 
ATOM   313  C  CE  . MET A 1 38  ? 5.881   6.871   -1.318  1.00 11.28 ? 39  MET A CE  1 
ATOM   314  N  N   . ILE A 1 39  ? 10.728  5.943   -1.510  1.00 11.56 ? 40  ILE A N   1 
ATOM   315  C  CA  . ILE A 1 39  ? 11.336  6.775   -2.543  1.00 13.20 ? 40  ILE A CA  1 
ATOM   316  C  C   . ILE A 1 39  ? 12.599  6.126   -3.105  1.00 14.01 ? 40  ILE A C   1 
ATOM   317  O  O   . ILE A 1 39  ? 12.756  6.016   -4.321  1.00 14.43 ? 40  ILE A O   1 
ATOM   318  C  CB  . ILE A 1 39  ? 11.670  8.178   -1.980  1.00 14.32 ? 40  ILE A CB  1 
ATOM   319  C  CG1 . ILE A 1 39  ? 10.371  8.897   -1.610  1.00 13.80 ? 40  ILE A CG1 1 
ATOM   320  C  CG2 . ILE A 1 39  ? 12.469  8.992   -2.991  1.00 14.94 ? 40  ILE A CG2 1 
ATOM   321  C  CD1 . ILE A 1 39  ? 9.382   9.016   -2.758  1.00 13.61 ? 40  ILE A CD1 1 
ATOM   322  N  N   . ALA A 1 40  ? 13.492  5.689   -2.222  1.00 14.06 ? 41  ALA A N   1 
ATOM   323  C  CA  . ALA A 1 40  ? 14.728  5.044   -2.657  1.00 14.28 ? 41  ALA A CA  1 
ATOM   324  C  C   . ALA A 1 40  ? 14.438  3.891   -3.622  1.00 14.48 ? 41  ALA A C   1 
ATOM   325  O  O   . ALA A 1 40  ? 15.214  3.639   -4.539  1.00 13.96 ? 41  ALA A O   1 
ATOM   326  C  CB  . ALA A 1 40  ? 15.513  4.535   -1.448  1.00 13.70 ? 41  ALA A CB  1 
ATOM   327  N  N   . SER A 1 41  ? 13.324  3.188   -3.420  1.00 14.46 ? 42  SER A N   1 
ATOM   328  C  CA  . SER A 1 41  ? 12.974  2.088   -4.316  1.00 15.72 ? 42  SER A CA  1 
ATOM   329  C  C   . SER A 1 41  ? 11.969  2.513   -5.388  1.00 16.24 ? 42  SER A C   1 
ATOM   330  O  O   . SER A 1 41  ? 11.407  1.684   -6.098  1.00 15.63 ? 42  SER A O   1 
ATOM   331  C  CB  . SER A 1 41  ? 12.439  0.898   -3.525  1.00 14.89 ? 42  SER A CB  1 
ATOM   332  O  OG  . SER A 1 41  ? 13.505  0.225   -2.873  1.00 19.74 ? 42  SER A OG  1 
ATOM   333  N  N   . GLU A 1 42  ? 11.753  3.818   -5.490  1.00 17.24 ? 43  GLU A N   1 
ATOM   334  C  CA  . GLU A 1 42  ? 10.851  4.384   -6.484  1.00 18.62 ? 43  GLU A CA  1 
ATOM   335  C  C   . GLU A 1 42  ? 9.443   3.792   -6.491  1.00 18.11 ? 43  GLU A C   1 
ATOM   336  O  O   . GLU A 1 42  ? 8.931   3.370   -7.531  1.00 17.75 ? 43  GLU A O   1 
ATOM   337  C  CB  . GLU A 1 42  ? 11.496  4.265   -7.865  1.00 20.73 ? 43  GLU A CB  1 
ATOM   338  C  CG  . GLU A 1 42  ? 12.814  5.037   -7.962  1.00 26.09 ? 43  GLU A CG  1 
ATOM   339  C  CD  . GLU A 1 42  ? 13.589  4.751   -9.232  1.00 28.14 ? 43  GLU A CD  1 
ATOM   340  O  OE1 . GLU A 1 42  ? 12.999  4.848   -10.329 1.00 32.31 ? 43  GLU A OE1 1 
ATOM   341  O  OE2 . GLU A 1 42  ? 14.795  4.439   -9.132  1.00 31.53 ? 43  GLU A OE2 1 
ATOM   342  N  N   . GLY A 1 43  ? 8.823   3.761   -5.316  1.00 15.54 ? 44  GLY A N   1 
ATOM   343  C  CA  . GLY A 1 43  ? 7.473   3.255   -5.211  1.00 14.20 ? 44  GLY A CA  1 
ATOM   344  C  C   . GLY A 1 43  ? 6.545   4.429   -4.951  1.00 14.25 ? 44  GLY A C   1 
ATOM   345  O  O   . GLY A 1 43  ? 7.002   5.548   -4.720  1.00 12.72 ? 44  GLY A O   1 
ATOM   346  N  N   . ILE A 1 44  ? 5.241   4.194   -5.005  1.00 13.87 ? 45  ILE A N   1 
ATOM   347  C  CA  . ILE A 1 44  ? 4.305   5.269   -4.752  1.00 13.58 ? 45  ILE A CA  1 
ATOM   348  C  C   . ILE A 1 44  ? 3.411   4.924   -3.564  1.00 13.22 ? 45  ILE A C   1 
ATOM   349  O  O   . ILE A 1 44  ? 2.612   5.743   -3.118  1.00 13.51 ? 45  ILE A O   1 
ATOM   350  C  CB  . ILE A 1 44  ? 3.463   5.582   -6.007  1.00 13.84 ? 45  ILE A CB  1 
ATOM   351  C  CG1 . ILE A 1 44  ? 2.572   4.403   -6.371  1.00 17.56 ? 45  ILE A CG1 1 
ATOM   352  C  CG2 . ILE A 1 44  ? 4.385   5.894   -7.176  1.00 15.88 ? 45  ILE A CG2 1 
ATOM   353  C  CD1 . ILE A 1 44  ? 1.747   4.662   -7.627  1.00 19.41 ? 45  ILE A CD1 1 
ATOM   354  N  N   . GLY A 1 45  ? 3.573   3.706   -3.054  1.00 12.40 ? 46  GLY A N   1 
ATOM   355  C  CA  . GLY A 1 45  ? 2.808   3.245   -1.908  1.00 12.18 ? 46  GLY A CA  1 
ATOM   356  C  C   . GLY A 1 45  ? 3.634   2.254   -1.096  1.00 12.78 ? 46  GLY A C   1 
ATOM   357  O  O   . GLY A 1 45  ? 4.453   1.525   -1.652  1.00 11.91 ? 46  GLY A O   1 
ATOM   358  N  N   . LEU A 1 46  ? 3.435   2.229   0.217   1.00 11.50 ? 47  LEU A N   1 
ATOM   359  C  CA  . LEU A 1 46  ? 4.170   1.304   1.078   1.00 12.09 ? 47  LEU A CA  1 
ATOM   360  C  C   . LEU A 1 46  ? 3.435   1.084   2.399   1.00 11.46 ? 47  LEU A C   1 
ATOM   361  O  O   . LEU A 1 46  ? 3.063   2.040   3.079   1.00 11.43 ? 47  LEU A O   1 
ATOM   362  C  CB  . LEU A 1 46  ? 5.577   1.840   1.378   1.00 10.20 ? 47  LEU A CB  1 
ATOM   363  C  CG  . LEU A 1 46  ? 6.503   0.887   2.145   1.00 10.94 ? 47  LEU A CG  1 
ATOM   364  C  CD1 . LEU A 1 46  ? 6.892   -0.268  1.237   1.00 11.27 ? 47  LEU A CD1 1 
ATOM   365  C  CD2 . LEU A 1 46  ? 7.762   1.621   2.611   1.00 10.09 ? 47  LEU A CD2 1 
ATOM   366  N  N   . ALA A 1 47  ? 3.233   -0.182  2.753   1.00 10.98 ? 48  ALA A N   1 
ATOM   367  C  CA  . ALA A 1 47  ? 2.559   -0.542  3.994   1.00 9.33  ? 48  ALA A CA  1 
ATOM   368  C  C   . ALA A 1 47  ? 3.618   -0.933  5.021   1.00 9.71  ? 48  ALA A C   1 
ATOM   369  O  O   . ALA A 1 47  ? 4.690   -1.416  4.662   1.00 9.93  ? 48  ALA A O   1 
ATOM   370  C  CB  . ALA A 1 47  ? 1.605   -1.704  3.750   1.00 7.39  ? 48  ALA A CB  1 
ATOM   371  N  N   . ALA A 1 48  ? 3.318   -0.734  6.297   1.00 10.38 ? 49  ALA A N   1 
ATOM   372  C  CA  . ALA A 1 48  ? 4.274   -1.057  7.345   1.00 9.75  ? 49  ALA A CA  1 
ATOM   373  C  C   . ALA A 1 48  ? 4.828   -2.495  7.301   1.00 9.98  ? 49  ALA A C   1 
ATOM   374  O  O   . ALA A 1 48  ? 6.026   -2.682  7.473   1.00 8.05  ? 49  ALA A O   1 
ATOM   375  C  CB  . ALA A 1 48  ? 3.668   -0.759  8.705   1.00 8.44  ? 49  ALA A CB  1 
ATOM   376  N  N   . ILE A 1 49  ? 3.990   -3.506  7.055   1.00 11.54 ? 50  ILE A N   1 
ATOM   377  C  CA  . ILE A 1 49  ? 4.515   -4.876  7.015   1.00 12.10 ? 50  ILE A CA  1 
ATOM   378  C  C   . ILE A 1 49  ? 5.532   -5.112  5.907   1.00 10.82 ? 50  ILE A C   1 
ATOM   379  O  O   . ILE A 1 49  ? 6.310   -6.057  5.984   1.00 10.10 ? 50  ILE A O   1 
ATOM   380  C  CB  . ILE A 1 49  ? 3.417   -5.966  6.863   1.00 14.37 ? 50  ILE A CB  1 
ATOM   381  C  CG1 . ILE A 1 49  ? 2.171   -5.379  6.217   1.00 16.76 ? 50  ILE A CG1 1 
ATOM   382  C  CG2 . ILE A 1 49  ? 3.160   -6.631  8.197   1.00 19.54 ? 50  ILE A CG2 1 
ATOM   383  C  CD1 . ILE A 1 49  ? 2.358   -5.036  4.760   1.00 18.03 ? 50  ILE A CD1 1 
ATOM   384  N  N   . GLN A 1 50  ? 5.525   -4.270  4.879   1.00 8.68  ? 51  GLN A N   1 
ATOM   385  C  CA  . GLN A 1 50  ? 6.485   -4.424  3.792   1.00 8.87  ? 51  GLN A CA  1 
ATOM   386  C  C   . GLN A 1 50  ? 7.906   -4.137  4.279   1.00 10.83 ? 51  GLN A C   1 
ATOM   387  O  O   . GLN A 1 50  ? 8.878   -4.404  3.571   1.00 10.17 ? 51  GLN A O   1 
ATOM   388  C  CB  . GLN A 1 50  ? 6.123   -3.517  2.613   1.00 7.27  ? 51  GLN A CB  1 
ATOM   389  C  CG  . GLN A 1 50  ? 4.944   -4.034  1.796   1.00 6.25  ? 51  GLN A CG  1 
ATOM   390  C  CD  . GLN A 1 50  ? 4.590   -3.121  0.629   1.00 10.07 ? 51  GLN A CD  1 
ATOM   391  O  OE1 . GLN A 1 50  ? 3.920   -2.097  0.801   1.00 8.66  ? 51  GLN A OE1 1 
ATOM   392  N  NE2 . GLN A 1 50  ? 5.048   -3.486  -0.566  1.00 8.29  ? 51  GLN A NE2 1 
ATOM   393  N  N   . VAL A 1 51  ? 8.024   -3.581  5.484   1.00 10.79 ? 52  VAL A N   1 
ATOM   394  C  CA  . VAL A 1 51  ? 9.339   -3.321  6.060   1.00 12.24 ? 52  VAL A CA  1 
ATOM   395  C  C   . VAL A 1 51  ? 9.439   -3.987  7.425   1.00 13.44 ? 52  VAL A C   1 
ATOM   396  O  O   . VAL A 1 51  ? 10.235  -3.581  8.266   1.00 13.81 ? 52  VAL A O   1 
ATOM   397  C  CB  . VAL A 1 51  ? 9.658   -1.809  6.200   1.00 10.41 ? 52  VAL A CB  1 
ATOM   398  C  CG1 . VAL A 1 51  ? 9.754   -1.173  4.817   1.00 12.08 ? 52  VAL A CG1 1 
ATOM   399  C  CG2 . VAL A 1 51  ? 8.618   -1.116  7.064   1.00 8.80  ? 52  VAL A CG2 1 
ATOM   400  N  N   . GLY A 1 52  ? 8.602   -4.999  7.641   1.00 13.85 ? 53  GLY A N   1 
ATOM   401  C  CA  . GLY A 1 52  ? 8.637   -5.746  8.886   1.00 13.75 ? 53  GLY A CA  1 
ATOM   402  C  C   . GLY A 1 52  ? 7.856   -5.237  10.083  1.00 14.60 ? 53  GLY A C   1 
ATOM   403  O  O   . GLY A 1 52  ? 7.951   -5.826  11.154  1.00 13.27 ? 53  GLY A O   1 
ATOM   404  N  N   . LEU A 1 53  ? 7.084   -4.165  9.914   1.00 13.63 ? 54  LEU A N   1 
ATOM   405  C  CA  . LEU A 1 53  ? 6.308   -3.603  11.018  1.00 13.62 ? 54  LEU A CA  1 
ATOM   406  C  C   . LEU A 1 53  ? 4.818   -3.948  10.921  1.00 12.12 ? 54  LEU A C   1 
ATOM   407  O  O   . LEU A 1 53  ? 4.088   -3.388  10.100  1.00 10.07 ? 54  LEU A O   1 
ATOM   408  C  CB  . LEU A 1 53  ? 6.468   -2.080  11.059  1.00 16.66 ? 54  LEU A CB  1 
ATOM   409  C  CG  . LEU A 1 53  ? 7.873   -1.488  11.217  1.00 21.34 ? 54  LEU A CG  1 
ATOM   410  C  CD1 . LEU A 1 53  ? 7.754   0.029   11.315  1.00 19.82 ? 54  LEU A CD1 1 
ATOM   411  C  CD2 . LEU A 1 53  ? 8.561   -2.048  12.466  1.00 21.48 ? 54  LEU A CD2 1 
ATOM   412  N  N   . PRO A 1 54  ? 4.352   -4.882  11.762  1.00 10.73 ? 55  PRO A N   1 
ATOM   413  C  CA  . PRO A 1 54  ? 2.950   -5.301  11.774  1.00 11.05 ? 55  PRO A CA  1 
ATOM   414  C  C   . PRO A 1 54  ? 2.025   -4.243  12.381  1.00 11.36 ? 55  PRO A C   1 
ATOM   415  O  O   . PRO A 1 54  ? 1.332   -4.495  13.367  1.00 11.58 ? 55  PRO A O   1 
ATOM   416  C  CB  . PRO A 1 54  ? 2.985   -6.594  12.589  1.00 11.09 ? 55  PRO A CB  1 
ATOM   417  C  CG  . PRO A 1 54  ? 4.091   -6.328  13.581  1.00 11.09 ? 55  PRO A CG  1 
ATOM   418  C  CD  . PRO A 1 54  ? 5.154   -5.692  12.700  1.00 12.07 ? 55  PRO A CD  1 
ATOM   419  N  N   . LEU A 1 55  ? 2.024   -3.057  11.781  1.00 11.04 ? 56  LEU A N   1 
ATOM   420  C  CA  . LEU A 1 55  ? 1.193   -1.953  12.246  1.00 11.75 ? 56  LEU A CA  1 
ATOM   421  C  C   . LEU A 1 55  ? 0.247   -1.512  11.132  1.00 12.24 ? 56  LEU A C   1 
ATOM   422  O  O   . LEU A 1 55  ? 0.603   -1.545  9.954   1.00 11.24 ? 56  LEU A O   1 
ATOM   423  C  CB  . LEU A 1 55  ? 2.071   -0.773  12.674  1.00 11.89 ? 56  LEU A CB  1 
ATOM   424  C  CG  . LEU A 1 55  ? 3.120   -1.057  13.756  1.00 13.40 ? 56  LEU A CG  1 
ATOM   425  C  CD1 . LEU A 1 55  ? 3.947   0.202   14.039  1.00 12.74 ? 56  LEU A CD1 1 
ATOM   426  C  CD2 . LEU A 1 55  ? 2.421   -1.534  15.022  1.00 14.33 ? 56  LEU A CD2 1 
ATOM   427  N  N   . ARG A 1 56  ? -0.954  -1.086  11.507  1.00 12.05 ? 57  ARG A N   1 
ATOM   428  C  CA  . ARG A 1 56  ? -1.929  -0.661  10.515  1.00 12.01 ? 57  ARG A CA  1 
ATOM   429  C  C   . ARG A 1 56  ? -1.733  0.790   10.090  1.00 12.96 ? 57  ARG A C   1 
ATOM   430  O  O   . ARG A 1 56  ? -2.450  1.702   10.514  1.00 12.46 ? 57  ARG A O   1 
ATOM   431  C  CB  . ARG A 1 56  ? -3.350  -0.913  11.040  1.00 10.60 ? 57  ARG A CB  1 
ATOM   432  C  CG  . ARG A 1 56  ? -3.592  -2.390  11.397  1.00 10.60 ? 57  ARG A CG  1 
ATOM   433  C  CD  . ARG A 1 56  ? -5.037  -2.691  11.794  1.00 10.10 ? 57  ARG A CD  1 
ATOM   434  N  NE  . ARG A 1 56  ? -5.941  -2.748  10.648  1.00 8.93  ? 57  ARG A NE  1 
ATOM   435  C  CZ  . ARG A 1 56  ? -6.048  -3.784  9.814   1.00 8.79  ? 57  ARG A CZ  1 
ATOM   436  N  NH1 . ARG A 1 56  ? -5.307  -4.878  9.986   1.00 6.26  ? 57  ARG A NH1 1 
ATOM   437  N  NH2 . ARG A 1 56  ? -6.903  -3.725  8.801   1.00 6.68  ? 57  ARG A NH2 1 
ATOM   438  N  N   . MET A 1 57  ? -0.716  0.990   9.259   1.00 11.80 ? 58  MET A N   1 
ATOM   439  C  CA  . MET A 1 57  ? -0.392  2.298   8.720   1.00 12.30 ? 58  MET A CA  1 
ATOM   440  C  C   . MET A 1 57  ? 0.279   2.093   7.374   1.00 12.32 ? 58  MET A C   1 
ATOM   441  O  O   . MET A 1 57  ? 0.936   1.069   7.134   1.00 11.00 ? 58  MET A O   1 
ATOM   442  C  CB  . MET A 1 57  ? 0.512   3.095   9.674   1.00 14.49 ? 58  MET A CB  1 
ATOM   443  C  CG  . MET A 1 57  ? 1.806   2.423   10.093  1.00 16.72 ? 58  MET A CG  1 
ATOM   444  S  SD  . MET A 1 57  ? 2.759   3.458   11.283  1.00 17.52 ? 58  MET A SD  1 
ATOM   445  C  CE  . MET A 1 57  ? 4.412   2.812   11.025  1.00 11.82 ? 58  MET A CE  1 
ATOM   446  N  N   . LEU A 1 58  ? 0.101   3.070   6.493   1.00 11.12 ? 59  LEU A N   1 
ATOM   447  C  CA  . LEU A 1 58  ? 0.653   2.998   5.155   1.00 10.98 ? 59  LEU A CA  1 
ATOM   448  C  C   . LEU A 1 58  ? 0.823   4.402   4.598   1.00 10.90 ? 59  LEU A C   1 
ATOM   449  O  O   . LEU A 1 58  ? 0.186   5.343   5.066   1.00 10.77 ? 59  LEU A O   1 
ATOM   450  C  CB  . LEU A 1 58  ? -0.301  2.202   4.269   1.00 9.38  ? 59  LEU A CB  1 
ATOM   451  C  CG  . LEU A 1 58  ? -1.722  2.783   4.207   1.00 8.63  ? 59  LEU A CG  1 
ATOM   452  C  CD1 . LEU A 1 58  ? -1.831  3.729   3.025   1.00 5.36  ? 59  LEU A CD1 1 
ATOM   453  C  CD2 . LEU A 1 58  ? -2.746  1.654   4.076   1.00 5.88  ? 59  LEU A CD2 1 
ATOM   454  N  N   . ILE A 1 59  ? 1.692   4.543   3.606   1.00 8.88  ? 60  ILE A N   1 
ATOM   455  C  CA  . ILE A 1 59  ? 1.894   5.842   2.991   1.00 10.67 ? 60  ILE A CA  1 
ATOM   456  C  C   . ILE A 1 59  ? 1.667   5.750   1.496   1.00 10.72 ? 60  ILE A C   1 
ATOM   457  O  O   . ILE A 1 59  ? 1.934   4.720   0.878   1.00 9.00  ? 60  ILE A O   1 
ATOM   458  C  CB  . ILE A 1 59  ? 3.314   6.394   3.235   1.00 9.05  ? 60  ILE A CB  1 
ATOM   459  C  CG1 . ILE A 1 59  ? 4.355   5.426   2.680   1.00 8.47  ? 60  ILE A CG1 1 
ATOM   460  C  CG2 . ILE A 1 59  ? 3.516   6.639   4.714   1.00 9.25  ? 60  ILE A CG2 1 
ATOM   461  C  CD1 . ILE A 1 59  ? 5.784   5.872   2.925   1.00 10.64 ? 60  ILE A CD1 1 
ATOM   462  N  N   . ILE A 1 60  ? 1.161   6.840   0.932   1.00 11.51 ? 61  ILE A N   1 
ATOM   463  C  CA  . ILE A 1 60  ? 0.893   6.929   -0.492  1.00 11.90 ? 61  ILE A CA  1 
ATOM   464  C  C   . ILE A 1 60  ? 1.285   8.323   -0.971  1.00 12.79 ? 61  ILE A C   1 
ATOM   465  O  O   . ILE A 1 60  ? 0.843   9.330   -0.409  1.00 13.35 ? 61  ILE A O   1 
ATOM   466  C  CB  . ILE A 1 60  ? -0.600  6.706   -0.798  1.00 11.17 ? 61  ILE A CB  1 
ATOM   467  C  CG1 . ILE A 1 60  ? -1.019  5.302   -0.360  1.00 11.53 ? 61  ILE A CG1 1 
ATOM   468  C  CG2 . ILE A 1 60  ? -0.861  6.909   -2.288  1.00 9.42  ? 61  ILE A CG2 1 
ATOM   469  C  CD1 . ILE A 1 60  ? -2.493  5.007   -0.570  1.00 9.02  ? 61  ILE A CD1 1 
ATOM   470  N  N   . ASN A 1 61  ? 2.122   8.381   -1.999  1.00 12.51 ? 62  ASN A N   1 
ATOM   471  C  CA  . ASN A 1 61  ? 2.547   9.658   -2.551  1.00 15.08 ? 62  ASN A CA  1 
ATOM   472  C  C   . ASN A 1 61  ? 2.536   9.541   -4.063  1.00 14.84 ? 62  ASN A C   1 
ATOM   473  O  O   . ASN A 1 61  ? 3.520   9.114   -4.667  1.00 15.73 ? 62  ASN A O   1 
ATOM   474  C  CB  . ASN A 1 61  ? 3.956   10.032  -2.078  1.00 16.37 ? 62  ASN A CB  1 
ATOM   475  C  CG  . ASN A 1 61  ? 4.288   11.492  -2.353  1.00 21.41 ? 62  ASN A CG  1 
ATOM   476  O  OD1 . ASN A 1 61  ? 3.621   12.145  -3.155  1.00 23.67 ? 62  ASN A OD1 1 
ATOM   477  N  ND2 . ASN A 1 61  ? 5.320   12.011  -1.690  1.00 21.33 ? 62  ASN A ND2 1 
ATOM   478  N  N   . LEU A 1 62  ? 1.414   9.911   -4.666  1.00 15.39 ? 63  LEU A N   1 
ATOM   479  C  CA  . LEU A 1 62  ? 1.278   9.845   -6.108  1.00 18.34 ? 63  LEU A CA  1 
ATOM   480  C  C   . LEU A 1 62  ? 2.016   11.016  -6.746  1.00 20.01 ? 63  LEU A C   1 
ATOM   481  O  O   . LEU A 1 62  ? 2.074   12.105  -6.176  1.00 20.75 ? 63  LEU A O   1 
ATOM   482  C  CB  . LEU A 1 62  ? -0.199  9.900   -6.505  1.00 17.80 ? 63  LEU A CB  1 
ATOM   483  C  CG  . LEU A 1 62  ? -1.188  8.992   -5.764  1.00 18.20 ? 63  LEU A CG  1 
ATOM   484  C  CD1 . LEU A 1 62  ? -2.547  9.080   -6.456  1.00 17.82 ? 63  LEU A CD1 1 
ATOM   485  C  CD2 . LEU A 1 62  ? -0.691  7.557   -5.756  1.00 14.94 ? 63  LEU A CD2 1 
ATOM   486  N  N   . PRO A 1 63  ? 2.608   10.800  -7.930  1.00 21.82 ? 64  PRO A N   1 
ATOM   487  C  CA  . PRO A 1 63  ? 3.326   11.890  -8.598  1.00 25.78 ? 64  PRO A CA  1 
ATOM   488  C  C   . PRO A 1 63  ? 2.334   12.909  -9.141  1.00 29.47 ? 64  PRO A C   1 
ATOM   489  O  O   . PRO A 1 63  ? 1.178   12.575  -9.393  1.00 28.59 ? 64  PRO A O   1 
ATOM   490  C  CB  . PRO A 1 63  ? 4.096   11.173  -9.704  1.00 24.96 ? 64  PRO A CB  1 
ATOM   491  C  CG  . PRO A 1 63  ? 3.210   10.014  -10.037 1.00 24.22 ? 64  PRO A CG  1 
ATOM   492  C  CD  . PRO A 1 63  ? 2.752   9.536   -8.673  1.00 22.97 ? 64  PRO A CD  1 
ATOM   493  N  N   . GLN A 1 64  ? 2.786   14.147  -9.319  1.00 34.96 ? 65  GLN A N   1 
ATOM   494  C  CA  . GLN A 1 64  ? 1.923   15.206  -9.832  1.00 40.19 ? 65  GLN A CA  1 
ATOM   495  C  C   . GLN A 1 64  ? 1.921   15.302  -11.351 1.00 42.95 ? 65  GLN A C   1 
ATOM   496  O  O   . GLN A 1 64  ? 2.309   14.365  -12.050 1.00 41.91 ? 65  GLN A O   1 
ATOM   497  C  CB  . GLN A 1 64  ? 2.336   16.558  -9.253  1.00 40.56 ? 65  GLN A CB  1 
ATOM   498  C  CG  . GLN A 1 64  ? 2.027   16.742  -7.784  1.00 44.20 ? 65  GLN A CG  1 
ATOM   499  C  CD  . GLN A 1 64  ? 2.274   18.168  -7.321  1.00 45.97 ? 65  GLN A CD  1 
ATOM   500  O  OE1 . GLN A 1 64  ? 2.006   18.518  -6.171  1.00 47.82 ? 65  GLN A OE1 1 
ATOM   501  N  NE2 . GLN A 1 64  ? 2.786   19.001  -8.219  1.00 47.36 ? 65  GLN A NE2 1 
ATOM   502  N  N   . GLU A 1 65  ? 1.471   16.451  -11.845 1.00 48.21 ? 66  GLU A N   1 
ATOM   503  C  CA  . GLU A 1 65  ? 1.402   16.729  -13.274 1.00 52.44 ? 66  GLU A CA  1 
ATOM   504  C  C   . GLU A 1 65  ? 2.777   16.521  -13.901 1.00 53.57 ? 66  GLU A C   1 
ATOM   505  O  O   . GLU A 1 65  ? 2.941   15.718  -14.819 1.00 54.11 ? 66  GLU A O   1 
ATOM   506  C  CB  . GLU A 1 65  ? 0.949   18.177  -13.498 1.00 55.45 ? 66  GLU A CB  1 
ATOM   507  C  CG  . GLU A 1 65  ? -0.300  18.568  -12.712 1.00 59.16 ? 66  GLU A CG  1 
ATOM   508  C  CD  . GLU A 1 65  ? -0.624  20.051  -12.813 1.00 60.52 ? 66  GLU A CD  1 
ATOM   509  O  OE1 . GLU A 1 65  ? 0.228   20.880  -12.433 1.00 62.06 ? 66  GLU A OE1 1 
ATOM   510  O  OE2 . GLU A 1 65  ? -1.734  20.387  -13.272 1.00 61.85 ? 66  GLU A OE2 1 
ATOM   511  N  N   . ASP A 1 66  ? 3.761   17.252  -13.388 1.00 54.57 ? 67  ASP A N   1 
ATOM   512  C  CA  . ASP A 1 66  ? 5.136   17.168  -13.871 1.00 54.72 ? 67  ASP A CA  1 
ATOM   513  C  C   . ASP A 1 66  ? 5.649   15.731  -13.889 1.00 53.32 ? 67  ASP A C   1 
ATOM   514  O  O   . ASP A 1 66  ? 6.609   15.413  -14.588 1.00 54.03 ? 67  ASP A O   1 
ATOM   515  C  CB  . ASP A 1 66  ? 6.044   18.012  -12.982 1.00 56.65 ? 67  ASP A CB  1 
ATOM   516  C  CG  . ASP A 1 66  ? 5.822   17.739  -11.509 1.00 58.53 ? 67  ASP A CG  1 
ATOM   517  O  OD1 . ASP A 1 66  ? 5.618   16.559  -11.157 1.00 59.88 ? 67  ASP A OD1 1 
ATOM   518  O  OD2 . ASP A 1 66  ? 5.854   18.695  -10.705 1.00 59.41 ? 67  ASP A OD2 1 
ATOM   519  N  N   . GLY A 1 67  ? 5.010   14.869  -13.107 1.00 50.86 ? 68  GLY A N   1 
ATOM   520  C  CA  . GLY A 1 67  ? 5.423   13.480  -13.055 1.00 47.33 ? 68  GLY A CA  1 
ATOM   521  C  C   . GLY A 1 67  ? 6.367   13.206  -11.901 1.00 45.33 ? 68  GLY A C   1 
ATOM   522  O  O   . GLY A 1 67  ? 6.901   12.105  -11.779 1.00 45.35 ? 68  GLY A O   1 
ATOM   523  N  N   . VAL A 1 68  ? 6.577   14.207  -11.053 1.00 42.45 ? 69  VAL A N   1 
ATOM   524  C  CA  . VAL A 1 68  ? 7.462   14.052  -9.909  1.00 41.23 ? 69  VAL A CA  1 
ATOM   525  C  C   . VAL A 1 68  ? 6.673   13.985  -8.604  1.00 39.28 ? 69  VAL A C   1 
ATOM   526  O  O   . VAL A 1 68  ? 5.546   14.475  -8.514  1.00 38.28 ? 69  VAL A O   1 
ATOM   527  C  CB  . VAL A 1 68  ? 8.481   15.215  -9.813  1.00 42.01 ? 69  VAL A CB  1 
ATOM   528  C  CG1 . VAL A 1 68  ? 9.134   15.443  -11.166 1.00 43.46 ? 69  VAL A CG1 1 
ATOM   529  C  CG2 . VAL A 1 68  ? 7.801   16.478  -9.318  1.00 41.89 ? 69  VAL A CG2 1 
ATOM   530  N  N   . GLN A 1 69  ? 7.279   13.370  -7.596  1.00 36.59 ? 70  GLN A N   1 
ATOM   531  C  CA  . GLN A 1 69  ? 6.657   13.232  -6.293  1.00 35.01 ? 70  GLN A CA  1 
ATOM   532  C  C   . GLN A 1 69  ? 7.094   14.372  -5.387  1.00 35.13 ? 70  GLN A C   1 
ATOM   533  O  O   . GLN A 1 69  ? 8.268   14.736  -5.355  1.00 35.55 ? 70  GLN A O   1 
ATOM   534  C  CB  . GLN A 1 69  ? 7.058   11.899  -5.650  1.00 32.76 ? 70  GLN A CB  1 
ATOM   535  C  CG  . GLN A 1 69  ? 6.547   10.659  -6.359  1.00 29.57 ? 70  GLN A CG  1 
ATOM   536  C  CD  . GLN A 1 69  ? 7.114   9.381   -5.764  1.00 26.99 ? 70  GLN A CD  1 
ATOM   537  O  OE1 . GLN A 1 69  ? 8.320   9.146   -5.812  1.00 22.84 ? 70  GLN A OE1 1 
ATOM   538  N  NE2 . GLN A 1 69  ? 6.244   8.550   -5.197  1.00 24.50 ? 70  GLN A NE2 1 
ATOM   539  N  N   . HIS A 1 70  ? 6.143   14.933  -4.653  1.00 36.22 ? 71  HIS A N   1 
ATOM   540  C  CA  . HIS A 1 70  ? 6.432   16.017  -3.728  1.00 36.32 ? 71  HIS A CA  1 
ATOM   541  C  C   . HIS A 1 70  ? 5.977   15.571  -2.351  1.00 36.46 ? 71  HIS A C   1 
ATOM   542  O  O   . HIS A 1 70  ? 4.787   15.385  -2.113  1.00 36.79 ? 71  HIS A O   1 
ATOM   543  C  CB  . HIS A 1 70  ? 5.704   17.293  -4.157  1.00 37.21 ? 71  HIS A CB  1 
ATOM   544  C  CG  . HIS A 1 70  ? 6.290   17.933  -5.376  1.00 38.91 ? 71  HIS A CG  1 
ATOM   545  N  ND1 . HIS A 1 70  ? 7.531   18.533  -5.377  1.00 38.85 ? 71  HIS A ND1 1 
ATOM   546  C  CD2 . HIS A 1 70  ? 5.825   18.031  -6.644  1.00 38.69 ? 71  HIS A CD2 1 
ATOM   547  C  CE1 . HIS A 1 70  ? 7.806   18.971  -6.593  1.00 38.88 ? 71  HIS A CE1 1 
ATOM   548  N  NE2 . HIS A 1 70  ? 6.788   18.678  -7.380  1.00 38.60 ? 71  HIS A NE2 1 
ATOM   549  N  N   . LYS A 1 71  ? 6.938   15.394  -1.451  1.00 36.31 ? 72  LYS A N   1 
ATOM   550  C  CA  . LYS A 1 71  ? 6.656   14.948  -0.096  1.00 36.98 ? 72  LYS A CA  1 
ATOM   551  C  C   . LYS A 1 71  ? 5.499   15.699  0.552   1.00 37.06 ? 72  LYS A C   1 
ATOM   552  O  O   . LYS A 1 71  ? 4.975   15.275  1.580   1.00 36.71 ? 72  LYS A O   1 
ATOM   553  C  CB  . LYS A 1 71  ? 7.910   15.077  0.770   1.00 36.44 ? 72  LYS A CB  1 
ATOM   554  C  CG  . LYS A 1 71  ? 7.747   14.500  2.161   1.00 36.84 ? 72  LYS A CG  1 
ATOM   555  C  CD  . LYS A 1 71  ? 9.076   14.382  2.881   1.00 39.00 ? 72  LYS A CD  1 
ATOM   556  C  CE  . LYS A 1 71  ? 8.913   13.596  4.172   1.00 40.70 ? 72  LYS A CE  1 
ATOM   557  N  NZ  . LYS A 1 71  ? 10.216  13.290  4.813   1.00 41.64 ? 72  LYS A NZ  1 
ATOM   558  N  N   . GLU A 1 72  ? 5.101   16.812  -0.054  1.00 37.20 ? 73  GLU A N   1 
ATOM   559  C  CA  . GLU A 1 72  ? 4.003   17.615  0.470   1.00 37.48 ? 73  GLU A CA  1 
ATOM   560  C  C   . GLU A 1 72  ? 2.658   16.905  0.317   1.00 35.11 ? 73  GLU A C   1 
ATOM   561  O  O   . GLU A 1 72  ? 1.792   17.015  1.183   1.00 34.44 ? 73  GLU A O   1 
ATOM   562  C  CB  . GLU A 1 72  ? 3.935   18.970  -0.248  1.00 40.12 ? 73  GLU A CB  1 
ATOM   563  C  CG  . GLU A 1 72  ? 5.067   19.950  0.069   1.00 43.82 ? 73  GLU A CG  1 
ATOM   564  C  CD  . GLU A 1 72  ? 6.427   19.469  -0.405  1.00 45.71 ? 73  GLU A CD  1 
ATOM   565  O  OE1 . GLU A 1 72  ? 6.540   19.057  -1.579  1.00 46.02 ? 73  GLU A OE1 1 
ATOM   566  O  OE2 . GLU A 1 72  ? 7.384   19.515  0.396   1.00 46.77 ? 73  GLU A OE2 1 
ATOM   567  N  N   . ASP A 1 73  ? 2.491   16.181  -0.785  1.00 32.85 ? 74  ASP A N   1 
ATOM   568  C  CA  . ASP A 1 73  ? 1.242   15.479  -1.056  1.00 30.71 ? 74  ASP A CA  1 
ATOM   569  C  C   . ASP A 1 73  ? 1.222   14.051  -0.526  1.00 27.81 ? 74  ASP A C   1 
ATOM   570  O  O   . ASP A 1 73  ? 0.319   13.280  -0.856  1.00 27.11 ? 74  ASP A O   1 
ATOM   571  C  CB  . ASP A 1 73  ? 0.968   15.438  -2.560  1.00 33.01 ? 74  ASP A CB  1 
ATOM   572  C  CG  . ASP A 1 73  ? 1.335   16.729  -3.254  1.00 36.10 ? 74  ASP A CG  1 
ATOM   573  O  OD1 . ASP A 1 73  ? 1.111   17.808  -2.661  1.00 36.32 ? 74  ASP A OD1 1 
ATOM   574  O  OD2 . ASP A 1 73  ? 1.840   16.660  -4.397  1.00 35.16 ? 74  ASP A OD2 1 
ATOM   575  N  N   . CYS A 1 74  ? 2.211   13.694  0.284   1.00 23.93 ? 75  CYS A N   1 
ATOM   576  C  CA  . CYS A 1 74  ? 2.268   12.342  0.819   1.00 21.46 ? 75  CYS A CA  1 
ATOM   577  C  C   . CYS A 1 74  ? 1.216   12.098  1.880   1.00 19.47 ? 75  CYS A C   1 
ATOM   578  O  O   . CYS A 1 74  ? 1.147   12.817  2.874   1.00 18.17 ? 75  CYS A O   1 
ATOM   579  C  CB  . CYS A 1 74  ? 3.639   12.042  1.419   1.00 21.16 ? 75  CYS A CB  1 
ATOM   580  S  SG  . CYS A 1 74  ? 3.766   10.355  2.076   1.00 21.89 ? 75  CYS A SG  1 
ATOM   581  N  N   . LEU A 1 75  ? 0.401   11.075  1.663   1.00 16.32 ? 76  LEU A N   1 
ATOM   582  C  CA  . LEU A 1 75  ? -0.631  10.712  2.619   1.00 16.01 ? 76  LEU A CA  1 
ATOM   583  C  C   . LEU A 1 75  ? -0.101  9.662   3.583   1.00 14.39 ? 76  LEU A C   1 
ATOM   584  O  O   . LEU A 1 75  ? 0.546   8.695   3.177   1.00 15.05 ? 76  LEU A O   1 
ATOM   585  C  CB  . LEU A 1 75  ? -1.861  10.148  1.903   1.00 17.28 ? 76  LEU A CB  1 
ATOM   586  C  CG  . LEU A 1 75  ? -2.690  11.112  1.056   1.00 20.74 ? 76  LEU A CG  1 
ATOM   587  C  CD1 . LEU A 1 75  ? -3.849  10.359  0.419   1.00 21.12 ? 76  LEU A CD1 1 
ATOM   588  C  CD2 . LEU A 1 75  ? -3.207  12.243  1.931   1.00 22.21 ? 76  LEU A CD2 1 
ATOM   589  N  N   . GLU A 1 76  ? -0.368  9.867   4.864   1.00 13.95 ? 77  GLU A N   1 
ATOM   590  C  CA  . GLU A 1 76  ? 0.033   8.927   5.899   1.00 11.48 ? 77  GLU A CA  1 
ATOM   591  C  C   . GLU A 1 76  ? -1.265  8.477   6.530   1.00 11.65 ? 77  GLU A C   1 
ATOM   592  O  O   . GLU A 1 76  ? -1.917  9.245   7.235   1.00 10.26 ? 77  GLU A O   1 
ATOM   593  C  CB  . GLU A 1 76  ? 0.908   9.610   6.948   1.00 13.34 ? 77  GLU A CB  1 
ATOM   594  C  CG  . GLU A 1 76  ? 2.270   10.032  6.435   1.00 13.67 ? 77  GLU A CG  1 
ATOM   595  C  CD  . GLU A 1 76  ? 3.159   10.581  7.532   1.00 16.90 ? 77  GLU A CD  1 
ATOM   596  O  OE1 . GLU A 1 76  ? 4.395   10.463  7.401   1.00 16.31 ? 77  GLU A OE1 1 
ATOM   597  O  OE2 . GLU A 1 76  ? 2.625   11.133  8.521   1.00 16.57 ? 77  GLU A OE2 1 
ATOM   598  N  N   . ILE A 1 77  ? -1.667  7.245   6.255   1.00 12.75 ? 78  ILE A N   1 
ATOM   599  C  CA  . ILE A 1 77  ? -2.912  6.747   6.812   1.00 13.14 ? 78  ILE A CA  1 
ATOM   600  C  C   . ILE A 1 77  ? -2.696  5.617   7.814   1.00 11.75 ? 78  ILE A C   1 
ATOM   601  O  O   . ILE A 1 77  ? -2.063  4.595   7.530   1.00 9.77  ? 78  ILE A O   1 
ATOM   602  C  CB  . ILE A 1 77  ? -3.896  6.367   5.678   1.00 14.98 ? 78  ILE A CB  1 
ATOM   603  C  CG1 . ILE A 1 77  ? -4.657  5.092   6.012   1.00 15.20 ? 78  ILE A CG1 1 
ATOM   604  C  CG2 . ILE A 1 77  ? -3.159  6.283   4.366   1.00 20.64 ? 78  ILE A CG2 1 
ATOM   605  C  CD1 . ILE A 1 77  ? -5.585  4.684   4.907   1.00 19.58 ? 78  ILE A CD1 1 
ATOM   606  N  N   . ILE A 1 78  ? -3.225  5.848   9.007   1.00 11.20 ? 79  ILE A N   1 
ATOM   607  C  CA  . ILE A 1 78  ? -3.110  4.938   10.131  1.00 10.00 ? 79  ILE A CA  1 
ATOM   608  C  C   . ILE A 1 78  ? -4.497  4.493   10.578  1.00 9.96  ? 79  ILE A C   1 
ATOM   609  O  O   . ILE A 1 78  ? -5.442  5.275   10.543  1.00 7.85  ? 79  ILE A O   1 
ATOM   610  C  CB  . ILE A 1 78  ? -2.391  5.658   11.293  1.00 11.60 ? 79  ILE A CB  1 
ATOM   611  C  CG1 . ILE A 1 78  ? -1.044  6.189   10.791  1.00 11.90 ? 79  ILE A CG1 1 
ATOM   612  C  CG2 . ILE A 1 78  ? -2.206  4.719   12.480  1.00 10.78 ? 79  ILE A CG2 1 
ATOM   613  C  CD1 . ILE A 1 78  ? -0.327  7.116   11.780  1.00 14.91 ? 79  ILE A CD1 1 
ATOM   614  N  N   . ASN A 1 79  ? -4.604  3.235   10.998  1.00 9.35  ? 80  ASN A N   1 
ATOM   615  C  CA  . ASN A 1 79  ? -5.871  2.666   11.441  1.00 10.34 ? 80  ASN A CA  1 
ATOM   616  C  C   . ASN A 1 79  ? -7.012  2.955   10.467  1.00 10.88 ? 80  ASN A C   1 
ATOM   617  O  O   . ASN A 1 79  ? -8.077  3.408   10.873  1.00 8.75  ? 80  ASN A O   1 
ATOM   618  C  CB  . ASN A 1 79  ? -6.250  3.204   12.825  1.00 9.40  ? 80  ASN A CB  1 
ATOM   619  C  CG  . ASN A 1 79  ? -5.189  2.920   13.869  1.00 11.33 ? 80  ASN A CG  1 
ATOM   620  O  OD1 . ASN A 1 79  ? -4.452  1.938   13.768  1.00 12.49 ? 80  ASN A OD1 1 
ATOM   621  N  ND2 . ASN A 1 79  ? -5.120  3.766   14.890  1.00 11.01 ? 80  ASN A ND2 1 
ATOM   622  N  N   . PRO A 1 80  ? -6.801  2.698   9.164   1.00 11.00 ? 81  PRO A N   1 
ATOM   623  C  CA  . PRO A 1 80  ? -7.849  2.947   8.164   1.00 12.40 ? 81  PRO A CA  1 
ATOM   624  C  C   . PRO A 1 80  ? -9.046  2.016   8.292   1.00 14.39 ? 81  PRO A C   1 
ATOM   625  O  O   . PRO A 1 80  ? -8.928  0.901   8.807   1.00 15.22 ? 81  PRO A O   1 
ATOM   626  C  CB  . PRO A 1 80  ? -7.122  2.745   6.840   1.00 12.07 ? 81  PRO A CB  1 
ATOM   627  C  CG  . PRO A 1 80  ? -6.114  1.690   7.177   1.00 13.35 ? 81  PRO A CG  1 
ATOM   628  C  CD  . PRO A 1 80  ? -5.581  2.182   8.522   1.00 11.24 ? 81  PRO A CD  1 
ATOM   629  N  N   . LYS A 1 81  ? -10.190 2.488   7.807   1.00 16.21 ? 82  LYS A N   1 
ATOM   630  C  CA  . LYS A 1 81  ? -11.440 1.737   7.830   1.00 18.22 ? 82  LYS A CA  1 
ATOM   631  C  C   . LYS A 1 81  ? -12.309 2.250   6.677   1.00 18.01 ? 82  LYS A C   1 
ATOM   632  O  O   . LYS A 1 81  ? -12.453 3.463   6.497   1.00 15.78 ? 82  LYS A O   1 
ATOM   633  C  CB  . LYS A 1 81  ? -12.163 1.980   9.154   1.00 22.53 ? 82  LYS A CB  1 
ATOM   634  C  CG  . LYS A 1 81  ? -13.193 0.935   9.517   1.00 29.08 ? 82  LYS A CG  1 
ATOM   635  C  CD  . LYS A 1 81  ? -12.645 -0.032  10.568  1.00 34.97 ? 82  LYS A CD  1 
ATOM   636  C  CE  . LYS A 1 81  ? -11.436 -0.812  10.056  1.00 38.51 ? 82  LYS A CE  1 
ATOM   637  N  NZ  . LYS A 1 81  ? -10.860 -1.717  11.099  1.00 40.27 ? 82  LYS A NZ  1 
ATOM   638  N  N   . PHE A 1 82  ? -12.873 1.345   5.885   1.00 16.15 ? 83  PHE A N   1 
ATOM   639  C  CA  . PHE A 1 82  ? -13.729 1.767   4.780   1.00 14.89 ? 83  PHE A CA  1 
ATOM   640  C  C   . PHE A 1 82  ? -15.090 2.210   5.307   1.00 14.52 ? 83  PHE A C   1 
ATOM   641  O  O   . PHE A 1 82  ? -15.684 1.530   6.135   1.00 13.55 ? 83  PHE A O   1 
ATOM   642  C  CB  . PHE A 1 82  ? -13.948 0.637   3.772   1.00 12.79 ? 83  PHE A CB  1 
ATOM   643  C  CG  . PHE A 1 82  ? -12.756 0.335   2.923   1.00 13.96 ? 83  PHE A CG  1 
ATOM   644  C  CD1 . PHE A 1 82  ? -11.848 -0.654  3.299   1.00 13.15 ? 83  PHE A CD1 1 
ATOM   645  C  CD2 . PHE A 1 82  ? -12.535 1.038   1.744   1.00 11.72 ? 83  PHE A CD2 1 
ATOM   646  C  CE1 . PHE A 1 82  ? -10.734 -0.938  2.507   1.00 14.76 ? 83  PHE A CE1 1 
ATOM   647  C  CE2 . PHE A 1 82  ? -11.428 0.765   0.945   1.00 13.56 ? 83  PHE A CE2 1 
ATOM   648  C  CZ  . PHE A 1 82  ? -10.524 -0.227  1.328   1.00 14.07 ? 83  PHE A CZ  1 
ATOM   649  N  N   . ILE A 1 83  ? -15.567 3.356   4.832   1.00 15.25 ? 84  ILE A N   1 
ATOM   650  C  CA  . ILE A 1 83  ? -16.878 3.866   5.229   1.00 16.78 ? 84  ILE A CA  1 
ATOM   651  C  C   . ILE A 1 83  ? -17.850 3.452   4.130   1.00 16.81 ? 84  ILE A C   1 
ATOM   652  O  O   . ILE A 1 83  ? -18.979 3.044   4.396   1.00 16.77 ? 84  ILE A O   1 
ATOM   653  C  CB  . ILE A 1 83  ? -16.900 5.405   5.318   1.00 17.24 ? 84  ILE A CB  1 
ATOM   654  C  CG1 . ILE A 1 83  ? -16.025 5.885   6.473   1.00 18.80 ? 84  ILE A CG1 1 
ATOM   655  C  CG2 . ILE A 1 83  ? -18.336 5.889   5.512   1.00 19.81 ? 84  ILE A CG2 1 
ATOM   656  C  CD1 . ILE A 1 83  ? -15.995 7.394   6.602   1.00 18.23 ? 84  ILE A CD1 1 
ATOM   657  N  N   . GLU A 1 84  ? -17.401 3.571   2.889   1.00 17.09 ? 85  GLU A N   1 
ATOM   658  C  CA  . GLU A 1 84  ? -18.218 3.194   1.747   1.00 20.64 ? 85  GLU A CA  1 
ATOM   659  C  C   . GLU A 1 84  ? -17.341 2.852   0.548   1.00 20.60 ? 85  GLU A C   1 
ATOM   660  O  O   . GLU A 1 84  ? -16.205 3.314   0.437   1.00 21.52 ? 85  GLU A O   1 
ATOM   661  C  CB  . GLU A 1 84  ? -19.207 4.318   1.395   1.00 22.40 ? 85  GLU A CB  1 
ATOM   662  C  CG  . GLU A 1 84  ? -18.561 5.630   0.999   1.00 25.50 ? 85  GLU A CG  1 
ATOM   663  C  CD  . GLU A 1 84  ? -19.568 6.755   0.793   1.00 29.14 ? 85  GLU A CD  1 
ATOM   664  O  OE1 . GLU A 1 84  ? -20.313 7.079   1.744   1.00 28.89 ? 85  GLU A OE1 1 
ATOM   665  O  OE2 . GLU A 1 84  ? -19.610 7.320   -0.323  1.00 30.69 ? 85  GLU A OE2 1 
ATOM   666  N  N   . THR A 1 85  ? -17.875 2.019   -0.337  1.00 21.69 ? 86  THR A N   1 
ATOM   667  C  CA  . THR A 1 85  ? -17.170 1.596   -1.540  1.00 21.89 ? 86  THR A CA  1 
ATOM   668  C  C   . THR A 1 85  ? -18.203 1.478   -2.648  1.00 21.85 ? 86  THR A C   1 
ATOM   669  O  O   . THR A 1 85  ? -19.359 1.149   -2.386  1.00 22.93 ? 86  THR A O   1 
ATOM   670  C  CB  . THR A 1 85  ? -16.512 0.221   -1.351  1.00 21.97 ? 86  THR A CB  1 
ATOM   671  O  OG1 . THR A 1 85  ? -17.527 -0.754  -1.086  1.00 22.12 ? 86  THR A OG1 1 
ATOM   672  C  CG2 . THR A 1 85  ? -15.525 0.251   -0.188  1.00 22.90 ? 86  THR A CG2 1 
ATOM   673  N  N   . GLY A 1 86  ? -17.790 1.751   -3.880  1.00 20.51 ? 87  GLY A N   1 
ATOM   674  C  CA  . GLY A 1 86  ? -18.715 1.663   -4.995  1.00 19.71 ? 87  GLY A CA  1 
ATOM   675  C  C   . GLY A 1 86  ? -18.028 1.473   -6.334  1.00 18.83 ? 87  GLY A C   1 
ATOM   676  O  O   . GLY A 1 86  ? -16.825 1.720   -6.470  1.00 18.84 ? 87  GLY A O   1 
ATOM   677  N  N   . GLY A 1 87  ? -18.796 1.020   -7.319  1.00 18.43 ? 88  GLY A N   1 
ATOM   678  C  CA  . GLY A 1 87  ? -18.262 0.809   -8.650  1.00 17.05 ? 88  GLY A CA  1 
ATOM   679  C  C   . GLY A 1 87  ? -17.309 -0.363  -8.749  1.00 18.63 ? 88  GLY A C   1 
ATOM   680  O  O   . GLY A 1 87  ? -17.104 -1.109  -7.789  1.00 18.89 ? 88  GLY A O   1 
ATOM   681  N  N   . SER A 1 88  ? -16.716 -0.517  -9.926  1.00 18.30 ? 89  SER A N   1 
ATOM   682  C  CA  . SER A 1 88  ? -15.774 -1.595  -10.182 1.00 17.59 ? 89  SER A CA  1 
ATOM   683  C  C   . SER A 1 88  ? -14.937 -1.246  -11.407 1.00 17.20 ? 89  SER A C   1 
ATOM   684  O  O   . SER A 1 88  ? -15.453 -0.707  -12.384 1.00 18.26 ? 89  SER A O   1 
ATOM   685  C  CB  . SER A 1 88  ? -16.540 -2.897  -10.416 1.00 18.63 ? 89  SER A CB  1 
ATOM   686  O  OG  . SER A 1 88  ? -15.686 -3.926  -10.871 1.00 20.38 ? 89  SER A OG  1 
ATOM   687  N  N   . MET A 1 89  ? -13.645 -1.545  -11.345 1.00 16.20 ? 90  MET A N   1 
ATOM   688  C  CA  . MET A 1 89  ? -12.740 -1.267  -12.452 1.00 17.31 ? 90  MET A CA  1 
ATOM   689  C  C   . MET A 1 89  ? -11.516 -2.166  -12.379 1.00 16.87 ? 90  MET A C   1 
ATOM   690  O  O   . MET A 1 89  ? -11.234 -2.760  -11.335 1.00 16.61 ? 90  MET A O   1 
ATOM   691  C  CB  . MET A 1 89  ? -12.289 0.199   -12.427 1.00 17.57 ? 90  MET A CB  1 
ATOM   692  C  CG  . MET A 1 89  ? -11.512 0.600   -11.178 1.00 21.14 ? 90  MET A CG  1 
ATOM   693  S  SD  . MET A 1 89  ? -10.974 2.336   -11.192 1.00 20.47 ? 90  MET A SD  1 
ATOM   694  C  CE  . MET A 1 89  ? -9.373  2.170   -12.026 1.00 23.08 ? 90  MET A CE  1 
ATOM   695  N  N   . MET A 1 90  ? -10.810 -2.281  -13.500 1.00 16.20 ? 91  MET A N   1 
ATOM   696  C  CA  . MET A 1 90  ? -9.594  -3.076  -13.563 1.00 15.32 ? 91  MET A CA  1 
ATOM   697  C  C   . MET A 1 90  ? -8.440  -2.083  -13.572 1.00 15.97 ? 91  MET A C   1 
ATOM   698  O  O   . MET A 1 90  ? -8.544  -1.016  -14.169 1.00 16.57 ? 91  MET A O   1 
ATOM   699  C  CB  . MET A 1 90  ? -9.534  -3.913  -14.848 1.00 15.09 ? 91  MET A CB  1 
ATOM   700  C  CG  . MET A 1 90  ? -10.635 -4.960  -15.022 1.00 15.98 ? 91  MET A CG  1 
ATOM   701  S  SD  . MET A 1 90  ? -10.805 -6.110  -13.638 1.00 19.37 ? 91  MET A SD  1 
ATOM   702  C  CE  . MET A 1 90  ? -9.307  -7.077  -13.793 1.00 16.70 ? 91  MET A CE  1 
ATOM   703  N  N   . TYR A 1 91  ? -7.349  -2.424  -12.903 1.00 15.14 ? 92  TYR A N   1 
ATOM   704  C  CA  . TYR A 1 91  ? -6.188  -1.549  -12.880 1.00 16.37 ? 92  TYR A CA  1 
ATOM   705  C  C   . TYR A 1 91  ? -4.937  -2.408  -12.831 1.00 15.69 ? 92  TYR A C   1 
ATOM   706  O  O   . TYR A 1 91  ? -4.847  -3.334  -12.028 1.00 16.50 ? 92  TYR A O   1 
ATOM   707  C  CB  . TYR A 1 91  ? -6.219  -0.634  -11.656 1.00 17.66 ? 92  TYR A CB  1 
ATOM   708  C  CG  . TYR A 1 91  ? -5.357  0.588   -11.825 1.00 19.80 ? 92  TYR A CG  1 
ATOM   709  C  CD1 . TYR A 1 91  ? -5.861  1.739   -12.427 1.00 21.70 ? 92  TYR A CD1 1 
ATOM   710  C  CD2 . TYR A 1 91  ? -4.021  0.578   -11.443 1.00 22.21 ? 92  TYR A CD2 1 
ATOM   711  C  CE1 . TYR A 1 91  ? -5.052  2.851   -12.644 1.00 24.29 ? 92  TYR A CE1 1 
ATOM   712  C  CE2 . TYR A 1 91  ? -3.203  1.678   -11.658 1.00 24.58 ? 92  TYR A CE2 1 
ATOM   713  C  CZ  . TYR A 1 91  ? -3.723  2.810   -12.259 1.00 24.58 ? 92  TYR A CZ  1 
ATOM   714  O  OH  . TYR A 1 91  ? -2.911  3.897   -12.475 1.00 27.45 ? 92  TYR A OH  1 
ATOM   715  N  N   . LYS A 1 92  ? -3.976  -2.118  -13.700 1.00 17.02 ? 93  LYS A N   1 
ATOM   716  C  CA  . LYS A 1 92  ? -2.737  -2.884  -13.712 1.00 17.40 ? 93  LYS A CA  1 
ATOM   717  C  C   . LYS A 1 92  ? -1.932  -2.422  -12.507 1.00 15.85 ? 93  LYS A C   1 
ATOM   718  O  O   . LYS A 1 92  ? -1.589  -1.248  -12.392 1.00 18.78 ? 93  LYS A O   1 
ATOM   719  C  CB  . LYS A 1 92  ? -1.962  -2.633  -15.006 1.00 19.22 ? 93  LYS A CB  1 
ATOM   720  C  CG  . LYS A 1 92  ? -0.665  -3.422  -15.112 1.00 23.33 ? 93  LYS A CG  1 
ATOM   721  C  CD  . LYS A 1 92  ? -0.038  -3.262  -16.488 1.00 25.91 ? 93  LYS A CD  1 
ATOM   722  C  CE  . LYS A 1 92  ? -0.840  -4.001  -17.557 1.00 27.65 ? 93  LYS A CE  1 
ATOM   723  N  NZ  . LYS A 1 92  ? -0.624  -5.476  -17.509 1.00 27.78 ? 93  LYS A NZ  1 
ATOM   724  N  N   . GLU A 1 93  ? -1.631  -3.348  -11.611 1.00 14.42 ? 94  GLU A N   1 
ATOM   725  C  CA  . GLU A 1 93  ? -0.903  -3.005  -10.400 1.00 13.08 ? 94  GLU A CA  1 
ATOM   726  C  C   . GLU A 1 93  ? 0.506   -3.571  -10.308 1.00 13.18 ? 94  GLU A C   1 
ATOM   727  O  O   . GLU A 1 93  ? 0.842   -4.552  -10.967 1.00 11.62 ? 94  GLU A O   1 
ATOM   728  C  CB  . GLU A 1 93  ? -1.708  -3.463  -9.182  1.00 13.17 ? 94  GLU A CB  1 
ATOM   729  C  CG  . GLU A 1 93  ? -3.061  -2.781  -9.045  1.00 14.13 ? 94  GLU A CG  1 
ATOM   730  C  CD  . GLU A 1 93  ? -3.788  -3.158  -7.764  1.00 12.92 ? 94  GLU A CD  1 
ATOM   731  O  OE1 . GLU A 1 93  ? -3.122  -3.561  -6.788  1.00 11.64 ? 94  GLU A OE1 1 
ATOM   732  O  OE2 . GLU A 1 93  ? -5.029  -3.037  -7.732  1.00 12.46 ? 94  GLU A OE2 1 
ATOM   733  N  N   . GLY A 1 94  ? 1.314   -2.923  -9.471  1.00 12.28 ? 95  GLY A N   1 
ATOM   734  C  CA  . GLY A 1 94  ? 2.683   -3.337  -9.222  1.00 11.00 ? 95  GLY A CA  1 
ATOM   735  C  C   . GLY A 1 94  ? 2.880   -3.232  -7.718  1.00 11.69 ? 95  GLY A C   1 
ATOM   736  O  O   . GLY A 1 94  ? 2.053   -2.632  -7.045  1.00 11.49 ? 95  GLY A O   1 
ATOM   737  N  N   . CYS A 1 95  ? 3.964   -3.786  -7.188  1.00 13.15 ? 96  CYS A N   1 
ATOM   738  C  CA  . CYS A 1 95  ? 4.205   -3.757  -5.742  1.00 13.04 ? 96  CYS A CA  1 
ATOM   739  C  C   . CYS A 1 95  ? 5.693   -3.930  -5.420  1.00 14.73 ? 96  CYS A C   1 
ATOM   740  O  O   . CYS A 1 95  ? 6.374   -4.761  -6.031  1.00 13.35 ? 96  CYS A O   1 
ATOM   741  C  CB  . CYS A 1 95  ? 3.402   -4.881  -5.074  1.00 11.62 ? 96  CYS A CB  1 
ATOM   742  S  SG  . CYS A 1 95  ? 3.506   -4.970  -3.260  1.00 13.63 ? 96  CYS A SG  1 
ATOM   743  N  N   . LEU A 1 96  ? 6.190   -3.138  -4.467  1.00 12.58 ? 97  LEU A N   1 
ATOM   744  C  CA  . LEU A 1 96  ? 7.588   -3.208  -4.049  1.00 12.58 ? 97  LEU A CA  1 
ATOM   745  C  C   . LEU A 1 96  ? 7.930   -4.576  -3.464  1.00 12.56 ? 97  LEU A C   1 
ATOM   746  O  O   . LEU A 1 96  ? 9.099   -4.977  -3.441  1.00 10.98 ? 97  LEU A O   1 
ATOM   747  C  CB  . LEU A 1 96  ? 7.897   -2.126  -3.003  1.00 13.84 ? 97  LEU A CB  1 
ATOM   748  C  CG  . LEU A 1 96  ? 8.034   -0.695  -3.523  1.00 15.95 ? 97  LEU A CG  1 
ATOM   749  C  CD1 . LEU A 1 96  ? 8.126   0.293   -2.381  1.00 16.13 ? 97  LEU A CD1 1 
ATOM   750  C  CD2 . LEU A 1 96  ? 9.271   -0.617  -4.366  1.00 19.55 ? 97  LEU A CD2 1 
ATOM   751  N  N   . SER A 1 97  ? 6.915   -5.293  -2.989  1.00 9.28  ? 98  SER A N   1 
ATOM   752  C  CA  . SER A 1 97  ? 7.159   -6.611  -2.413  1.00 11.15 ? 98  SER A CA  1 
ATOM   753  C  C   . SER A 1 97  ? 7.034   -7.719  -3.454  1.00 11.74 ? 98  SER A C   1 
ATOM   754  O  O   . SER A 1 97  ? 7.191   -8.895  -3.145  1.00 14.45 ? 98  SER A O   1 
ATOM   755  C  CB  . SER A 1 97  ? 6.209   -6.869  -1.245  1.00 8.55  ? 98  SER A CB  1 
ATOM   756  O  OG  . SER A 1 97  ? 6.518   -6.014  -0.160  1.00 7.04  ? 98  SER A OG  1 
ATOM   757  N  N   . VAL A 1 98  ? 6.743   -7.331  -4.692  1.00 13.19 ? 99  VAL A N   1 
ATOM   758  C  CA  . VAL A 1 98  ? 6.624   -8.284  -5.793  1.00 13.27 ? 99  VAL A CA  1 
ATOM   759  C  C   . VAL A 1 98  ? 7.236   -7.577  -6.990  1.00 14.02 ? 99  VAL A C   1 
ATOM   760  O  O   . VAL A 1 98  ? 6.591   -7.391  -8.023  1.00 13.79 ? 99  VAL A O   1 
ATOM   761  C  CB  . VAL A 1 98  ? 5.154   -8.623  -6.103  1.00 14.17 ? 99  VAL A CB  1 
ATOM   762  C  CG1 . VAL A 1 98  ? 5.087   -9.825  -7.054  1.00 14.17 ? 99  VAL A CG1 1 
ATOM   763  C  CG2 . VAL A 1 98  ? 4.397   -8.914  -4.810  1.00 15.03 ? 99  VAL A CG2 1 
ATOM   764  N  N   . PRO A 1 99  ? 8.503   -7.165  -6.861  1.00 15.05 ? 100 PRO A N   1 
ATOM   765  C  CA  . PRO A 1 99  ? 9.191   -6.462  -7.944  1.00 16.91 ? 100 PRO A CA  1 
ATOM   766  C  C   . PRO A 1 99  ? 9.246   -7.228  -9.255  1.00 17.11 ? 100 PRO A C   1 
ATOM   767  O  O   . PRO A 1 99  ? 9.393   -8.448  -9.274  1.00 17.84 ? 100 PRO A O   1 
ATOM   768  C  CB  . PRO A 1 99  ? 10.579  -6.200  -7.355  1.00 17.26 ? 100 PRO A CB  1 
ATOM   769  C  CG  . PRO A 1 99  ? 10.794  -7.379  -6.482  1.00 16.58 ? 100 PRO A CG  1 
ATOM   770  C  CD  . PRO A 1 99  ? 9.451   -7.526  -5.788  1.00 15.67 ? 100 PRO A CD  1 
ATOM   771  N  N   . GLY A 1 100 ? 9.102   -6.496  -10.352 1.00 18.29 ? 101 GLY A N   1 
ATOM   772  C  CA  . GLY A 1 100 ? 9.161   -7.112  -11.664 1.00 20.37 ? 101 GLY A CA  1 
ATOM   773  C  C   . GLY A 1 100 ? 7.865   -7.688  -12.202 1.00 20.64 ? 101 GLY A C   1 
ATOM   774  O  O   . GLY A 1 100 ? 7.833   -8.144  -13.342 1.00 20.45 ? 101 GLY A O   1 
ATOM   775  N  N   . PHE A 1 101 ? 6.802   -7.682  -11.405 1.00 19.33 ? 102 PHE A N   1 
ATOM   776  C  CA  . PHE A 1 101 ? 5.532   -8.220  -11.878 1.00 19.75 ? 102 PHE A CA  1 
ATOM   777  C  C   . PHE A 1 101 ? 4.410   -7.187  -11.830 1.00 19.52 ? 102 PHE A C   1 
ATOM   778  O  O   . PHE A 1 101 ? 4.234   -6.484  -10.835 1.00 19.26 ? 102 PHE A O   1 
ATOM   779  C  CB  . PHE A 1 101 ? 5.121   -9.447  -11.062 1.00 20.74 ? 102 PHE A CB  1 
ATOM   780  C  CG  . PHE A 1 101 ? 3.884   -10.128 -11.587 1.00 24.73 ? 102 PHE A CG  1 
ATOM   781  C  CD1 . PHE A 1 101 ? 3.907   -10.791 -12.814 1.00 25.75 ? 102 PHE A CD1 1 
ATOM   782  C  CD2 . PHE A 1 101 ? 2.686   -10.078 -10.876 1.00 24.50 ? 102 PHE A CD2 1 
ATOM   783  C  CE1 . PHE A 1 101 ? 2.757   -11.394 -13.328 1.00 25.78 ? 102 PHE A CE1 1 
ATOM   784  C  CE2 . PHE A 1 101 ? 1.527   -10.677 -11.377 1.00 26.44 ? 102 PHE A CE2 1 
ATOM   785  C  CZ  . PHE A 1 101 ? 1.563   -11.336 -12.609 1.00 27.52 ? 102 PHE A CZ  1 
ATOM   786  N  N   . TYR A 1 102 ? 3.652   -7.098  -12.916 1.00 19.20 ? 103 TYR A N   1 
ATOM   787  C  CA  . TYR A 1 102 ? 2.541   -6.163  -12.997 1.00 18.72 ? 103 TYR A CA  1 
ATOM   788  C  C   . TYR A 1 102 ? 1.347   -6.869  -13.632 1.00 20.14 ? 103 TYR A C   1 
ATOM   789  O  O   . TYR A 1 102 ? 1.482   -7.541  -14.658 1.00 18.41 ? 103 TYR A O   1 
ATOM   790  C  CB  . TYR A 1 102 ? 2.932   -4.943  -13.830 1.00 16.08 ? 103 TYR A CB  1 
ATOM   791  C  CG  . TYR A 1 102 ? 4.286   -4.382  -13.472 1.00 16.71 ? 103 TYR A CG  1 
ATOM   792  C  CD1 . TYR A 1 102 ? 5.451   -4.924  -14.018 1.00 13.71 ? 103 TYR A CD1 1 
ATOM   793  C  CD2 . TYR A 1 102 ? 4.410   -3.332  -12.560 1.00 13.88 ? 103 TYR A CD2 1 
ATOM   794  C  CE1 . TYR A 1 102 ? 6.703   -4.433  -13.666 1.00 15.55 ? 103 TYR A CE1 1 
ATOM   795  C  CE2 . TYR A 1 102 ? 5.656   -2.835  -12.200 1.00 14.97 ? 103 TYR A CE2 1 
ATOM   796  C  CZ  . TYR A 1 102 ? 6.798   -3.390  -12.756 1.00 15.11 ? 103 TYR A CZ  1 
ATOM   797  O  OH  . TYR A 1 102 ? 8.035   -2.903  -12.405 1.00 16.16 ? 103 TYR A OH  1 
ATOM   798  N  N   . GLU A 1 103 ? 0.177   -6.719  -13.022 1.00 20.40 ? 104 GLU A N   1 
ATOM   799  C  CA  . GLU A 1 103 ? -1.012  -7.363  -13.548 1.00 21.20 ? 104 GLU A CA  1 
ATOM   800  C  C   . GLU A 1 103 ? -2.290  -6.633  -13.150 1.00 21.72 ? 104 GLU A C   1 
ATOM   801  O  O   . GLU A 1 103 ? -2.340  -5.949  -12.121 1.00 18.91 ? 104 GLU A O   1 
ATOM   802  C  CB  . GLU A 1 103 ? -1.066  -8.813  -13.064 1.00 23.05 ? 104 GLU A CB  1 
ATOM   803  C  CG  . GLU A 1 103 ? -1.990  -9.685  -13.877 1.00 27.47 ? 104 GLU A CG  1 
ATOM   804  C  CD  . GLU A 1 103 ? -1.721  -9.562  -15.362 1.00 29.26 ? 104 GLU A CD  1 
ATOM   805  O  OE1 . GLU A 1 103 ? -2.572  -8.981  -16.072 1.00 28.47 ? 104 GLU A OE1 1 
ATOM   806  O  OE2 . GLU A 1 103 ? -0.652  -10.035 -15.810 1.00 29.47 ? 104 GLU A OE2 1 
ATOM   807  N  N   . GLU A 1 104 ? -3.316  -6.777  -13.983 1.00 20.70 ? 105 GLU A N   1 
ATOM   808  C  CA  . GLU A 1 104 ? -4.599  -6.143  -13.736 1.00 20.29 ? 105 GLU A CA  1 
ATOM   809  C  C   . GLU A 1 104 ? -5.309  -6.816  -12.577 1.00 19.42 ? 105 GLU A C   1 
ATOM   810  O  O   . GLU A 1 104 ? -5.293  -8.037  -12.449 1.00 17.69 ? 105 GLU A O   1 
ATOM   811  C  CB  . GLU A 1 104 ? -5.489  -6.220  -14.972 1.00 21.65 ? 105 GLU A CB  1 
ATOM   812  C  CG  . GLU A 1 104 ? -5.016  -5.379  -16.139 1.00 26.57 ? 105 GLU A CG  1 
ATOM   813  C  CD  . GLU A 1 104 ? -6.026  -5.359  -17.264 1.00 29.34 ? 105 GLU A CD  1 
ATOM   814  O  OE1 . GLU A 1 104 ? -5.813  -4.619  -18.247 1.00 33.01 ? 105 GLU A OE1 1 
ATOM   815  O  OE2 . GLU A 1 104 ? -7.036  -6.088  -17.164 1.00 31.57 ? 105 GLU A OE2 1 
ATOM   816  N  N   . VAL A 1 105 ? -5.935  -5.998  -11.743 1.00 18.14 ? 106 VAL A N   1 
ATOM   817  C  CA  . VAL A 1 105 ? -6.669  -6.468  -10.581 1.00 17.88 ? 106 VAL A CA  1 
ATOM   818  C  C   . VAL A 1 105 ? -7.984  -5.703  -10.546 1.00 15.79 ? 106 VAL A C   1 
ATOM   819  O  O   . VAL A 1 105 ? -8.034  -4.538  -10.934 1.00 16.11 ? 106 VAL A O   1 
ATOM   820  C  CB  . VAL A 1 105 ? -5.876  -6.178  -9.290  1.00 19.12 ? 106 VAL A CB  1 
ATOM   821  C  CG1 . VAL A 1 105 ? -6.674  -6.598  -8.071  1.00 18.05 ? 106 VAL A CG1 1 
ATOM   822  C  CG2 . VAL A 1 105 ? -4.541  -6.909  -9.337  1.00 21.42 ? 106 VAL A CG2 1 
ATOM   823  N  N   . GLU A 1 106 ? -9.052  -6.351  -10.097 1.00 15.23 ? 107 GLU A N   1 
ATOM   824  C  CA  . GLU A 1 106 ? -10.336 -5.671  -10.025 1.00 14.55 ? 107 GLU A CA  1 
ATOM   825  C  C   . GLU A 1 106 ? -10.443 -4.911  -8.701  1.00 12.93 ? 107 GLU A C   1 
ATOM   826  O  O   . GLU A 1 106 ? -10.212 -5.471  -7.637  1.00 11.59 ? 107 GLU A O   1 
ATOM   827  C  CB  . GLU A 1 106 ? -11.484 -6.676  -10.156 1.00 16.54 ? 107 GLU A CB  1 
ATOM   828  C  CG  . GLU A 1 106 ? -12.864 -6.035  -10.134 1.00 20.29 ? 107 GLU A CG  1 
ATOM   829  C  CD  . GLU A 1 106 ? -13.955 -6.971  -10.625 1.00 21.87 ? 107 GLU A CD  1 
ATOM   830  O  OE1 . GLU A 1 106 ? -15.133 -6.557  -10.642 1.00 23.63 ? 107 GLU A OE1 1 
ATOM   831  O  OE2 . GLU A 1 106 ? -13.633 -8.117  -10.996 1.00 24.87 ? 107 GLU A OE2 1 
ATOM   832  N  N   . ARG A 1 107 ? -10.785 -3.631  -8.780  1.00 13.02 ? 108 ARG A N   1 
ATOM   833  C  CA  . ARG A 1 107 ? -10.911 -2.791  -7.593  1.00 11.84 ? 108 ARG A CA  1 
ATOM   834  C  C   . ARG A 1 107 ? -12.180 -1.958  -7.656  1.00 12.40 ? 108 ARG A C   1 
ATOM   835  O  O   . ARG A 1 107 ? -12.810 -1.857  -8.710  1.00 11.62 ? 108 ARG A O   1 
ATOM   836  C  CB  . ARG A 1 107 ? -9.726  -1.824  -7.508  1.00 9.26  ? 108 ARG A CB  1 
ATOM   837  C  CG  . ARG A 1 107 ? -8.353  -2.476  -7.454  1.00 10.86 ? 108 ARG A CG  1 
ATOM   838  C  CD  . ARG A 1 107 ? -8.131  -3.162  -6.129  1.00 8.81  ? 108 ARG A CD  1 
ATOM   839  N  NE  . ARG A 1 107 ? -6.742  -3.562  -5.965  1.00 9.27  ? 108 ARG A NE  1 
ATOM   840  C  CZ  . ARG A 1 107 ? -6.259  -4.156  -4.879  1.00 10.89 ? 108 ARG A CZ  1 
ATOM   841  N  NH1 . ARG A 1 107 ? -7.062  -4.421  -3.852  1.00 8.30  ? 108 ARG A NH1 1 
ATOM   842  N  NH2 . ARG A 1 107 ? -4.977  -4.489  -4.820  1.00 8.79  ? 108 ARG A NH2 1 
ATOM   843  N  N   . PHE A 1 108 ? -12.553 -1.360  -6.525  1.00 11.75 ? 109 PHE A N   1 
ATOM   844  C  CA  . PHE A 1 108 ? -13.712 -0.476  -6.500  1.00 12.51 ? 109 PHE A CA  1 
ATOM   845  C  C   . PHE A 1 108 ? -13.193 0.787   -7.182  1.00 11.67 ? 109 PHE A C   1 
ATOM   846  O  O   . PHE A 1 108 ? -12.029 1.142   -7.011  1.00 10.11 ? 109 PHE A O   1 
ATOM   847  C  CB  . PHE A 1 108 ? -14.126 -0.123  -5.066  1.00 14.87 ? 109 PHE A CB  1 
ATOM   848  C  CG  . PHE A 1 108 ? -14.701 -1.274  -4.290  1.00 17.31 ? 109 PHE A CG  1 
ATOM   849  C  CD1 . PHE A 1 108 ? -13.982 -1.855  -3.248  1.00 16.45 ? 109 PHE A CD1 1 
ATOM   850  C  CD2 . PHE A 1 108 ? -15.963 -1.776  -4.596  1.00 16.45 ? 109 PHE A CD2 1 
ATOM   851  C  CE1 . PHE A 1 108 ? -14.512 -2.921  -2.524  1.00 18.50 ? 109 PHE A CE1 1 
ATOM   852  C  CE2 . PHE A 1 108 ? -16.503 -2.843  -3.878  1.00 16.43 ? 109 PHE A CE2 1 
ATOM   853  C  CZ  . PHE A 1 108 ? -15.775 -3.416  -2.841  1.00 16.80 ? 109 PHE A CZ  1 
ATOM   854  N  N   . GLU A 1 109 ? -14.020 1.464   -7.964  1.00 13.51 ? 110 GLU A N   1 
ATOM   855  C  CA  . GLU A 1 109 ? -13.533 2.679   -8.605  1.00 15.59 ? 110 GLU A CA  1 
ATOM   856  C  C   . GLU A 1 109 ? -13.632 3.861   -7.663  1.00 15.35 ? 110 GLU A C   1 
ATOM   857  O  O   . GLU A 1 109 ? -13.012 4.904   -7.892  1.00 17.04 ? 110 GLU A O   1 
ATOM   858  C  CB  . GLU A 1 109 ? -14.290 2.967   -9.916  1.00 17.80 ? 110 GLU A CB  1 
ATOM   859  C  CG  . GLU A 1 109 ? -15.802 2.892   -9.856  1.00 17.62 ? 110 GLU A CG  1 
ATOM   860  C  CD  . GLU A 1 109 ? -16.433 2.923   -11.250 1.00 17.60 ? 110 GLU A CD  1 
ATOM   861  O  OE1 . GLU A 1 109 ? -16.217 3.908   -11.985 1.00 16.47 ? 110 GLU A OE1 1 
ATOM   862  O  OE2 . GLU A 1 109 ? -17.145 1.961   -11.611 1.00 14.26 ? 110 GLU A OE2 1 
ATOM   863  N  N   . LYS A 1 110 ? -14.383 3.688   -6.578  1.00 14.84 ? 111 LYS A N   1 
ATOM   864  C  CA  . LYS A 1 110 ? -14.561 4.761   -5.609  1.00 15.03 ? 111 LYS A CA  1 
ATOM   865  C  C   . LYS A 1 110 ? -14.657 4.241   -4.180  1.00 14.46 ? 111 LYS A C   1 
ATOM   866  O  O   . LYS A 1 110 ? -15.324 3.240   -3.915  1.00 12.61 ? 111 LYS A O   1 
ATOM   867  C  CB  . LYS A 1 110 ? -15.819 5.556   -5.962  1.00 18.71 ? 111 LYS A CB  1 
ATOM   868  C  CG  . LYS A 1 110 ? -16.153 6.686   -5.010  1.00 24.23 ? 111 LYS A CG  1 
ATOM   869  C  CD  . LYS A 1 110 ? -17.446 7.369   -5.436  1.00 30.81 ? 111 LYS A CD  1 
ATOM   870  C  CE  . LYS A 1 110 ? -17.872 8.435   -4.438  1.00 33.77 ? 111 LYS A CE  1 
ATOM   871  N  NZ  . LYS A 1 110 ? -19.243 8.944   -4.746  1.00 37.18 ? 111 LYS A NZ  1 
ATOM   872  N  N   . VAL A 1 111 ? -13.979 4.919   -3.260  1.00 13.56 ? 112 VAL A N   1 
ATOM   873  C  CA  . VAL A 1 111 ? -14.006 4.516   -1.858  1.00 12.93 ? 112 VAL A CA  1 
ATOM   874  C  C   . VAL A 1 111 ? -13.919 5.713   -0.932  1.00 12.88 ? 112 VAL A C   1 
ATOM   875  O  O   . VAL A 1 111 ? -13.320 6.735   -1.269  1.00 13.25 ? 112 VAL A O   1 
ATOM   876  C  CB  . VAL A 1 111 ? -12.830 3.571   -1.493  1.00 10.95 ? 112 VAL A CB  1 
ATOM   877  C  CG1 . VAL A 1 111 ? -12.779 2.395   -2.448  1.00 10.39 ? 112 VAL A CG1 1 
ATOM   878  C  CG2 . VAL A 1 111 ? -11.513 4.336   -1.506  1.00 9.35  ? 112 VAL A CG2 1 
ATOM   879  N  N   . LYS A 1 112 ? -14.533 5.581   0.235   1.00 12.28 ? 113 LYS A N   1 
ATOM   880  C  CA  . LYS A 1 112 ? -14.487 6.623   1.241   1.00 13.54 ? 113 LYS A CA  1 
ATOM   881  C  C   . LYS A 1 112 ? -13.913 5.919   2.449   1.00 13.97 ? 113 LYS A C   1 
ATOM   882  O  O   . LYS A 1 112 ? -14.436 4.894   2.892   1.00 14.60 ? 113 LYS A O   1 
ATOM   883  C  CB  . LYS A 1 112 ? -15.879 7.168   1.554   1.00 15.34 ? 113 LYS A CB  1 
ATOM   884  C  CG  . LYS A 1 112 ? -15.885 8.189   2.691   1.00 20.37 ? 113 LYS A CG  1 
ATOM   885  C  CD  . LYS A 1 112 ? -16.597 9.487   2.315   1.00 23.77 ? 113 LYS A CD  1 
ATOM   886  C  CE  . LYS A 1 112 ? -18.082 9.290   2.052   1.00 25.89 ? 113 LYS A CE  1 
ATOM   887  N  NZ  . LYS A 1 112 ? -18.760 10.570  1.689   1.00 24.78 ? 113 LYS A NZ  1 
ATOM   888  N  N   . ILE A 1 113 ? -12.829 6.466   2.975   1.00 14.26 ? 114 ILE A N   1 
ATOM   889  C  CA  . ILE A 1 113 ? -12.149 5.866   4.104   1.00 15.72 ? 114 ILE A CA  1 
ATOM   890  C  C   . ILE A 1 113 ? -12.046 6.840   5.274   1.00 16.46 ? 114 ILE A C   1 
ATOM   891  O  O   . ILE A 1 113 ? -12.137 8.056   5.093   1.00 16.91 ? 114 ILE A O   1 
ATOM   892  C  CB  . ILE A 1 113 ? -10.730 5.415   3.668   1.00 18.47 ? 114 ILE A CB  1 
ATOM   893  C  CG1 . ILE A 1 113 ? -10.272 4.231   4.506   1.00 22.19 ? 114 ILE A CG1 1 
ATOM   894  C  CG2 . ILE A 1 113 ? -9.748  6.568   3.756   1.00 17.03 ? 114 ILE A CG2 1 
ATOM   895  C  CD1 . ILE A 1 113 ? -10.702 2.908   3.923   1.00 26.02 ? 114 ILE A CD1 1 
ATOM   896  N  N   . GLU A 1 114 ? -11.873 6.288   6.470   1.00 16.60 ? 115 GLU A N   1 
ATOM   897  C  CA  . GLU A 1 114 ? -11.724 7.064   7.698   1.00 15.98 ? 115 GLU A CA  1 
ATOM   898  C  C   . GLU A 1 114 ? -10.417 6.579   8.323   1.00 16.42 ? 115 GLU A C   1 
ATOM   899  O  O   . GLU A 1 114 ? -10.159 5.372   8.371   1.00 15.81 ? 115 GLU A O   1 
ATOM   900  C  CB  . GLU A 1 114 ? -12.887 6.786   8.656   1.00 19.32 ? 115 GLU A CB  1 
ATOM   901  C  CG  . GLU A 1 114 ? -12.868 7.624   9.927   1.00 23.68 ? 115 GLU A CG  1 
ATOM   902  C  CD  . GLU A 1 114 ? -14.018 7.290   10.872  1.00 27.95 ? 115 GLU A CD  1 
ATOM   903  O  OE1 . GLU A 1 114 ? -15.173 7.193   10.401  1.00 28.18 ? 115 GLU A OE1 1 
ATOM   904  O  OE2 . GLU A 1 114 ? -13.767 7.137   12.086  1.00 26.88 ? 115 GLU A OE2 1 
ATOM   905  N  N   . TYR A 1 115 ? -9.593  7.508   8.798   1.00 14.55 ? 116 TYR A N   1 
ATOM   906  C  CA  . TYR A 1 115 ? -8.317  7.134   9.395   1.00 13.44 ? 116 TYR A CA  1 
ATOM   907  C  C   . TYR A 1 115 ? -7.758  8.247   10.277  1.00 12.97 ? 116 TYR A C   1 
ATOM   908  O  O   . TYR A 1 115 ? -8.457  9.212   10.601  1.00 13.78 ? 116 TYR A O   1 
ATOM   909  C  CB  . TYR A 1 115 ? -7.317  6.794   8.286   1.00 12.07 ? 116 TYR A CB  1 
ATOM   910  C  CG  . TYR A 1 115 ? -6.960  7.976   7.415   1.00 13.85 ? 116 TYR A CG  1 
ATOM   911  C  CD1 . TYR A 1 115 ? -5.845  8.762   7.700   1.00 13.32 ? 116 TYR A CD1 1 
ATOM   912  C  CD2 . TYR A 1 115 ? -7.764  8.340   6.333   1.00 13.75 ? 116 TYR A CD2 1 
ATOM   913  C  CE1 . TYR A 1 115 ? -5.539  9.881   6.933   1.00 14.00 ? 116 TYR A CE1 1 
ATOM   914  C  CE2 . TYR A 1 115 ? -7.466  9.463   5.561   1.00 14.05 ? 116 TYR A CE2 1 
ATOM   915  C  CZ  . TYR A 1 115 ? -6.357  10.226  5.869   1.00 13.52 ? 116 TYR A CZ  1 
ATOM   916  O  OH  . TYR A 1 115 ? -6.075  11.353  5.136   1.00 13.07 ? 116 TYR A OH  1 
ATOM   917  N  N   . GLN A 1 116 ? -6.499  8.100   10.673  1.00 11.04 ? 117 GLN A N   1 
ATOM   918  C  CA  . GLN A 1 116 ? -5.846  9.095   11.510  1.00 11.43 ? 117 GLN A CA  1 
ATOM   919  C  C   . GLN A 1 116 ? -4.483  9.441   10.930  1.00 12.41 ? 117 GLN A C   1 
ATOM   920  O  O   . GLN A 1 116 ? -3.817  8.580   10.355  1.00 10.99 ? 117 GLN A O   1 
ATOM   921  C  CB  . GLN A 1 116 ? -5.653  8.560   12.934  1.00 12.81 ? 117 GLN A CB  1 
ATOM   922  C  CG  . GLN A 1 116 ? -6.922  8.078   13.624  1.00 13.40 ? 117 GLN A CG  1 
ATOM   923  C  CD  . GLN A 1 116 ? -6.650  7.486   15.002  1.00 18.59 ? 117 GLN A CD  1 
ATOM   924  O  OE1 . GLN A 1 116 ? -6.432  8.212   15.975  1.00 20.58 ? 117 GLN A OE1 1 
ATOM   925  N  NE2 . GLN A 1 116 ? -6.652  6.161   15.085  1.00 19.25 ? 117 GLN A NE2 1 
ATOM   926  N  N   . ASN A 1 117 ? -4.069  10.700  11.065  1.00 12.78 ? 118 ASN A N   1 
ATOM   927  C  CA  . ASN A 1 117 ? -2.754  11.092  10.575  1.00 11.81 ? 118 ASN A CA  1 
ATOM   928  C  C   . ASN A 1 117 ? -1.750  10.780  11.680  1.00 12.19 ? 118 ASN A C   1 
ATOM   929  O  O   . ASN A 1 117 ? -2.121  10.209  12.701  1.00 10.92 ? 118 ASN A O   1 
ATOM   930  C  CB  . ASN A 1 117 ? -2.699  12.577  10.192  1.00 11.71 ? 118 ASN A CB  1 
ATOM   931  C  CG  . ASN A 1 117 ? -3.085  13.512  11.330  1.00 13.50 ? 118 ASN A CG  1 
ATOM   932  O  OD1 . ASN A 1 117 ? -2.993  13.172  12.513  1.00 13.43 ? 118 ASN A OD1 1 
ATOM   933  N  ND2 . ASN A 1 117 ? -3.503  14.719  10.965  1.00 13.49 ? 118 ASN A ND2 1 
ATOM   934  N  N   . ARG A 1 118 ? -0.488  11.145  11.484  1.00 12.37 ? 119 ARG A N   1 
ATOM   935  C  CA  . ARG A 1 118 ? 0.534   10.845  12.481  1.00 13.09 ? 119 ARG A CA  1 
ATOM   936  C  C   . ARG A 1 118 ? 0.307   11.535  13.823  1.00 14.48 ? 119 ARG A C   1 
ATOM   937  O  O   . ARG A 1 118 ? 0.917   11.161  14.829  1.00 14.09 ? 119 ARG A O   1 
ATOM   938  C  CB  . ARG A 1 118 ? 1.918   11.218  11.960  1.00 13.64 ? 119 ARG A CB  1 
ATOM   939  C  CG  . ARG A 1 118 ? 2.140   12.712  11.791  1.00 12.75 ? 119 ARG A CG  1 
ATOM   940  C  CD  . ARG A 1 118 ? 3.628   13.007  11.686  1.00 14.97 ? 119 ARG A CD  1 
ATOM   941  N  NE  . ARG A 1 118 ? 4.248   12.282  10.584  1.00 15.44 ? 119 ARG A NE  1 
ATOM   942  C  CZ  . ARG A 1 118 ? 5.560   12.146  10.427  1.00 17.27 ? 119 ARG A CZ  1 
ATOM   943  N  NH1 . ARG A 1 118 ? 6.036   11.470  9.393   1.00 16.56 ? 119 ARG A NH1 1 
ATOM   944  N  NH2 . ARG A 1 118 ? 6.395   12.675  11.311  1.00 14.35 ? 119 ARG A NH2 1 
ATOM   945  N  N   . PHE A 1 119 ? -0.560  12.541  13.843  1.00 12.88 ? 120 PHE A N   1 
ATOM   946  C  CA  . PHE A 1 119 ? -0.833  13.255  15.087  1.00 15.49 ? 120 PHE A CA  1 
ATOM   947  C  C   . PHE A 1 119 ? -2.129  12.765  15.716  1.00 16.35 ? 120 PHE A C   1 
ATOM   948  O  O   . PHE A 1 119 ? -2.700  13.428  16.575  1.00 18.02 ? 120 PHE A O   1 
ATOM   949  C  CB  . PHE A 1 119 ? -0.899  14.766  14.831  1.00 14.80 ? 120 PHE A CB  1 
ATOM   950  C  CG  . PHE A 1 119 ? 0.350   15.327  14.200  1.00 15.17 ? 120 PHE A CG  1 
ATOM   951  C  CD1 . PHE A 1 119 ? 0.323   15.838  12.908  1.00 16.01 ? 120 PHE A CD1 1 
ATOM   952  C  CD2 . PHE A 1 119 ? 1.558   15.319  14.889  1.00 14.46 ? 120 PHE A CD2 1 
ATOM   953  C  CE1 . PHE A 1 119 ? 1.488   16.332  12.307  1.00 17.28 ? 120 PHE A CE1 1 
ATOM   954  C  CE2 . PHE A 1 119 ? 2.725   15.809  14.300  1.00 15.39 ? 120 PHE A CE2 1 
ATOM   955  C  CZ  . PHE A 1 119 ? 2.691   16.316  13.006  1.00 17.00 ? 120 PHE A CZ  1 
ATOM   956  N  N   . ALA A 1 120 ? -2.584  11.596  15.275  1.00 17.04 ? 121 ALA A N   1 
ATOM   957  C  CA  . ALA A 1 120 ? -3.806  10.981  15.785  1.00 17.36 ? 121 ALA A CA  1 
ATOM   958  C  C   . ALA A 1 120 ? -5.085  11.704  15.362  1.00 17.86 ? 121 ALA A C   1 
ATOM   959  O  O   . ALA A 1 120 ? -6.169  11.367  15.830  1.00 19.92 ? 121 ALA A O   1 
ATOM   960  C  CB  . ALA A 1 120 ? -3.746  10.877  17.312  1.00 16.13 ? 121 ALA A CB  1 
ATOM   961  N  N   . GLU A 1 121 ? -4.967  12.691  14.481  1.00 16.70 ? 122 GLU A N   1 
ATOM   962  C  CA  . GLU A 1 121 ? -6.144  13.428  14.025  1.00 18.51 ? 122 GLU A CA  1 
ATOM   963  C  C   . GLU A 1 121 ? -6.991  12.534  13.118  1.00 16.55 ? 122 GLU A C   1 
ATOM   964  O  O   . GLU A 1 121 ? -6.460  11.828  12.265  1.00 15.54 ? 122 GLU A O   1 
ATOM   965  C  CB  . GLU A 1 121 ? -5.735  14.687  13.252  1.00 20.46 ? 122 GLU A CB  1 
ATOM   966  C  CG  . GLU A 1 121 ? -4.683  15.546  13.944  1.00 25.51 ? 122 GLU A CG  1 
ATOM   967  C  CD  . GLU A 1 121 ? -4.436  16.861  13.224  1.00 26.76 ? 122 GLU A CD  1 
ATOM   968  O  OE1 . GLU A 1 121 ? -4.445  16.877  11.972  1.00 26.52 ? 122 GLU A OE1 1 
ATOM   969  O  OE2 . GLU A 1 121 ? -4.225  17.881  13.912  1.00 30.35 ? 122 GLU A OE2 1 
ATOM   970  N  N   . VAL A 1 122 ? -8.305  12.582  13.306  1.00 15.24 ? 123 VAL A N   1 
ATOM   971  C  CA  . VAL A 1 122 ? -9.230  11.779  12.514  1.00 13.36 ? 123 VAL A CA  1 
ATOM   972  C  C   . VAL A 1 122 ? -9.527  12.458  11.187  1.00 13.56 ? 123 VAL A C   1 
ATOM   973  O  O   . VAL A 1 122 ? -9.800  13.655  11.142  1.00 13.09 ? 123 VAL A O   1 
ATOM   974  C  CB  . VAL A 1 122 ? -10.558 11.553  13.267  1.00 11.78 ? 123 VAL A CB  1 
ATOM   975  C  CG1 . VAL A 1 122 ? -11.512 10.715  12.412  1.00 8.99  ? 123 VAL A CG1 1 
ATOM   976  C  CG2 . VAL A 1 122 ? -10.289 10.854  14.598  1.00 11.81 ? 123 VAL A CG2 1 
ATOM   977  N  N   . LYS A 1 123 ? -9.472  11.686  10.105  1.00 12.01 ? 124 LYS A N   1 
ATOM   978  C  CA  . LYS A 1 123 ? -9.732  12.221  8.776   1.00 12.25 ? 124 LYS A CA  1 
ATOM   979  C  C   . LYS A 1 123 ? -10.684 11.326  7.999   1.00 12.59 ? 124 LYS A C   1 
ATOM   980  O  O   . LYS A 1 123 ? -10.752 10.116  8.225   1.00 11.41 ? 124 LYS A O   1 
ATOM   981  C  CB  . LYS A 1 123 ? -8.431  12.325  7.975   1.00 12.83 ? 124 LYS A CB  1 
ATOM   982  C  CG  . LYS A 1 123 ? -7.271  12.987  8.692   1.00 13.54 ? 124 LYS A CG  1 
ATOM   983  C  CD  . LYS A 1 123 ? -7.474  14.481  8.839   1.00 15.07 ? 124 LYS A CD  1 
ATOM   984  C  CE  . LYS A 1 123 ? -6.293  15.108  9.557   1.00 15.60 ? 124 LYS A CE  1 
ATOM   985  N  NZ  . LYS A 1 123 ? -6.493  16.556  9.800   1.00 16.99 ? 124 LYS A NZ  1 
ATOM   986  N  N   . VAL A 1 124 ? -11.420 11.932  7.077   1.00 12.96 ? 125 VAL A N   1 
ATOM   987  C  CA  . VAL A 1 124 ? -12.323 11.193  6.215   1.00 11.61 ? 125 VAL A CA  1 
ATOM   988  C  C   . VAL A 1 124 ? -11.890 11.601  4.822   1.00 12.77 ? 125 VAL A C   1 
ATOM   989  O  O   . VAL A 1 124 ? -11.808 12.791  4.517   1.00 14.30 ? 125 VAL A O   1 
ATOM   990  C  CB  . VAL A 1 124 ? -13.792 11.580  6.443   1.00 11.10 ? 125 VAL A CB  1 
ATOM   991  C  CG1 . VAL A 1 124 ? -14.667 10.957  5.349   1.00 10.03 ? 125 VAL A CG1 1 
ATOM   992  C  CG2 . VAL A 1 124 ? -14.243 11.095  7.806   1.00 11.25 ? 125 VAL A CG2 1 
ATOM   993  N  N   . LEU A 1 125 ? -11.597 10.615  3.982   1.00 12.78 ? 126 LEU A N   1 
ATOM   994  C  CA  . LEU A 1 125 ? -11.127 10.884  2.631   1.00 10.81 ? 126 LEU A CA  1 
ATOM   995  C  C   . LEU A 1 125 ? -11.865 10.089  1.571   1.00 11.46 ? 126 LEU A C   1 
ATOM   996  O  O   . LEU A 1 125 ? -12.029 8.877   1.696   1.00 9.74  ? 126 LEU A O   1 
ATOM   997  C  CB  . LEU A 1 125 ? -9.631  10.568  2.545   1.00 10.30 ? 126 LEU A CB  1 
ATOM   998  C  CG  . LEU A 1 125 ? -8.946  10.660  1.178   1.00 12.43 ? 126 LEU A CG  1 
ATOM   999  C  CD1 . LEU A 1 125 ? -8.900  12.104  0.701   1.00 12.70 ? 126 LEU A CD1 1 
ATOM   1000 C  CD2 . LEU A 1 125 ? -7.539  10.102  1.288   1.00 11.54 ? 126 LEU A CD2 1 
ATOM   1001 N  N   . GLU A 1 126 ? -12.314 10.773  0.526   1.00 12.08 ? 127 GLU A N   1 
ATOM   1002 C  CA  . GLU A 1 126 ? -12.993 10.097  -0.571  1.00 13.52 ? 127 GLU A CA  1 
ATOM   1003 C  C   . GLU A 1 126 ? -11.989 10.031  -1.717  1.00 11.73 ? 127 GLU A C   1 
ATOM   1004 O  O   . GLU A 1 126 ? -11.273 10.991  -1.970  1.00 12.88 ? 127 GLU A O   1 
ATOM   1005 C  CB  . GLU A 1 126 ? -14.249 10.863  -1.000  1.00 15.49 ? 127 GLU A CB  1 
ATOM   1006 C  CG  . GLU A 1 126 ? -14.932 10.261  -2.225  1.00 22.85 ? 127 GLU A CG  1 
ATOM   1007 C  CD  . GLU A 1 126 ? -16.324 10.820  -2.472  1.00 26.08 ? 127 GLU A CD  1 
ATOM   1008 O  OE1 . GLU A 1 126 ? -17.243 10.512  -1.686  1.00 28.35 ? 127 GLU A OE1 1 
ATOM   1009 O  OE2 . GLU A 1 126 ? -16.500 11.570  -3.454  1.00 29.82 ? 127 GLU A OE2 1 
ATOM   1010 N  N   . ALA A 1 127 ? -11.917 8.896   -2.401  1.00 11.99 ? 128 ALA A N   1 
ATOM   1011 C  CA  . ALA A 1 127 ? -10.966 8.760   -3.496  1.00 11.72 ? 128 ALA A CA  1 
ATOM   1012 C  C   . ALA A 1 127 ? -11.508 7.957   -4.656  1.00 11.91 ? 128 ALA A C   1 
ATOM   1013 O  O   . ALA A 1 127 ? -12.449 7.176   -4.506  1.00 10.96 ? 128 ALA A O   1 
ATOM   1014 C  CB  . ALA A 1 127 ? -9.689  8.118   -2.995  1.00 10.29 ? 128 ALA A CB  1 
ATOM   1015 N  N   . SER A 1 128 ? -10.895 8.147   -5.817  1.00 12.61 ? 129 SER A N   1 
ATOM   1016 C  CA  . SER A 1 128 ? -11.294 7.429   -7.020  1.00 14.26 ? 129 SER A CA  1 
ATOM   1017 C  C   . SER A 1 128 ? -10.089 7.208   -7.924  1.00 13.91 ? 129 SER A C   1 
ATOM   1018 O  O   . SER A 1 128 ? -9.032  7.799   -7.722  1.00 13.23 ? 129 SER A O   1 
ATOM   1019 C  CB  . SER A 1 128 ? -12.379 8.212   -7.768  1.00 15.45 ? 129 SER A CB  1 
ATOM   1020 O  OG  . SER A 1 128 ? -11.921 9.498   -8.141  1.00 18.28 ? 129 SER A OG  1 
ATOM   1021 N  N   . GLU A 1 129 ? -10.246 6.342   -8.915  1.00 15.83 ? 130 GLU A N   1 
ATOM   1022 C  CA  . GLU A 1 129 ? -9.163  6.061   -9.849  1.00 18.50 ? 130 GLU A CA  1 
ATOM   1023 C  C   . GLU A 1 129 ? -7.887  5.636   -9.127  1.00 16.48 ? 130 GLU A C   1 
ATOM   1024 O  O   . GLU A 1 129 ? -7.937  4.884   -8.159  1.00 17.93 ? 130 GLU A O   1 
ATOM   1025 C  CB  . GLU A 1 129 ? -8.888  7.294   -10.721 1.00 22.41 ? 130 GLU A CB  1 
ATOM   1026 C  CG  . GLU A 1 129 ? -10.099 7.759   -11.525 1.00 29.21 ? 130 GLU A CG  1 
ATOM   1027 C  CD  . GLU A 1 129 ? -9.767  8.865   -12.518 1.00 34.25 ? 130 GLU A CD  1 
ATOM   1028 O  OE1 . GLU A 1 129 ? -9.340  9.961   -12.090 1.00 35.50 ? 130 GLU A OE1 1 
ATOM   1029 O  OE2 . GLU A 1 129 ? -9.934  8.632   -13.735 1.00 38.74 ? 130 GLU A OE2 1 
ATOM   1030 N  N   . LEU A 1 130 ? -6.748  6.134   -9.595  1.00 16.38 ? 131 LEU A N   1 
ATOM   1031 C  CA  . LEU A 1 130 ? -5.453  5.785   -9.020  1.00 16.10 ? 131 LEU A CA  1 
ATOM   1032 C  C   . LEU A 1 130 ? -5.366  5.841   -7.490  1.00 15.04 ? 131 LEU A C   1 
ATOM   1033 O  O   . LEU A 1 130 ? -4.926  4.875   -6.861  1.00 15.59 ? 131 LEU A O   1 
ATOM   1034 C  CB  . LEU A 1 130 ? -4.356  6.665   -9.631  1.00 15.16 ? 131 LEU A CB  1 
ATOM   1035 C  CG  . LEU A 1 130 ? -2.911  6.287   -9.277  1.00 20.14 ? 131 LEU A CG  1 
ATOM   1036 C  CD1 . LEU A 1 130 ? -2.682  4.812   -9.589  1.00 18.69 ? 131 LEU A CD1 1 
ATOM   1037 C  CD2 . LEU A 1 130 ? -1.924  7.158   -10.064 1.00 19.10 ? 131 LEU A CD2 1 
ATOM   1038 N  N   . LEU A 1 131 ? -5.779  6.954   -6.889  1.00 14.11 ? 132 LEU A N   1 
ATOM   1039 C  CA  . LEU A 1 131 ? -5.713  7.084   -5.431  1.00 12.43 ? 132 LEU A CA  1 
ATOM   1040 C  C   . LEU A 1 131 ? -6.566  6.030   -4.738  1.00 12.39 ? 132 LEU A C   1 
ATOM   1041 O  O   . LEU A 1 131 ? -6.162  5.474   -3.718  1.00 11.26 ? 132 LEU A O   1 
ATOM   1042 C  CB  . LEU A 1 131 ? -6.165  8.477   -4.982  1.00 9.24  ? 132 LEU A CB  1 
ATOM   1043 C  CG  . LEU A 1 131 ? -6.047  8.760   -3.478  1.00 9.87  ? 132 LEU A CG  1 
ATOM   1044 C  CD1 . LEU A 1 131 ? -4.615  8.536   -3.016  1.00 9.61  ? 132 LEU A CD1 1 
ATOM   1045 C  CD2 . LEU A 1 131 ? -6.469  10.194  -3.189  1.00 10.59 ? 132 LEU A CD2 1 
ATOM   1046 N  N   . ALA A 1 132 ? -7.746  5.760   -5.292  1.00 11.76 ? 133 ALA A N   1 
ATOM   1047 C  CA  . ALA A 1 132 ? -8.636  4.760   -4.712  1.00 13.83 ? 133 ALA A CA  1 
ATOM   1048 C  C   . ALA A 1 132 ? -8.024  3.366   -4.844  1.00 12.70 ? 133 ALA A C   1 
ATOM   1049 O  O   . ALA A 1 132 ? -8.248  2.494   -4.004  1.00 13.18 ? 133 ALA A O   1 
ATOM   1050 C  CB  . ALA A 1 132 ? -9.997  4.803   -5.398  1.00 13.52 ? 133 ALA A CB  1 
ATOM   1051 N  N   . VAL A 1 133 ? -7.259  3.160   -5.908  1.00 11.53 ? 134 VAL A N   1 
ATOM   1052 C  CA  . VAL A 1 133 ? -6.612  1.873   -6.133  1.00 10.57 ? 134 VAL A CA  1 
ATOM   1053 C  C   . VAL A 1 133 ? -5.464  1.682   -5.137  1.00 8.81  ? 134 VAL A C   1 
ATOM   1054 O  O   . VAL A 1 133 ? -5.320  0.618   -4.543  1.00 8.88  ? 134 VAL A O   1 
ATOM   1055 C  CB  . VAL A 1 133 ? -6.051  1.768   -7.572  1.00 8.87  ? 134 VAL A CB  1 
ATOM   1056 C  CG1 . VAL A 1 133 ? -5.281  0.474   -7.732  1.00 8.87  ? 134 VAL A CG1 1 
ATOM   1057 C  CG2 . VAL A 1 133 ? -7.187  1.819   -8.582  1.00 8.47  ? 134 VAL A CG2 1 
ATOM   1058 N  N   . ALA A 1 134 ? -4.655  2.720   -4.954  1.00 8.34  ? 135 ALA A N   1 
ATOM   1059 C  CA  . ALA A 1 134 ? -3.527  2.648   -4.036  1.00 9.44  ? 135 ALA A CA  1 
ATOM   1060 C  C   . ALA A 1 134 ? -4.028  2.385   -2.626  1.00 10.54 ? 135 ALA A C   1 
ATOM   1061 O  O   . ALA A 1 134 ? -3.462  1.570   -1.899  1.00 11.95 ? 135 ALA A O   1 
ATOM   1062 C  CB  . ALA A 1 134 ? -2.724  3.952   -4.075  1.00 8.25  ? 135 ALA A CB  1 
ATOM   1063 N  N   . ILE A 1 135 ? -5.099  3.074   -2.243  1.00 10.41 ? 136 ILE A N   1 
ATOM   1064 C  CA  . ILE A 1 135 ? -5.660  2.902   -0.912  1.00 10.65 ? 136 ILE A CA  1 
ATOM   1065 C  C   . ILE A 1 135 ? -6.085  1.448   -0.687  1.00 10.56 ? 136 ILE A C   1 
ATOM   1066 O  O   . ILE A 1 135 ? -5.721  0.847   0.320   1.00 10.39 ? 136 ILE A O   1 
ATOM   1067 C  CB  . ILE A 1 135 ? -6.852  3.867   -0.694  1.00 11.57 ? 136 ILE A CB  1 
ATOM   1068 C  CG1 . ILE A 1 135 ? -6.319  5.302   -0.582  1.00 11.86 ? 136 ILE A CG1 1 
ATOM   1069 C  CG2 . ILE A 1 135 ? -7.635  3.487   0.560   1.00 11.94 ? 136 ILE A CG2 1 
ATOM   1070 C  CD1 . ILE A 1 135 ? -7.393  6.360   -0.439  1.00 11.44 ? 136 ILE A CD1 1 
ATOM   1071 N  N   . GLN A 1 136 ? -6.827  0.877   -1.629  1.00 9.11  ? 137 GLN A N   1 
ATOM   1072 C  CA  . GLN A 1 136 ? -7.280  -0.509  -1.503  1.00 7.88  ? 137 GLN A CA  1 
ATOM   1073 C  C   . GLN A 1 136 ? -6.104  -1.475  -1.492  1.00 8.23  ? 137 GLN A C   1 
ATOM   1074 O  O   . GLN A 1 136 ? -6.079  -2.421  -0.710  1.00 9.48  ? 137 GLN A O   1 
ATOM   1075 C  CB  . GLN A 1 136 ? -8.229  -0.872  -2.648  1.00 5.08  ? 137 GLN A CB  1 
ATOM   1076 C  CG  . GLN A 1 136 ? -9.555  -0.137  -2.592  1.00 6.87  ? 137 GLN A CG  1 
ATOM   1077 C  CD  . GLN A 1 136 ? -10.358 -0.280  -3.875  1.00 7.74  ? 137 GLN A CD  1 
ATOM   1078 O  OE1 . GLN A 1 136 ? -10.872 -1.352  -4.185  1.00 7.77  ? 137 GLN A OE1 1 
ATOM   1079 N  NE2 . GLN A 1 136 ? -10.454 0.806   -4.634  1.00 6.89  ? 137 GLN A NE2 1 
ATOM   1080 N  N   . HIS A 1 137 ? -5.132  -1.233  -2.367  1.00 8.41  ? 138 HIS A N   1 
ATOM   1081 C  CA  . HIS A 1 137 ? -3.947  -2.079  -2.442  1.00 7.86  ? 138 HIS A CA  1 
ATOM   1082 C  C   . HIS A 1 137 ? -3.209  -2.036  -1.109  1.00 8.20  ? 138 HIS A C   1 
ATOM   1083 O  O   . HIS A 1 137 ? -2.958  -3.071  -0.501  1.00 8.35  ? 138 HIS A O   1 
ATOM   1084 C  CB  . HIS A 1 137 ? -3.034  -1.590  -3.569  1.00 9.20  ? 138 HIS A CB  1 
ATOM   1085 C  CG  . HIS A 1 137 ? -1.751  -2.351  -3.706  1.00 9.26  ? 138 HIS A CG  1 
ATOM   1086 N  ND1 . HIS A 1 137 ? -1.458  -3.117  -4.813  1.00 5.96  ? 138 HIS A ND1 1 
ATOM   1087 C  CD2 . HIS A 1 137 ? -0.649  -2.394  -2.918  1.00 9.39  ? 138 HIS A CD2 1 
ATOM   1088 C  CE1 . HIS A 1 137 ? -0.231  -3.594  -4.706  1.00 8.72  ? 138 HIS A CE1 1 
ATOM   1089 N  NE2 . HIS A 1 137 ? 0.282   -3.170  -3.567  1.00 9.94  ? 138 HIS A NE2 1 
ATOM   1090 N  N   . GLU A 1 138 ? -2.881  -0.838  -0.637  1.00 7.81  ? 139 GLU A N   1 
ATOM   1091 C  CA  . GLU A 1 138 ? -2.153  -0.728  0.620   1.00 9.15  ? 139 GLU A CA  1 
ATOM   1092 C  C   . GLU A 1 138 ? -2.912  -1.330  1.798   1.00 10.74 ? 139 GLU A C   1 
ATOM   1093 O  O   . GLU A 1 138 ? -2.325  -2.052  2.607   1.00 10.91 ? 139 GLU A O   1 
ATOM   1094 C  CB  . GLU A 1 138 ? -1.789  0.729   0.911   1.00 7.44  ? 139 GLU A CB  1 
ATOM   1095 C  CG  . GLU A 1 138 ? -0.764  1.319   -0.057  1.00 9.05  ? 139 GLU A CG  1 
ATOM   1096 C  CD  . GLU A 1 138 ? 0.434   0.408   -0.286  1.00 11.90 ? 139 GLU A CD  1 
ATOM   1097 O  OE1 . GLU A 1 138 ? 0.879   -0.251  0.677   1.00 10.25 ? 139 GLU A OE1 1 
ATOM   1098 O  OE2 . GLU A 1 138 ? 0.942   0.362   -1.432  1.00 12.21 ? 139 GLU A OE2 1 
ATOM   1099 N  N   . ILE A 1 139 ? -4.209  -1.047  1.895   1.00 10.47 ? 140 ILE A N   1 
ATOM   1100 C  CA  . ILE A 1 139 ? -5.008  -1.591  2.981   1.00 10.70 ? 140 ILE A CA  1 
ATOM   1101 C  C   . ILE A 1 139 ? -5.005  -3.118  2.935   1.00 12.49 ? 140 ILE A C   1 
ATOM   1102 O  O   . ILE A 1 139 ? -5.028  -3.768  3.981   1.00 14.03 ? 140 ILE A O   1 
ATOM   1103 C  CB  . ILE A 1 139 ? -6.459  -1.035  2.953   1.00 10.13 ? 140 ILE A CB  1 
ATOM   1104 C  CG1 . ILE A 1 139 ? -6.463  0.373   3.550   1.00 8.97  ? 140 ILE A CG1 1 
ATOM   1105 C  CG2 . ILE A 1 139 ? -7.392  -1.925  3.755   1.00 8.05  ? 140 ILE A CG2 1 
ATOM   1106 C  CD1 . ILE A 1 139 ? -7.783  1.098   3.424   1.00 9.36  ? 140 ILE A CD1 1 
ATOM   1107 N  N   . ASP A 1 140 ? -4.960  -3.691  1.735   1.00 11.63 ? 141 ASP A N   1 
ATOM   1108 C  CA  . ASP A 1 140 ? -4.909  -5.148  1.612   1.00 10.10 ? 141 ASP A CA  1 
ATOM   1109 C  C   . ASP A 1 140 ? -3.664  -5.664  2.358   1.00 11.64 ? 141 ASP A C   1 
ATOM   1110 O  O   . ASP A 1 140 ? -3.718  -6.698  3.029   1.00 12.15 ? 141 ASP A O   1 
ATOM   1111 C  CB  . ASP A 1 140 ? -4.855  -5.582  0.138   1.00 8.74  ? 141 ASP A CB  1 
ATOM   1112 C  CG  . ASP A 1 140 ? -6.245  -5.826  -0.464  1.00 11.13 ? 141 ASP A CG  1 
ATOM   1113 O  OD1 . ASP A 1 140 ? -7.245  -5.762  0.275   1.00 10.32 ? 141 ASP A OD1 1 
ATOM   1114 O  OD2 . ASP A 1 140 ? -6.341  -6.096  -1.681  1.00 10.01 ? 141 ASP A OD2 1 
ATOM   1115 N  N   . HIS A 1 141 ? -2.549  -4.945  2.251   1.00 8.81  ? 142 HIS A N   1 
ATOM   1116 C  CA  . HIS A 1 141 ? -1.331  -5.360  2.950   1.00 10.74 ? 142 HIS A CA  1 
ATOM   1117 C  C   . HIS A 1 141 ? -1.543  -5.503  4.450   1.00 9.97  ? 142 HIS A C   1 
ATOM   1118 O  O   . HIS A 1 141 ? -1.013  -6.428  5.059   1.00 11.84 ? 142 HIS A O   1 
ATOM   1119 C  CB  . HIS A 1 141 ? -0.190  -4.374  2.714   1.00 10.39 ? 142 HIS A CB  1 
ATOM   1120 C  CG  . HIS A 1 141 ? 0.545   -4.596  1.432   1.00 10.00 ? 142 HIS A CG  1 
ATOM   1121 N  ND1 . HIS A 1 141 ? 1.130   -5.801  1.110   1.00 10.88 ? 142 HIS A ND1 1 
ATOM   1122 C  CD2 . HIS A 1 141 ? 0.803   -3.762  0.397   1.00 9.70  ? 142 HIS A CD2 1 
ATOM   1123 C  CE1 . HIS A 1 141 ? 1.717   -5.701  -0.070  1.00 9.29  ? 142 HIS A CE1 1 
ATOM   1124 N  NE2 . HIS A 1 141 ? 1.534   -4.474  -0.523  1.00 10.78 ? 142 HIS A NE2 1 
ATOM   1125 N  N   . LEU A 1 142 ? -2.317  -4.593  5.038   1.00 9.19  ? 143 LEU A N   1 
ATOM   1126 C  CA  . LEU A 1 142 ? -2.585  -4.630  6.478   1.00 10.44 ? 143 LEU A CA  1 
ATOM   1127 C  C   . LEU A 1 142 ? -3.300  -5.910  6.899   1.00 11.14 ? 143 LEU A C   1 
ATOM   1128 O  O   . LEU A 1 142 ? -3.242  -6.306  8.061   1.00 9.50  ? 143 LEU A O   1 
ATOM   1129 C  CB  . LEU A 1 142 ? -3.438  -3.431  6.910   1.00 10.97 ? 143 LEU A CB  1 
ATOM   1130 C  CG  . LEU A 1 142 ? -3.055  -2.018  6.458   1.00 12.79 ? 143 LEU A CG  1 
ATOM   1131 C  CD1 . LEU A 1 142 ? -3.809  -1.022  7.325   1.00 9.76  ? 143 LEU A CD1 1 
ATOM   1132 C  CD2 . LEU A 1 142 ? -1.553  -1.794  6.569   1.00 10.84 ? 143 LEU A CD2 1 
ATOM   1133 N  N   . ASN A 1 143 ? -3.978  -6.548  5.950   1.00 10.42 ? 144 ASN A N   1 
ATOM   1134 C  CA  . ASN A 1 143 ? -4.712  -7.778  6.220   1.00 10.43 ? 144 ASN A CA  1 
ATOM   1135 C  C   . ASN A 1 143 ? -3.988  -8.989  5.622   1.00 10.67 ? 144 ASN A C   1 
ATOM   1136 O  O   . ASN A 1 143 ? -4.585  -10.047 5.413   1.00 9.01  ? 144 ASN A O   1 
ATOM   1137 C  CB  . ASN A 1 143 ? -6.127  -7.659  5.641   1.00 11.37 ? 144 ASN A CB  1 
ATOM   1138 C  CG  . ASN A 1 143 ? -6.913  -6.510  6.256   1.00 12.50 ? 144 ASN A CG  1 
ATOM   1139 O  OD1 . ASN A 1 143 ? -7.740  -5.882  5.594   1.00 15.29 ? 144 ASN A OD1 1 
ATOM   1140 N  ND2 . ASN A 1 143 ? -6.665  -6.238  7.534   1.00 10.68 ? 144 ASN A ND2 1 
ATOM   1141 N  N   . GLY A 1 144 ? -2.700  -8.816  5.333   1.00 11.85 ? 145 GLY A N   1 
ATOM   1142 C  CA  . GLY A 1 144 ? -1.901  -9.894  4.771   1.00 11.37 ? 145 GLY A CA  1 
ATOM   1143 C  C   . GLY A 1 144 ? -2.290  -10.331 3.368   1.00 13.07 ? 145 GLY A C   1 
ATOM   1144 O  O   . GLY A 1 144 ? -2.101  -11.494 3.004   1.00 13.13 ? 145 GLY A O   1 
ATOM   1145 N  N   . VAL A 1 145 ? -2.814  -9.400  2.576   1.00 11.57 ? 146 VAL A N   1 
ATOM   1146 C  CA  . VAL A 1 145 ? -3.238  -9.691  1.207   1.00 11.93 ? 146 VAL A CA  1 
ATOM   1147 C  C   . VAL A 1 145 ? -2.373  -8.991  0.155   1.00 13.43 ? 146 VAL A C   1 
ATOM   1148 O  O   . VAL A 1 145 ? -2.148  -7.780  0.231   1.00 13.58 ? 146 VAL A O   1 
ATOM   1149 C  CB  . VAL A 1 145 ? -4.699  -9.253  0.980   1.00 11.16 ? 146 VAL A CB  1 
ATOM   1150 C  CG1 . VAL A 1 145 ? -5.106  -9.501  -0.472  1.00 12.44 ? 146 VAL A CG1 1 
ATOM   1151 C  CG2 . VAL A 1 145 ? -5.615  -10.007 1.926   1.00 12.30 ? 146 VAL A CG2 1 
ATOM   1152 N  N   . LEU A 1 146 ? -1.900  -9.757  -0.827  1.00 11.42 ? 147 LEU A N   1 
ATOM   1153 C  CA  . LEU A 1 146 ? -1.078  -9.220  -1.908  1.00 11.53 ? 147 LEU A CA  1 
ATOM   1154 C  C   . LEU A 1 146 ? -1.937  -9.188  -3.168  1.00 12.13 ? 147 LEU A C   1 
ATOM   1155 O  O   . LEU A 1 146 ? -2.832  -10.017 -3.328  1.00 11.19 ? 147 LEU A O   1 
ATOM   1156 C  CB  . LEU A 1 146 ? 0.146   -10.108 -2.146  1.00 12.54 ? 147 LEU A CB  1 
ATOM   1157 C  CG  . LEU A 1 146 ? 1.063   -10.354 -0.947  1.00 13.99 ? 147 LEU A CG  1 
ATOM   1158 C  CD1 . LEU A 1 146 ? 2.194   -11.276 -1.364  1.00 10.73 ? 147 LEU A CD1 1 
ATOM   1159 C  CD2 . LEU A 1 146 ? 1.606   -9.029  -0.422  1.00 11.52 ? 147 LEU A CD2 1 
ATOM   1160 N  N   . PHE A 1 147 ? -1.669  -8.245  -4.072  1.00 11.41 ? 148 PHE A N   1 
ATOM   1161 C  CA  . PHE A 1 147 ? -2.484  -8.160  -5.270  1.00 11.54 ? 148 PHE A CA  1 
ATOM   1162 C  C   . PHE A 1 147 ? -2.407  -9.414  -6.140  1.00 13.37 ? 148 PHE A C   1 
ATOM   1163 O  O   . PHE A 1 147 ? -3.328  -9.677  -6.910  1.00 13.30 ? 148 PHE A O   1 
ATOM   1164 C  CB  . PHE A 1 147 ? -2.139  -6.912  -6.097  1.00 12.79 ? 148 PHE A CB  1 
ATOM   1165 C  CG  . PHE A 1 147 ? -0.892  -7.038  -6.920  1.00 14.13 ? 148 PHE A CG  1 
ATOM   1166 C  CD1 . PHE A 1 147 ? 0.361   -6.861  -6.349  1.00 15.24 ? 148 PHE A CD1 1 
ATOM   1167 C  CD2 . PHE A 1 147 ? -0.976  -7.296  -8.282  1.00 14.64 ? 148 PHE A CD2 1 
ATOM   1168 C  CE1 . PHE A 1 147 ? 1.518   -6.932  -7.129  1.00 15.96 ? 148 PHE A CE1 1 
ATOM   1169 C  CE2 . PHE A 1 147 ? 0.171   -7.371  -9.071  1.00 16.61 ? 148 PHE A CE2 1 
ATOM   1170 C  CZ  . PHE A 1 147 ? 1.423   -7.185  -8.491  1.00 15.03 ? 148 PHE A CZ  1 
ATOM   1171 N  N   . VAL A 1 148 ? -1.329  -10.191 -6.029  1.00 12.14 ? 149 VAL A N   1 
ATOM   1172 C  CA  . VAL A 1 148 ? -1.250  -11.409 -6.830  1.00 14.08 ? 149 VAL A CA  1 
ATOM   1173 C  C   . VAL A 1 148 ? -2.283  -12.411 -6.327  1.00 16.91 ? 149 VAL A C   1 
ATOM   1174 O  O   . VAL A 1 148 ? -2.627  -13.351 -7.033  1.00 17.78 ? 149 VAL A O   1 
ATOM   1175 C  CB  . VAL A 1 148 ? 0.150   -12.081 -6.785  1.00 13.67 ? 149 VAL A CB  1 
ATOM   1176 C  CG1 . VAL A 1 148 ? 1.181   -11.199 -7.490  1.00 12.54 ? 149 VAL A CG1 1 
ATOM   1177 C  CG2 . VAL A 1 148 ? 0.552   -12.357 -5.351  1.00 12.09 ? 149 VAL A CG2 1 
ATOM   1178 N  N   . ASP A 1 149 ? -2.779  -12.207 -5.108  1.00 16.80 ? 150 ASP A N   1 
ATOM   1179 C  CA  . ASP A 1 149 ? -3.788  -13.100 -4.540  1.00 20.89 ? 150 ASP A CA  1 
ATOM   1180 C  C   . ASP A 1 149 ? -5.121  -12.903 -5.255  1.00 22.73 ? 150 ASP A C   1 
ATOM   1181 O  O   . ASP A 1 149 ? -5.933  -13.820 -5.341  1.00 24.51 ? 150 ASP A O   1 
ATOM   1182 C  CB  . ASP A 1 149 ? -4.018  -12.805 -3.053  1.00 17.31 ? 150 ASP A CB  1 
ATOM   1183 C  CG  . ASP A 1 149 ? -2.779  -12.989 -2.212  1.00 18.29 ? 150 ASP A CG  1 
ATOM   1184 O  OD1 . ASP A 1 149 ? -2.781  -12.495 -1.067  1.00 17.25 ? 150 ASP A OD1 1 
ATOM   1185 O  OD2 . ASP A 1 149 ? -1.814  -13.625 -2.678  1.00 19.20 ? 150 ASP A OD2 1 
ATOM   1186 N  N   . LYS A 1 150 ? -5.339  -11.694 -5.759  1.00 26.29 ? 151 LYS A N   1 
ATOM   1187 C  CA  . LYS A 1 150 ? -6.591  -11.351 -6.420  1.00 29.02 ? 151 LYS A CA  1 
ATOM   1188 C  C   . LYS A 1 150 ? -6.591  -11.545 -7.931  1.00 29.86 ? 151 LYS A C   1 
ATOM   1189 O  O   . LYS A 1 150 ? -7.462  -11.020 -8.618  1.00 31.00 ? 151 LYS A O   1 
ATOM   1190 C  CB  . LYS A 1 150 ? -6.946  -9.898  -6.099  1.00 30.09 ? 151 LYS A CB  1 
ATOM   1191 C  CG  . LYS A 1 150 ? -6.604  -9.489  -4.673  1.00 32.25 ? 151 LYS A CG  1 
ATOM   1192 C  CD  . LYS A 1 150 ? -6.963  -8.038  -4.404  1.00 33.53 ? 151 LYS A CD  1 
ATOM   1193 C  CE  . LYS A 1 150 ? -8.418  -7.894  -3.993  1.00 35.67 ? 151 LYS A CE  1 
ATOM   1194 N  NZ  . LYS A 1 150 ? -8.661  -8.470  -2.640  1.00 33.45 ? 151 LYS A NZ  1 
ATOM   1195 N  N   . LEU A 1 151 ? -5.627  -12.301 -8.450  1.00 30.84 ? 152 LEU A N   1 
ATOM   1196 C  CA  . LEU A 1 151 ? -5.543  -12.528 -9.890  1.00 32.41 ? 152 LEU A CA  1 
ATOM   1197 C  C   . LEU A 1 151 ? -6.458  -13.630 -10.401 1.00 33.87 ? 152 LEU A C   1 
ATOM   1198 O  O   . LEU A 1 151 ? -6.632  -14.663 -9.755  1.00 34.81 ? 152 LEU A O   1 
ATOM   1199 C  CB  . LEU A 1 151 ? -4.106  -12.848 -10.303 1.00 31.76 ? 152 LEU A CB  1 
ATOM   1200 C  CG  . LEU A 1 151 ? -3.078  -11.721 -10.192 1.00 30.88 ? 152 LEU A CG  1 
ATOM   1201 C  CD1 . LEU A 1 151 ? -1.763  -12.190 -10.792 1.00 30.90 ? 152 LEU A CD1 1 
ATOM   1202 C  CD2 . LEU A 1 151 ? -3.581  -10.486 -10.918 1.00 29.83 ? 152 LEU A CD2 1 
ATOM   1203 N  N   . SER A 1 152 ? -7.030  -13.405 -11.578 1.00 35.24 ? 153 SER A N   1 
ATOM   1204 C  CA  . SER A 1 152 ? -7.922  -14.375 -12.193 1.00 37.17 ? 153 SER A CA  1 
ATOM   1205 C  C   . SER A 1 152 ? -7.177  -15.672 -12.475 1.00 38.79 ? 153 SER A C   1 
ATOM   1206 O  O   . SER A 1 152 ? -5.955  -15.747 -12.331 1.00 38.99 ? 153 SER A O   1 
ATOM   1207 C  CB  . SER A 1 152 ? -8.490  -13.814 -13.498 1.00 36.51 ? 153 SER A CB  1 
ATOM   1208 O  OG  . SER A 1 152 ? -7.456  -13.556 -14.430 1.00 38.06 ? 153 SER A OG  1 
ATOM   1209 N  N   . ILE A 1 153 ? -7.923  -16.691 -12.879 1.00 39.96 ? 154 ILE A N   1 
ATOM   1210 C  CA  . ILE A 1 153 ? -7.357  -17.997 -13.187 1.00 41.79 ? 154 ILE A CA  1 
ATOM   1211 C  C   . ILE A 1 153 ? -6.170  -17.892 -14.140 1.00 43.12 ? 154 ILE A C   1 
ATOM   1212 O  O   . ILE A 1 153 ? -5.062  -18.332 -13.825 1.00 44.29 ? 154 ILE A O   1 
ATOM   1213 C  CB  . ILE A 1 153 ? -8.405  -18.901 -13.849 1.00 42.47 ? 154 ILE A CB  1 
ATOM   1214 C  CG1 . ILE A 1 153 ? -9.745  -18.765 -13.124 1.00 42.81 ? 154 ILE A CG1 1 
ATOM   1215 C  CG2 . ILE A 1 153 ? -7.927  -20.346 -13.825 1.00 43.25 ? 154 ILE A CG2 1 
ATOM   1216 C  CD1 . ILE A 1 153 ? -10.911 -19.369 -13.876 1.00 43.53 ? 154 ILE A CD1 1 
ATOM   1217 N  N   . LEU A 1 154 ? -6.413  -17.306 -15.308 1.00 43.31 ? 155 LEU A N   1 
ATOM   1218 C  CA  . LEU A 1 154 ? -5.387  -17.156 -16.336 1.00 43.83 ? 155 LEU A CA  1 
ATOM   1219 C  C   . LEU A 1 154 ? -4.168  -16.353 -15.891 1.00 43.12 ? 155 LEU A C   1 
ATOM   1220 O  O   . LEU A 1 154 ? -3.035  -16.826 -15.991 1.00 42.00 ? 155 LEU A O   1 
ATOM   1221 C  CB  . LEU A 1 154 ? -5.991  -16.507 -17.586 1.00 44.65 ? 155 LEU A CB  1 
ATOM   1222 C  CG  . LEU A 1 154 ? -5.045  -16.316 -18.777 1.00 45.73 ? 155 LEU A CG  1 
ATOM   1223 C  CD1 . LEU A 1 154 ? -4.531  -17.667 -19.249 1.00 45.68 ? 155 LEU A CD1 1 
ATOM   1224 C  CD2 . LEU A 1 154 ? -5.778  -15.602 -19.903 1.00 45.89 ? 155 LEU A CD2 1 
ATOM   1225 N  N   . LYS A 1 155 ? -4.407  -15.138 -15.408 1.00 42.22 ? 156 LYS A N   1 
ATOM   1226 C  CA  . LYS A 1 155 ? -3.330  -14.264 -14.964 1.00 41.54 ? 156 LYS A CA  1 
ATOM   1227 C  C   . LYS A 1 155 ? -2.465  -14.870 -13.861 1.00 41.46 ? 156 LYS A C   1 
ATOM   1228 O  O   . LYS A 1 155 ? -1.278  -14.560 -13.756 1.00 40.70 ? 156 LYS A O   1 
ATOM   1229 C  CB  . LYS A 1 155 ? -3.905  -12.923 -14.505 1.00 41.01 ? 156 LYS A CB  1 
ATOM   1230 C  CG  . LYS A 1 155 ? -4.586  -12.132 -15.620 1.00 40.83 ? 156 LYS A CG  1 
ATOM   1231 C  CD  . LYS A 1 155 ? -3.633  -11.878 -16.779 1.00 40.52 ? 156 LYS A CD  1 
ATOM   1232 C  CE  . LYS A 1 155 ? -4.291  -11.065 -17.880 1.00 41.47 ? 156 LYS A CE  1 
ATOM   1233 N  NZ  . LYS A 1 155 ? -3.366  -10.851 -19.029 1.00 41.15 ? 156 LYS A NZ  1 
ATOM   1234 N  N   . ARG A 1 156 ? -3.052  -15.737 -13.041 1.00 42.14 ? 157 ARG A N   1 
ATOM   1235 C  CA  . ARG A 1 156 ? -2.293  -16.364 -11.967 1.00 43.04 ? 157 ARG A CA  1 
ATOM   1236 C  C   . ARG A 1 156 ? -1.235  -17.269 -12.587 1.00 41.72 ? 157 ARG A C   1 
ATOM   1237 O  O   . ARG A 1 156 ? -0.118  -17.378 -12.081 1.00 41.29 ? 157 ARG A O   1 
ATOM   1238 C  CB  . ARG A 1 156 ? -3.214  -17.176 -11.052 1.00 44.81 ? 157 ARG A CB  1 
ATOM   1239 C  CG  . ARG A 1 156 ? -2.547  -17.626 -9.757  1.00 48.84 ? 157 ARG A CG  1 
ATOM   1240 C  CD  . ARG A 1 156 ? -3.555  -18.176 -8.747  1.00 52.94 ? 157 ARG A CD  1 
ATOM   1241 N  NE  . ARG A 1 156 ? -3.521  -19.634 -8.648  1.00 55.96 ? 157 ARG A NE  1 
ATOM   1242 C  CZ  . ARG A 1 156 ? -3.929  -20.467 -9.601  1.00 57.76 ? 157 ARG A CZ  1 
ATOM   1243 N  NH1 . ARG A 1 156 ? -4.414  -19.994 -10.743 1.00 58.38 ? 157 ARG A NH1 1 
ATOM   1244 N  NH2 . ARG A 1 156 ? -3.847  -21.779 -9.412  1.00 57.77 ? 157 ARG A NH2 1 
ATOM   1245 N  N   . LYS A 1 157 ? -1.596  -17.905 -13.695 1.00 40.33 ? 158 LYS A N   1 
ATOM   1246 C  CA  . LYS A 1 157 ? -0.683  -18.795 -14.397 1.00 38.89 ? 158 LYS A CA  1 
ATOM   1247 C  C   . LYS A 1 157 ? 0.456   -17.974 -14.989 1.00 36.66 ? 158 LYS A C   1 
ATOM   1248 O  O   . LYS A 1 157 ? 1.618   -18.371 -14.931 1.00 35.33 ? 158 LYS A O   1 
ATOM   1249 C  CB  . LYS A 1 157 ? -1.429  -19.538 -15.508 1.00 40.77 ? 158 LYS A CB  1 
ATOM   1250 C  CG  . LYS A 1 157 ? -2.727  -20.214 -15.068 1.00 43.02 ? 158 LYS A CG  1 
ATOM   1251 C  CD  . LYS A 1 157 ? -2.499  -21.312 -14.030 1.00 45.76 ? 158 LYS A CD  1 
ATOM   1252 C  CE  . LYS A 1 157 ? -2.257  -20.747 -12.633 1.00 46.97 ? 158 LYS A CE  1 
ATOM   1253 N  NZ  . LYS A 1 157 ? -1.946  -21.811 -11.637 1.00 47.12 ? 158 LYS A NZ  1 
ATOM   1254 N  N   . LYS A 1 158 ? 0.111   -16.824 -15.560 1.00 35.66 ? 159 LYS A N   1 
ATOM   1255 C  CA  . LYS A 1 158 ? 1.098   -15.929 -16.155 1.00 34.05 ? 159 LYS A CA  1 
ATOM   1256 C  C   . LYS A 1 158 ? 2.097   -15.507 -15.076 1.00 32.64 ? 159 LYS A C   1 
ATOM   1257 O  O   . LYS A 1 158 ? 3.296   -15.415 -15.336 1.00 32.02 ? 159 LYS A O   1 
ATOM   1258 C  CB  . LYS A 1 158 ? 0.391   -14.702 -16.748 1.00 35.22 ? 159 LYS A CB  1 
ATOM   1259 C  CG  . LYS A 1 158 ? 1.300   -13.662 -17.402 1.00 35.00 ? 159 LYS A CG  1 
ATOM   1260 C  CD  . LYS A 1 158 ? 0.466   -12.547 -18.045 1.00 34.94 ? 159 LYS A CD  1 
ATOM   1261 C  CE  . LYS A 1 158 ? 1.327   -11.453 -18.669 1.00 33.87 ? 159 LYS A CE  1 
ATOM   1262 N  NZ  . LYS A 1 158 ? 2.068   -10.645 -17.660 1.00 34.18 ? 159 LYS A NZ  1 
ATOM   1263 N  N   . PHE A 1 159 ? 1.596   -15.271 -13.865 1.00 31.92 ? 160 PHE A N   1 
ATOM   1264 C  CA  . PHE A 1 159 ? 2.442   -14.869 -12.741 1.00 31.36 ? 160 PHE A CA  1 
ATOM   1265 C  C   . PHE A 1 159 ? 3.438   -15.962 -12.401 1.00 32.02 ? 160 PHE A C   1 
ATOM   1266 O  O   . PHE A 1 159 ? 4.615   -15.694 -12.177 1.00 31.26 ? 160 PHE A O   1 
ATOM   1267 C  CB  . PHE A 1 159 ? 1.598   -14.573 -11.498 1.00 29.34 ? 160 PHE A CB  1 
ATOM   1268 C  CG  . PHE A 1 159 ? 2.416   -14.278 -10.272 1.00 26.91 ? 160 PHE A CG  1 
ATOM   1269 C  CD1 . PHE A 1 159 ? 2.142   -14.914 -9.067  1.00 26.45 ? 160 PHE A CD1 1 
ATOM   1270 C  CD2 . PHE A 1 159 ? 3.467   -13.365 -10.321 1.00 26.28 ? 160 PHE A CD2 1 
ATOM   1271 C  CE1 . PHE A 1 159 ? 2.904   -14.646 -7.928  1.00 25.21 ? 160 PHE A CE1 1 
ATOM   1272 C  CE2 . PHE A 1 159 ? 4.234   -13.089 -9.189  1.00 24.44 ? 160 PHE A CE2 1 
ATOM   1273 C  CZ  . PHE A 1 159 ? 3.951   -13.731 -7.991  1.00 23.27 ? 160 PHE A CZ  1 
ATOM   1274 N  N   . GLU A 1 160 ? 2.954   -17.198 -12.351 1.00 33.52 ? 161 GLU A N   1 
ATOM   1275 C  CA  . GLU A 1 160 ? 3.806   -18.337 -12.040 1.00 35.11 ? 161 GLU A CA  1 
ATOM   1276 C  C   . GLU A 1 160 ? 4.865   -18.523 -13.130 1.00 35.10 ? 161 GLU A C   1 
ATOM   1277 O  O   . GLU A 1 160 ? 6.026   -18.816 -12.840 1.00 33.70 ? 161 GLU A O   1 
ATOM   1278 C  CB  . GLU A 1 160 ? 2.945   -19.594 -11.897 1.00 37.06 ? 161 GLU A CB  1 
ATOM   1279 C  CG  . GLU A 1 160 ? 1.779   -19.401 -10.936 1.00 41.81 ? 161 GLU A CG  1 
ATOM   1280 C  CD  . GLU A 1 160 ? 0.960   -20.661 -10.728 1.00 45.65 ? 161 GLU A CD  1 
ATOM   1281 O  OE1 . GLU A 1 160 ? 0.612   -21.324 -11.728 1.00 48.46 ? 161 GLU A OE1 1 
ATOM   1282 O  OE2 . GLU A 1 160 ? 0.653   -20.981 -9.560  1.00 47.34 ? 161 GLU A OE2 1 
ATOM   1283 N  N   . LYS A 1 161 ? 4.464   -18.342 -14.385 1.00 35.34 ? 162 LYS A N   1 
ATOM   1284 C  CA  . LYS A 1 161 ? 5.391   -18.474 -15.508 1.00 36.44 ? 162 LYS A CA  1 
ATOM   1285 C  C   . LYS A 1 161 ? 6.508   -17.439 -15.376 1.00 36.90 ? 162 LYS A C   1 
ATOM   1286 O  O   . LYS A 1 161 ? 7.692   -17.777 -15.417 1.00 36.39 ? 162 LYS A O   1 
ATOM   1287 C  CB  . LYS A 1 161 ? 4.658   -18.253 -16.832 1.00 36.14 ? 162 LYS A CB  1 
ATOM   1288 C  CG  . LYS A 1 161 ? 5.560   -18.301 -18.057 1.00 36.19 ? 162 LYS A CG  1 
ATOM   1289 C  CD  . LYS A 1 161 ? 4.865   -17.705 -19.270 1.00 37.04 ? 162 LYS A CD  1 
ATOM   1290 C  CE  . LYS A 1 161 ? 4.615   -16.215 -19.083 1.00 38.15 ? 162 LYS A CE  1 
ATOM   1291 N  NZ  . LYS A 1 161 ? 3.787   -15.634 -20.178 1.00 38.97 ? 162 LYS A NZ  1 
ATOM   1292 N  N   . GLU A 1 162 ? 6.116   -16.178 -15.222 1.00 37.51 ? 163 GLU A N   1 
ATOM   1293 C  CA  . GLU A 1 162 ? 7.070   -15.083 -15.083 1.00 40.00 ? 163 GLU A CA  1 
ATOM   1294 C  C   . GLU A 1 162 ? 7.889   -15.212 -13.804 1.00 41.74 ? 163 GLU A C   1 
ATOM   1295 O  O   . GLU A 1 162 ? 9.023   -14.740 -13.733 1.00 41.15 ? 163 GLU A O   1 
ATOM   1296 C  CB  . GLU A 1 162 ? 6.335   -13.738 -15.115 1.00 38.28 ? 163 GLU A CB  1 
ATOM   1297 C  CG  . GLU A 1 162 ? 5.865   -13.337 -16.512 1.00 37.31 ? 163 GLU A CG  1 
ATOM   1298 C  CD  . GLU A 1 162 ? 5.004   -12.085 -16.516 1.00 36.23 ? 163 GLU A CD  1 
ATOM   1299 O  OE1 . GLU A 1 162 ? 5.384   -11.092 -15.865 1.00 35.51 ? 163 GLU A OE1 1 
ATOM   1300 O  OE2 . GLU A 1 162 ? 3.950   -12.091 -17.183 1.00 35.80 ? 163 GLU A OE2 1 
ATOM   1301 N  N   . LEU A 1 163 ? 7.313   -15.853 -12.794 1.00 45.42 ? 164 LEU A N   1 
ATOM   1302 C  CA  . LEU A 1 163 ? 8.011   -16.057 -11.533 1.00 49.06 ? 164 LEU A CA  1 
ATOM   1303 C  C   . LEU A 1 163 ? 9.118   -17.072 -11.800 1.00 51.57 ? 164 LEU A C   1 
ATOM   1304 O  O   . LEU A 1 163 ? 10.263  -16.872 -11.399 1.00 51.76 ? 164 LEU A O   1 
ATOM   1305 C  CB  . LEU A 1 163 ? 7.045   -16.588 -10.469 1.00 49.96 ? 164 LEU A CB  1 
ATOM   1306 C  CG  . LEU A 1 163 ? 7.513   -16.623 -9.007  1.00 50.50 ? 164 LEU A CG  1 
ATOM   1307 C  CD1 . LEU A 1 163 ? 6.342   -17.010 -8.117  1.00 50.26 ? 164 LEU A CD1 1 
ATOM   1308 C  CD2 . LEU A 1 163 ? 8.662   -17.608 -8.836  1.00 50.89 ? 164 LEU A CD2 1 
ATOM   1309 N  N   . LYS A 1 164 ? 8.770   -18.161 -12.480 1.00 54.54 ? 165 LYS A N   1 
ATOM   1310 C  CA  . LYS A 1 164 ? 9.748   -19.191 -12.813 1.00 58.11 ? 165 LYS A CA  1 
ATOM   1311 C  C   . LYS A 1 164 ? 10.775  -18.607 -13.774 1.00 60.48 ? 165 LYS A C   1 
ATOM   1312 O  O   . LYS A 1 164 ? 11.881  -19.127 -13.914 1.00 61.05 ? 165 LYS A O   1 
ATOM   1313 C  CB  . LYS A 1 164 ? 9.069   -20.390 -13.479 1.00 57.76 ? 165 LYS A CB  1 
ATOM   1314 C  CG  . LYS A 1 164 ? 8.221   -21.250 -12.560 1.00 57.98 ? 165 LYS A CG  1 
ATOM   1315 C  CD  . LYS A 1 164 ? 7.688   -22.462 -13.316 1.00 58.01 ? 165 LYS A CD  1 
ATOM   1316 C  CE  . LYS A 1 164 ? 6.932   -23.417 -12.407 1.00 57.50 ? 165 LYS A CE  1 
ATOM   1317 N  NZ  . LYS A 1 164 ? 6.447   -24.609 -13.158 1.00 56.86 ? 165 LYS A NZ  1 
ATOM   1318 N  N   . GLU A 1 165 ? 10.395  -17.521 -14.437 1.00 63.51 ? 166 GLU A N   1 
ATOM   1319 C  CA  . GLU A 1 165 ? 11.264  -16.859 -15.397 1.00 65.77 ? 166 GLU A CA  1 
ATOM   1320 C  C   . GLU A 1 165 ? 12.457  -16.208 -14.707 1.00 66.13 ? 166 GLU A C   1 
ATOM   1321 O  O   . GLU A 1 165 ? 13.587  -16.296 -15.187 1.00 66.32 ? 166 GLU A O   1 
ATOM   1322 C  CB  . GLU A 1 165 ? 10.473  -15.806 -16.174 1.00 67.99 ? 166 GLU A CB  1 
ATOM   1323 C  CG  . GLU A 1 165 ? 11.189  -15.293 -17.402 1.00 71.41 ? 166 GLU A CG  1 
ATOM   1324 C  CD  . GLU A 1 165 ? 11.583  -16.416 -18.337 1.00 73.90 ? 166 GLU A CD  1 
ATOM   1325 O  OE1 . GLU A 1 165 ? 10.687  -17.177 -18.760 1.00 75.26 ? 166 GLU A OE1 1 
ATOM   1326 O  OE2 . GLU A 1 165 ? 12.788  -16.540 -18.645 1.00 75.71 ? 166 GLU A OE2 1 
ATOM   1327 N  N   . LEU A 1 166 ? 12.203  -15.552 -13.579 1.00 65.76 ? 167 LEU A N   1 
ATOM   1328 C  CA  . LEU A 1 166 ? 13.267  -14.898 -12.829 1.00 65.96 ? 167 LEU A CA  1 
ATOM   1329 C  C   . LEU A 1 166 ? 14.184  -15.964 -12.232 1.00 65.74 ? 167 LEU A C   1 
ATOM   1330 O  O   . LEU A 1 166 ? 15.385  -15.968 -12.572 1.00 65.94 ? 167 LEU A O   1 
ATOM   1331 C  CB  . LEU A 1 166 ? 12.672  -14.034 -11.713 1.00 66.04 ? 167 LEU A CB  1 
ATOM   1332 C  CG  . LEU A 1 166 ? 13.574  -12.986 -11.049 1.00 66.87 ? 167 LEU A CG  1 
ATOM   1333 C  CD1 . LEU A 1 166 ? 12.753  -12.189 -10.048 1.00 67.15 ? 167 LEU A CD1 1 
ATOM   1334 C  CD2 . LEU A 1 166 ? 14.757  -13.649 -10.360 1.00 67.34 ? 167 LEU A CD2 1 
HETATM 1335 CO CO  . CO  B 2 .   ? 2.073   -3.326  -2.268  1.00 13.81 ? 300 CO  A CO  1 
HETATM 1336 C  C2  . Y12 C 3 .   ? -1.572  1.325   -8.401  1.00 21.48 ? 200 Y12 A C2  1 
HETATM 1337 C  C3  . Y12 C 3 .   ? -1.064  2.368   -7.577  1.00 23.49 ? 200 Y12 A C3  1 
HETATM 1338 C  C4  . Y12 C 3 .   ? -0.365  2.053   -6.377  1.00 24.33 ? 200 Y12 A C4  1 
HETATM 1339 C  C5  . Y12 C 3 .   ? -0.168  0.699   -5.987  1.00 23.92 ? 200 Y12 A C5  1 
HETATM 1340 C  C7  . Y12 C 3 .   ? 0.597   0.378   -4.692  1.00 24.56 ? 200 Y12 A C7  1 
HETATM 1341 C  C8  . Y12 C 3 .   ? 2.036   0.907   -4.829  1.00 23.27 ? 200 Y12 A C8  1 
HETATM 1342 N  N9  . Y12 C 3 .   ? 2.903   0.046   -5.659  1.00 21.10 ? 200 Y12 A N9  1 
HETATM 1343 C  C10 . Y12 C 3 .   ? 4.189   0.448   -5.876  1.00 19.80 ? 200 Y12 A C10 1 
HETATM 1344 O  O27 . Y12 C 3 .   ? 4.588   1.514   -5.382  1.00 13.85 ? 200 Y12 A O27 1 
HETATM 1345 C  C11 . Y12 C 3 .   ? 5.133   -0.384  -6.694  1.00 20.90 ? 200 Y12 A C11 1 
HETATM 1346 C  C12 . Y12 C 3 .   ? 6.431   -0.021  -6.952  1.00 27.29 ? 200 Y12 A C12 1 
HETATM 1347 C  C13 . Y12 C 3 .   ? 7.511   -0.858  -7.683  1.00 30.85 ? 200 Y12 A C13 1 
HETATM 1348 C  C18 . Y12 C 3 .   ? 8.900   -0.504  -7.588  1.00 32.88 ? 200 Y12 A C18 1 
HETATM 1349 C  C17 . Y12 C 3 .   ? 9.927   -1.291  -8.202  1.00 35.26 ? 200 Y12 A C17 1 
HETATM 1350 O  O23 . Y12 C 3 .   ? 11.293  -0.887  -8.062  1.00 39.02 ? 200 Y12 A O23 1 
HETATM 1351 C  C24 . Y12 C 3 .   ? 12.146  -1.482  -7.160  1.00 39.45 ? 200 Y12 A C24 1 
HETATM 1352 O  O26 . Y12 C 3 .   ? 11.858  -2.413  -6.383  1.00 41.49 ? 200 Y12 A O26 1 
HETATM 1353 C  C25 . Y12 C 3 .   ? 13.524  -0.907  -7.170  1.00 37.08 ? 200 Y12 A C25 1 
HETATM 1354 C  C16 . Y12 C 3 .   ? 9.571   -2.472  -8.938  1.00 35.76 ? 200 Y12 A C16 1 
HETATM 1355 O  O19 . Y12 C 3 .   ? 10.591  -3.283  -9.532  1.00 37.59 ? 200 Y12 A O19 1 
HETATM 1356 C  C20 . Y12 C 3 .   ? 10.935  -3.155  -10.834 1.00 37.65 ? 200 Y12 A C20 1 
HETATM 1357 O  O22 . Y12 C 3 .   ? 10.434  -2.362  -11.608 1.00 40.18 ? 200 Y12 A O22 1 
HETATM 1358 C  C21 . Y12 C 3 .   ? 12.014  -4.088  -11.283 1.00 37.82 ? 200 Y12 A C21 1 
HETATM 1359 C  C15 . Y12 C 3 .   ? 8.173   -2.843  -9.057  1.00 33.61 ? 200 Y12 A C15 1 
HETATM 1360 C  C14 . Y12 C 3 .   ? 7.154   -2.034  -8.424  1.00 31.44 ? 200 Y12 A C14 1 
HETATM 1361 C  C6  . Y12 C 3 .   ? -0.680  -0.344  -6.812  1.00 23.80 ? 200 Y12 A C6  1 
HETATM 1362 C  C1  . Y12 C 3 .   ? -1.379  -0.025  -8.017  1.00 22.54 ? 200 Y12 A C1  1 
HETATM 1363 O  O   . HOH D 4 .   ? 0.131   -6.755  7.704   1.00 7.44  ? 301 HOH A O   1 
HETATM 1364 O  O   . HOH D 4 .   ? -7.287  0.021   10.638  1.00 17.78 ? 302 HOH A O   1 
HETATM 1365 O  O   . HOH D 4 .   ? 0.956   -7.728  2.902   1.00 8.74  ? 303 HOH A O   1 
HETATM 1366 O  O   . HOH D 4 .   ? -12.467 13.595  0.540   1.00 5.60  ? 304 HOH A O   1 
HETATM 1367 O  O   . HOH D 4 .   ? -1.661  -5.612  -1.392  1.00 6.58  ? 305 HOH A O   1 
HETATM 1368 O  O   . HOH D 4 .   ? 1.145   -3.072  7.583   1.00 8.20  ? 306 HOH A O   1 
HETATM 1369 O  O   . HOH D 4 .   ? -3.837  -6.575  -2.851  1.00 6.98  ? 307 HOH A O   1 
HETATM 1370 O  O   . HOH D 4 .   ? -8.721  16.088  11.706  1.00 14.13 ? 308 HOH A O   1 
HETATM 1371 O  O   . HOH D 4 .   ? 0.400   -6.226  -3.122  1.00 7.45  ? 309 HOH A O   1 
HETATM 1372 O  O   . HOH D 4 .   ? -6.558  9.526   -8.074  1.00 29.02 ? 310 HOH A O   1 
HETATM 1373 O  O   . HOH D 4 .   ? -4.088  12.972  5.859   1.00 13.22 ? 311 HOH A O   1 
HETATM 1374 O  O   . HOH D 4 .   ? -12.760 -1.333  6.763   1.00 14.07 ? 312 HOH A O   1 
HETATM 1375 O  O   . HOH D 4 .   ? 6.328   9.192   6.011   1.00 15.59 ? 313 HOH A O   1 
HETATM 1376 O  O   . HOH D 4 .   ? -10.010 -3.893  -3.221  1.00 10.61 ? 314 HOH A O   1 
HETATM 1377 O  O   . HOH D 4 .   ? 15.121  8.161   -0.347  1.00 15.61 ? 315 HOH A O   1 
HETATM 1378 O  O   . HOH D 4 .   ? 0.107   12.290  8.986   1.00 22.40 ? 316 HOH A O   1 
HETATM 1379 O  O   . HOH D 4 .   ? -0.374  11.428  -3.182  1.00 25.45 ? 317 HOH A O   1 
HETATM 1380 O  O   . HOH D 4 .   ? -8.316  -6.193  2.892   1.00 20.24 ? 318 HOH A O   1 
HETATM 1381 O  O   . HOH D 4 .   ? 14.276  1.085   -0.720  1.00 18.02 ? 319 HOH A O   1 
HETATM 1382 O  O   . HOH D 4 .   ? 10.812  11.170  15.536  1.00 25.79 ? 320 HOH A O   1 
HETATM 1383 O  O   . HOH D 4 .   ? 8.474   -17.068 5.007   1.00 23.36 ? 321 HOH A O   1 
HETATM 1384 O  O   . HOH D 4 .   ? -8.947  -9.264  -9.576  1.00 35.29 ? 322 HOH A O   1 
HETATM 1385 O  O   . HOH D 4 .   ? 0.969   1.894   19.045  1.00 23.86 ? 323 HOH A O   1 
HETATM 1386 O  O   . HOH D 4 .   ? 15.028  -3.331  0.498   1.00 21.08 ? 324 HOH A O   1 
HETATM 1387 O  O   . HOH D 4 .   ? 7.457   13.745  16.710  1.00 27.15 ? 325 HOH A O   1 
HETATM 1388 O  O   . HOH D 4 .   ? -5.277  -4.394  16.057  1.00 23.80 ? 326 HOH A O   1 
HETATM 1389 O  O   . HOH D 4 .   ? 9.628   6.947   -5.596  1.00 23.09 ? 327 HOH A O   1 
HETATM 1390 O  O   . HOH D 4 .   ? -0.973  13.126  20.833  1.00 43.21 ? 328 HOH A O   1 
HETATM 1391 O  O   . HOH D 4 .   ? -11.915 -1.143  -16.229 1.00 18.61 ? 329 HOH A O   1 
HETATM 1392 O  O   . HOH D 4 .   ? -1.826  11.690  6.494   1.00 23.14 ? 330 HOH A O   1 
HETATM 1393 O  O   . HOH D 4 .   ? 5.202   3.603   22.062  1.00 35.57 ? 331 HOH A O   1 
HETATM 1394 O  O   . HOH D 4 .   ? -9.767  -3.579  6.170   1.00 17.38 ? 332 HOH A O   1 
HETATM 1395 O  O   . HOH D 4 .   ? 10.506  10.452  -6.066  1.00 29.69 ? 333 HOH A O   1 
HETATM 1396 O  O   . HOH D 4 .   ? 4.413   -13.626 0.413   1.00 23.23 ? 334 HOH A O   1 
HETATM 1397 O  O   . HOH D 4 .   ? 5.447   2.187   16.720  1.00 18.64 ? 335 HOH A O   1 
HETATM 1398 O  O   . HOH D 4 .   ? -8.914  -1.708  7.900   1.00 29.72 ? 336 HOH A O   1 
HETATM 1399 O  O   . HOH D 4 .   ? 4.722   4.144   18.772  1.00 18.57 ? 337 HOH A O   1 
HETATM 1400 O  O   . HOH D 4 .   ? 11.570  10.870  5.348   1.00 23.29 ? 338 HOH A O   1 
HETATM 1401 O  O   . HOH D 4 .   ? -4.301  -13.968 0.530   1.00 23.38 ? 339 HOH A O   1 
HETATM 1402 O  O   . HOH D 4 .   ? 12.853  -3.836  7.500   1.00 22.43 ? 340 HOH A O   1 
HETATM 1403 O  O   . HOH D 4 .   ? 12.286  -10.806 1.673   1.00 18.97 ? 341 HOH A O   1 
HETATM 1404 O  O   . HOH D 4 .   ? -20.596 1.661   0.041   1.00 31.93 ? 342 HOH A O   1 
HETATM 1405 O  O   . HOH D 4 .   ? 17.752  0.736   8.970   1.00 30.93 ? 343 HOH A O   1 
HETATM 1406 O  O   . HOH D 4 .   ? 7.920   11.516  6.469   1.00 33.32 ? 344 HOH A O   1 
HETATM 1407 O  O   . HOH D 4 .   ? 9.173   14.116  11.250  1.00 42.53 ? 345 HOH A O   1 
HETATM 1408 O  O   . HOH D 4 .   ? -3.266  -2.407  19.052  1.00 31.38 ? 346 HOH A O   1 
HETATM 1409 O  O   . HOH D 4 .   ? -9.590  14.041  15.789  1.00 33.92 ? 347 HOH A O   1 
HETATM 1410 O  O   . HOH D 4 .   ? -17.493 4.866   -14.100 1.00 28.58 ? 348 HOH A O   1 
HETATM 1411 O  O   . HOH D 4 .   ? -4.282  0.274   -15.046 1.00 35.75 ? 349 HOH A O   1 
HETATM 1412 O  O   . HOH D 4 .   ? 15.918  4.543   11.735  1.00 34.58 ? 350 HOH A O   1 
HETATM 1413 O  O   . HOH D 4 .   ? 10.285  12.883  -2.059  1.00 24.14 ? 351 HOH A O   1 
HETATM 1414 O  O   . HOH D 4 .   ? -19.482 2.724   -11.053 1.00 35.36 ? 352 HOH A O   1 
HETATM 1415 O  O   . HOH D 4 .   ? 8.598   19.110  -3.032  1.00 38.08 ? 353 HOH A O   1 
HETATM 1416 O  O   . HOH D 4 .   ? 15.319  -0.879  1.160   1.00 32.86 ? 354 HOH A O   1 
HETATM 1417 O  O   . HOH D 4 .   ? -10.896 -5.900  -4.603  1.00 40.44 ? 355 HOH A O   1 
HETATM 1418 O  O   . HOH D 4 .   ? -10.060 -4.482  2.758   1.00 20.16 ? 356 HOH A O   1 
HETATM 1419 O  O   . HOH D 4 .   ? 3.002   -16.363 0.571   1.00 30.94 ? 357 HOH A O   1 
HETATM 1420 O  O   . HOH D 4 .   ? 14.169  -8.604  2.260   1.00 41.67 ? 358 HOH A O   1 
HETATM 1421 O  O   . HOH D 4 .   ? 13.984  8.688   7.775   1.00 25.41 ? 359 HOH A O   1 
HETATM 1422 O  O   . HOH D 4 .   ? -0.380  10.401  -10.067 1.00 37.75 ? 360 HOH A O   1 
HETATM 1423 O  O   . HOH D 4 .   ? -18.919 -2.844  -6.515  1.00 47.65 ? 361 HOH A O   1 
HETATM 1424 O  O   . HOH D 4 .   ? -2.219  12.931  -4.233  1.00 34.29 ? 362 HOH A O   1 
HETATM 1425 O  O   . HOH D 4 .   ? 11.587  12.339  -4.523  1.00 24.70 ? 363 HOH A O   1 
HETATM 1426 O  O   . HOH D 4 .   ? 8.302   14.365  8.316   1.00 45.19 ? 364 HOH A O   1 
HETATM 1427 O  O   . HOH D 4 .   ? 11.208  0.426   14.484  1.00 31.50 ? 365 HOH A O   1 
HETATM 1428 O  O   . HOH D 4 .   ? -14.368 5.820   -12.341 1.00 28.34 ? 366 HOH A O   1 
HETATM 1429 O  O   . HOH D 4 .   ? 12.269  13.103  3.155   1.00 44.71 ? 367 HOH A O   1 
HETATM 1430 O  O   . HOH D 4 .   ? 16.115  9.187   -2.603  1.00 27.93 ? 368 HOH A O   1 
HETATM 1431 O  O   . HOH D 4 .   ? -0.800  14.755  8.030   1.00 58.34 ? 369 HOH A O   1 
HETATM 1432 O  O   . HOH D 4 .   ? 4.329   6.689   23.665  1.00 32.60 ? 370 HOH A O   1 
HETATM 1433 O  O   . HOH D 4 .   ? 1.408   13.283  18.403  1.00 38.96 ? 371 HOH A O   1 
HETATM 1434 O  O   . HOH D 4 .   ? -12.274 5.793   -10.450 1.00 46.11 ? 372 HOH A O   1 
HETATM 1435 O  O   . HOH D 4 .   ? -6.257  2.413   -16.311 1.00 37.02 ? 373 HOH A O   1 
HETATM 1436 O  O   . HOH D 4 .   ? 2.599   2.461   17.272  1.00 49.37 ? 374 HOH A O   1 
HETATM 1437 O  O   . HOH D 4 .   ? 12.049  8.115   -6.486  1.00 34.19 ? 375 HOH A O   1 
HETATM 1438 O  O   . HOH D 4 .   ? 13.418  11.073  2.252   1.00 53.48 ? 376 HOH A O   1 
HETATM 1439 O  O   . HOH D 4 .   ? 11.658  0.082   11.991  1.00 33.65 ? 377 HOH A O   1 
HETATM 1440 O  O   . HOH D 4 .   ? 1.969   -7.907  -17.951 1.00 34.06 ? 378 HOH A O   1 
HETATM 1441 O  O   . HOH D 4 .   ? -21.998 -0.969  -0.649  1.00 38.28 ? 379 HOH A O   1 
HETATM 1442 O  O   . HOH D 4 .   ? -14.037 8.195   -13.938 1.00 53.60 ? 380 HOH A O   1 
HETATM 1443 O  O   . HOH D 4 .   ? -5.996  3.517   18.320  1.00 35.92 ? 381 HOH A O   1 
HETATM 1444 O  O   . HOH D 4 .   ? -8.481  11.652  17.890  1.00 40.25 ? 382 HOH A O   1 
HETATM 1445 O  O   . HOH D 4 .   ? 6.321   14.527  13.035  1.00 31.13 ? 383 HOH A O   1 
HETATM 1446 O  O   . HOH D 4 .   ? 12.122  -2.734  12.903  1.00 47.58 ? 384 HOH A O   1 
HETATM 1447 O  O   . HOH D 4 .   ? -3.311  15.734  7.102   1.00 35.97 ? 385 HOH A O   1 
HETATM 1448 O  O   . HOH D 4 .   ? -9.585  -6.464  -1.067  1.00 35.55 ? 386 HOH A O   1 
HETATM 1449 O  O   . HOH D 4 .   ? -17.242 -3.014  0.217   1.00 36.71 ? 387 HOH A O   1 
HETATM 1450 O  O   . HOH D 4 .   ? -3.588  6.010   -13.787 1.00 38.06 ? 388 HOH A O   1 
HETATM 1451 O  O   . HOH D 4 .   ? 12.211  3.165   12.246  1.00 32.21 ? 389 HOH A O   1 
HETATM 1452 O  O   . HOH D 4 .   ? 9.961   13.592  15.553  1.00 49.01 ? 390 HOH A O   1 
HETATM 1453 O  O   . HOH D 4 .   ? 5.464   -5.108  -8.993  1.00 9.57  ? 391 HOH A O   1 
HETATM 1454 O  O   . HOH D 4 .   ? 4.882   -1.167  -2.836  1.00 12.55 ? 392 HOH A O   1 
HETATM 1455 O  O   . HOH D 4 .   ? -18.953 11.559  4.079   1.00 36.45 ? 393 HOH A O   1 
HETATM 1456 O  O   . HOH D 4 .   ? -2.653  11.504  -10.325 1.00 41.17 ? 394 HOH A O   1 
HETATM 1457 O  O   . HOH D 4 .   ? 9.726   12.369  -8.358  1.00 26.62 ? 395 HOH A O   1 
HETATM 1458 O  O   . HOH D 4 .   ? 3.654   14.068  -5.654  1.00 40.14 ? 396 HOH A O   1 
HETATM 1459 O  O   . HOH D 4 .   ? -17.068 -2.957  3.034   1.00 50.05 ? 397 HOH A O   1 
HETATM 1460 O  O   . HOH D 4 .   ? -19.229 4.471   -8.145  1.00 41.31 ? 398 HOH A O   1 
HETATM 1461 O  O   . HOH D 4 .   ? -12.101 -4.877  0.764   1.00 37.18 ? 399 HOH A O   1 
HETATM 1462 O  O   . HOH D 4 .   ? -6.572  11.964  -6.856  1.00 44.97 ? 400 HOH A O   1 
HETATM 1463 O  O   . HOH D 4 .   ? -18.857 -5.615  -1.939  1.00 54.21 ? 401 HOH A O   1 
HETATM 1464 O  O   . HOH D 4 .   ? -3.675  18.363  9.965   1.00 33.33 ? 402 HOH A O   1 
HETATM 1465 O  O   . HOH D 4 .   ? 9.796   16.110  -2.111  1.00 22.87 ? 403 HOH A O   1 
HETATM 1466 O  O   . HOH D 4 .   ? -1.510  10.236  -12.288 1.00 36.99 ? 404 HOH A O   1 
HETATM 1467 O  O   . HOH D 4 .   ? -18.364 -0.732  3.311   1.00 29.94 ? 405 HOH A O   1 
HETATM 1468 O  O   . HOH D 4 .   ? 11.844  12.075  -11.325 1.00 51.25 ? 406 HOH A O   1 
HETATM 1469 O  O   . HOH D 4 .   ? 4.025   -11.816 12.064  1.00 40.49 ? 407 HOH A O   1 
HETATM 1470 O  O   . HOH D 4 .   ? -14.454 -6.092  -5.975  1.00 38.19 ? 408 HOH A O   1 
HETATM 1471 O  O   . HOH D 4 .   ? -14.791 13.557  -3.583  1.00 43.93 ? 409 HOH A O   1 
HETATM 1472 O  O   . HOH D 4 .   ? -0.214  8.303   21.570  1.00 41.20 ? 410 HOH A O   1 
HETATM 1473 O  O   . HOH D 4 .   ? -7.140  -10.328 -12.556 1.00 29.69 ? 411 HOH A O   1 
HETATM 1474 O  O   . HOH D 4 .   ? 2.245   -4.772  15.959  1.00 33.46 ? 412 HOH A O   1 
HETATM 1475 O  O   . HOH D 4 .   ? 6.424   -0.389  16.669  1.00 39.49 ? 413 HOH A O   1 
HETATM 1476 O  O   . HOH D 4 .   ? -8.896  -0.519  12.614  1.00 38.10 ? 414 HOH A O   1 
HETATM 1477 O  O   . HOH D 4 .   ? -1.193  -9.151  -18.362 1.00 38.74 ? 415 HOH A O   1 
HETATM 1478 O  O   . HOH D 4 .   ? 10.863  20.331  -2.736  1.00 37.62 ? 416 HOH A O   1 
HETATM 1479 O  O   . HOH D 4 .   ? 5.121   -3.714  16.391  1.00 41.03 ? 417 HOH A O   1 
HETATM 1480 O  O   . HOH D 4 .   ? 1.139   20.779  -9.114  1.00 44.21 ? 418 HOH A O   1 
HETATM 1481 O  O   . HOH D 4 .   ? -6.225  7.679   19.063  1.00 37.21 ? 419 HOH A O   1 
HETATM 1482 O  O   . HOH D 4 .   ? 18.031  8.051   9.965   1.00 35.88 ? 420 HOH A O   1 
HETATM 1483 O  O   . HOH D 4 .   ? 15.449  -3.730  7.877   1.00 36.13 ? 421 HOH A O   1 
HETATM 1484 O  O   . HOH D 4 .   ? 13.383  -6.513  8.523   1.00 38.34 ? 422 HOH A O   1 
HETATM 1485 O  O   . HOH D 4 .   ? 4.519   1.694   20.265  1.00 38.71 ? 423 HOH A O   1 
HETATM 1486 O  O   . HOH D 4 .   ? 2.662   -1.578  -1.449  1.00 6.00  ? 424 HOH A O   1 
HETATM 1487 O  O   . HOH D 4 .   ? -4.823  17.488  7.860   1.00 36.15 ? 425 HOH A O   1 
# 
loop_
_pdbx_poly_seq_scheme.asym_id 
_pdbx_poly_seq_scheme.entity_id 
_pdbx_poly_seq_scheme.seq_id 
_pdbx_poly_seq_scheme.mon_id 
_pdbx_poly_seq_scheme.ndb_seq_num 
_pdbx_poly_seq_scheme.pdb_seq_num 
_pdbx_poly_seq_scheme.auth_seq_num 
_pdbx_poly_seq_scheme.pdb_mon_id 
_pdbx_poly_seq_scheme.auth_mon_id 
_pdbx_poly_seq_scheme.pdb_strand_id 
_pdbx_poly_seq_scheme.pdb_ins_code 
_pdbx_poly_seq_scheme.hetero 
A 1 1   ALA 1   2   2   ALA ALA A . n 
A 1 2   LEU 2   3   3   LEU LEU A . n 
A 1 3   LEU 3   4   4   LEU LEU A . n 
A 1 4   GLU 4   5   5   GLU GLU A . n 
A 1 5   ILE 5   6   6   ILE ILE A . n 
A 1 6   ILE 6   7   7   ILE ILE A . n 
A 1 7   HIS 7   8   8   HIS HIS A . n 
A 1 8   TYR 8   9   9   TYR TYR A . n 
A 1 9   PRO 9   10  10  PRO PRO A . n 
A 1 10  SER 10  11  11  SER SER A . n 
A 1 11  LYS 11  12  12  LYS LYS A . n 
A 1 12  ILE 12  13  13  ILE ILE A . n 
A 1 13  LEU 13  14  14  LEU LEU A . n 
A 1 14  ARG 14  15  15  ARG ARG A . n 
A 1 15  THR 15  16  16  THR THR A . n 
A 1 16  ILE 16  17  17  ILE ILE A . n 
A 1 17  SER 17  18  18  SER SER A . n 
A 1 18  LYS 18  19  19  LYS LYS A . n 
A 1 19  GLU 19  20  20  GLU GLU A . n 
A 1 20  VAL 20  21  21  VAL VAL A . n 
A 1 21  VAL 21  22  22  VAL VAL A . n 
A 1 22  SER 22  23  23  SER SER A . n 
A 1 23  PHE 23  24  24  PHE PHE A . n 
A 1 24  ASP 24  25  25  ASP ASP A . n 
A 1 25  ALA 25  26  26  ALA ALA A . n 
A 1 26  LYS 26  27  27  LYS LYS A . n 
A 1 27  LEU 27  28  28  LEU LEU A . n 
A 1 28  HIS 28  29  29  HIS HIS A . n 
A 1 29  GLN 29  30  30  GLN GLN A . n 
A 1 30  GLN 30  31  31  GLN GLN A . n 
A 1 31  LEU 31  32  32  LEU LEU A . n 
A 1 32  ASP 32  33  33  ASP ASP A . n 
A 1 33  ASP 33  34  34  ASP ASP A . n 
A 1 34  MET 34  35  35  MET MET A . n 
A 1 35  TYR 35  36  36  TYR TYR A . n 
A 1 36  GLU 36  37  37  GLU GLU A . n 
A 1 37  THR 37  38  38  THR THR A . n 
A 1 38  MET 38  39  39  MET MET A . n 
A 1 39  ILE 39  40  40  ILE ILE A . n 
A 1 40  ALA 40  41  41  ALA ALA A . n 
A 1 41  SER 41  42  42  SER SER A . n 
A 1 42  GLU 42  43  43  GLU GLU A . n 
A 1 43  GLY 43  44  44  GLY GLY A . n 
A 1 44  ILE 44  45  45  ILE ILE A . n 
A 1 45  GLY 45  46  46  GLY GLY A . n 
A 1 46  LEU 46  47  47  LEU LEU A . n 
A 1 47  ALA 47  48  48  ALA ALA A . n 
A 1 48  ALA 48  49  49  ALA ALA A . n 
A 1 49  ILE 49  50  50  ILE ILE A . n 
A 1 50  GLN 50  51  51  GLN GLN A . n 
A 1 51  VAL 51  52  52  VAL VAL A . n 
A 1 52  GLY 52  53  53  GLY GLY A . n 
A 1 53  LEU 53  54  54  LEU LEU A . n 
A 1 54  PRO 54  55  55  PRO PRO A . n 
A 1 55  LEU 55  56  56  LEU LEU A . n 
A 1 56  ARG 56  57  57  ARG ARG A . n 
A 1 57  MET 57  58  58  MET MET A . n 
A 1 58  LEU 58  59  59  LEU LEU A . n 
A 1 59  ILE 59  60  60  ILE ILE A . n 
A 1 60  ILE 60  61  61  ILE ILE A . n 
A 1 61  ASN 61  62  62  ASN ASN A . n 
A 1 62  LEU 62  63  63  LEU LEU A . n 
A 1 63  PRO 63  64  64  PRO PRO A . n 
A 1 64  GLN 64  65  65  GLN GLN A . n 
A 1 65  GLU 65  66  66  GLU GLU A . n 
A 1 66  ASP 66  67  67  ASP ASP A . n 
A 1 67  GLY 67  68  68  GLY GLY A . n 
A 1 68  VAL 68  69  69  VAL VAL A . n 
A 1 69  GLN 69  70  70  GLN GLN A . n 
A 1 70  HIS 70  71  71  HIS HIS A . n 
A 1 71  LYS 71  72  72  LYS LYS A . n 
A 1 72  GLU 72  73  73  GLU GLU A . n 
A 1 73  ASP 73  74  74  ASP ASP A . n 
A 1 74  CYS 74  75  75  CYS CYS A . n 
A 1 75  LEU 75  76  76  LEU LEU A . n 
A 1 76  GLU 76  77  77  GLU GLU A . n 
A 1 77  ILE 77  78  78  ILE ILE A . n 
A 1 78  ILE 78  79  79  ILE ILE A . n 
A 1 79  ASN 79  80  80  ASN ASN A . n 
A 1 80  PRO 80  81  81  PRO PRO A . n 
A 1 81  LYS 81  82  82  LYS LYS A . n 
A 1 82  PHE 82  83  83  PHE PHE A . n 
A 1 83  ILE 83  84  84  ILE ILE A . n 
A 1 84  GLU 84  85  85  GLU GLU A . n 
A 1 85  THR 85  86  86  THR THR A . n 
A 1 86  GLY 86  87  87  GLY GLY A . n 
A 1 87  GLY 87  88  88  GLY GLY A . n 
A 1 88  SER 88  89  89  SER SER A . n 
A 1 89  MET 89  90  90  MET MET A . n 
A 1 90  MET 90  91  91  MET MET A . n 
A 1 91  TYR 91  92  92  TYR TYR A . n 
A 1 92  LYS 92  93  93  LYS LYS A . n 
A 1 93  GLU 93  94  94  GLU GLU A . n 
A 1 94  GLY 94  95  95  GLY GLY A . n 
A 1 95  CYS 95  96  96  CYS CYS A . n 
A 1 96  LEU 96  97  97  LEU LEU A . n 
A 1 97  SER 97  98  98  SER SER A . n 
A 1 98  VAL 98  99  99  VAL VAL A . n 
A 1 99  PRO 99  100 100 PRO PRO A . n 
A 1 100 GLY 100 101 101 GLY GLY A . n 
A 1 101 PHE 101 102 102 PHE PHE A . n 
A 1 102 TYR 102 103 103 TYR TYR A . n 
A 1 103 GLU 103 104 104 GLU GLU A . n 
A 1 104 GLU 104 105 105 GLU GLU A . n 
A 1 105 VAL 105 106 106 VAL VAL A . n 
A 1 106 GLU 106 107 107 GLU GLU A . n 
A 1 107 ARG 107 108 108 ARG ARG A . n 
A 1 108 PHE 108 109 109 PHE PHE A . n 
A 1 109 GLU 109 110 110 GLU GLU A . n 
A 1 110 LYS 110 111 111 LYS LYS A . n 
A 1 111 VAL 111 112 112 VAL VAL A . n 
A 1 112 LYS 112 113 113 LYS LYS A . n 
A 1 113 ILE 113 114 114 ILE ILE A . n 
A 1 114 GLU 114 115 115 GLU GLU A . n 
A 1 115 TYR 115 116 116 TYR TYR A . n 
A 1 116 GLN 116 117 117 GLN GLN A . n 
A 1 117 ASN 117 118 118 ASN ASN A . n 
A 1 118 ARG 118 119 119 ARG ARG A . n 
A 1 119 PHE 119 120 120 PHE PHE A . n 
A 1 120 ALA 120 121 121 ALA ALA A . n 
A 1 121 GLU 121 122 122 GLU GLU A . n 
A 1 122 VAL 122 123 123 VAL VAL A . n 
A 1 123 LYS 123 124 124 LYS LYS A . n 
A 1 124 VAL 124 125 125 VAL VAL A . n 
A 1 125 LEU 125 126 126 LEU LEU A . n 
A 1 126 GLU 126 127 127 GLU GLU A . n 
A 1 127 ALA 127 128 128 ALA ALA A . n 
A 1 128 SER 128 129 129 SER SER A . n 
A 1 129 GLU 129 130 130 GLU GLU A . n 
A 1 130 LEU 130 131 131 LEU LEU A . n 
A 1 131 LEU 131 132 132 LEU LEU A . n 
A 1 132 ALA 132 133 133 ALA ALA A . n 
A 1 133 VAL 133 134 134 VAL VAL A . n 
A 1 134 ALA 134 135 135 ALA ALA A . n 
A 1 135 ILE 135 136 136 ILE ILE A . n 
A 1 136 GLN 136 137 137 GLN GLN A . n 
A 1 137 HIS 137 138 138 HIS HIS A . n 
A 1 138 GLU 138 139 139 GLU GLU A . n 
A 1 139 ILE 139 140 140 ILE ILE A . n 
A 1 140 ASP 140 141 141 ASP ASP A . n 
A 1 141 HIS 141 142 142 HIS HIS A . n 
A 1 142 LEU 142 143 143 LEU LEU A . n 
A 1 143 ASN 143 144 144 ASN ASN A . n 
A 1 144 GLY 144 145 145 GLY GLY A . n 
A 1 145 VAL 145 146 146 VAL VAL A . n 
A 1 146 LEU 146 147 147 LEU LEU A . n 
A 1 147 PHE 147 148 148 PHE PHE A . n 
A 1 148 VAL 148 149 149 VAL VAL A . n 
A 1 149 ASP 149 150 150 ASP ASP A . n 
A 1 150 LYS 150 151 151 LYS LYS A . n 
A 1 151 LEU 151 152 152 LEU LEU A . n 
A 1 152 SER 152 153 153 SER SER A . n 
A 1 153 ILE 153 154 154 ILE ILE A . n 
A 1 154 LEU 154 155 155 LEU LEU A . n 
A 1 155 LYS 155 156 156 LYS LYS A . n 
A 1 156 ARG 156 157 157 ARG ARG A . n 
A 1 157 LYS 157 158 158 LYS LYS A . n 
A 1 158 LYS 158 159 159 LYS LYS A . n 
A 1 159 PHE 159 160 160 PHE PHE A . n 
A 1 160 GLU 160 161 161 GLU GLU A . n 
A 1 161 LYS 161 162 162 LYS LYS A . n 
A 1 162 GLU 162 163 163 GLU GLU A . n 
A 1 163 LEU 163 164 164 LEU LEU A . n 
A 1 164 LYS 164 165 165 LYS LYS A . n 
A 1 165 GLU 165 166 166 GLU GLU A . n 
A 1 166 LEU 166 167 167 LEU LEU A . n 
A 1 167 GLN 167 168 ?   ?   ?   A . n 
A 1 168 LYS 168 169 ?   ?   ?   A . n 
A 1 169 LYS 169 170 ?   ?   ?   A . n 
A 1 170 GLN 170 171 ?   ?   ?   A . n 
A 1 171 LYS 171 172 ?   ?   ?   A . n 
A 1 172 HIS 172 173 ?   ?   ?   A . n 
A 1 173 LYS 173 174 ?   ?   ?   A . n 
A 1 174 LEU 174 175 ?   ?   ?   A . n 
A 1 175 GLU 175 176 ?   ?   ?   A . n 
A 1 176 HIS 176 177 ?   ?   ?   A . n 
A 1 177 HIS 177 178 ?   ?   ?   A . n 
A 1 178 HIS 178 179 ?   ?   ?   A . n 
A 1 179 HIS 179 180 ?   ?   ?   A . n 
A 1 180 HIS 180 181 ?   ?   ?   A . n 
A 1 181 HIS 181 182 ?   ?   ?   A . n 
# 
loop_
_pdbx_nonpoly_scheme.asym_id 
_pdbx_nonpoly_scheme.entity_id 
_pdbx_nonpoly_scheme.mon_id 
_pdbx_nonpoly_scheme.ndb_seq_num 
_pdbx_nonpoly_scheme.pdb_seq_num 
_pdbx_nonpoly_scheme.auth_seq_num 
_pdbx_nonpoly_scheme.pdb_mon_id 
_pdbx_nonpoly_scheme.auth_mon_id 
_pdbx_nonpoly_scheme.pdb_strand_id 
_pdbx_nonpoly_scheme.pdb_ins_code 
B 2 CO  1   300 300 CO  CO  A . 
C 3 Y12 1   200 200 Y12 Y12 A . 
D 4 HOH 1   301 1   HOH HOH A . 
D 4 HOH 2   302 2   HOH HOH A . 
D 4 HOH 3   303 3   HOH HOH A . 
D 4 HOH 4   304 4   HOH HOH A . 
D 4 HOH 5   305 5   HOH HOH A . 
D 4 HOH 6   306 6   HOH HOH A . 
D 4 HOH 7   307 7   HOH HOH A . 
D 4 HOH 8   308 8   HOH HOH A . 
D 4 HOH 9   309 9   HOH HOH A . 
D 4 HOH 10  310 10  HOH HOH A . 
D 4 HOH 11  311 11  HOH HOH A . 
D 4 HOH 12  312 12  HOH HOH A . 
D 4 HOH 13  313 13  HOH HOH A . 
D 4 HOH 14  314 14  HOH HOH A . 
D 4 HOH 15  315 15  HOH HOH A . 
D 4 HOH 16  316 16  HOH HOH A . 
D 4 HOH 17  317 17  HOH HOH A . 
D 4 HOH 18  318 18  HOH HOH A . 
D 4 HOH 19  319 19  HOH HOH A . 
D 4 HOH 20  320 20  HOH HOH A . 
D 4 HOH 21  321 21  HOH HOH A . 
D 4 HOH 22  322 22  HOH HOH A . 
D 4 HOH 23  323 23  HOH HOH A . 
D 4 HOH 24  324 24  HOH HOH A . 
D 4 HOH 25  325 25  HOH HOH A . 
D 4 HOH 26  326 26  HOH HOH A . 
D 4 HOH 27  327 27  HOH HOH A . 
D 4 HOH 28  328 28  HOH HOH A . 
D 4 HOH 29  329 29  HOH HOH A . 
D 4 HOH 30  330 30  HOH HOH A . 
D 4 HOH 31  331 31  HOH HOH A . 
D 4 HOH 32  332 32  HOH HOH A . 
D 4 HOH 33  333 33  HOH HOH A . 
D 4 HOH 34  334 34  HOH HOH A . 
D 4 HOH 35  335 35  HOH HOH A . 
D 4 HOH 36  336 36  HOH HOH A . 
D 4 HOH 37  337 37  HOH HOH A . 
D 4 HOH 38  338 38  HOH HOH A . 
D 4 HOH 39  339 39  HOH HOH A . 
D 4 HOH 40  340 40  HOH HOH A . 
D 4 HOH 41  341 41  HOH HOH A . 
D 4 HOH 42  342 42  HOH HOH A . 
D 4 HOH 43  343 43  HOH HOH A . 
D 4 HOH 44  344 44  HOH HOH A . 
D 4 HOH 45  345 45  HOH HOH A . 
D 4 HOH 46  346 46  HOH HOH A . 
D 4 HOH 47  347 47  HOH HOH A . 
D 4 HOH 48  348 48  HOH HOH A . 
D 4 HOH 49  349 49  HOH HOH A . 
D 4 HOH 50  350 50  HOH HOH A . 
D 4 HOH 51  351 51  HOH HOH A . 
D 4 HOH 52  352 52  HOH HOH A . 
D 4 HOH 53  353 53  HOH HOH A . 
D 4 HOH 54  354 54  HOH HOH A . 
D 4 HOH 55  355 55  HOH HOH A . 
D 4 HOH 56  356 56  HOH HOH A . 
D 4 HOH 57  357 57  HOH HOH A . 
D 4 HOH 58  358 58  HOH HOH A . 
D 4 HOH 59  359 59  HOH HOH A . 
D 4 HOH 60  360 60  HOH HOH A . 
D 4 HOH 61  361 61  HOH HOH A . 
D 4 HOH 62  362 62  HOH HOH A . 
D 4 HOH 63  363 63  HOH HOH A . 
D 4 HOH 64  364 64  HOH HOH A . 
D 4 HOH 65  365 65  HOH HOH A . 
D 4 HOH 66  366 66  HOH HOH A . 
D 4 HOH 67  367 67  HOH HOH A . 
D 4 HOH 68  368 68  HOH HOH A . 
D 4 HOH 69  369 69  HOH HOH A . 
D 4 HOH 70  370 70  HOH HOH A . 
D 4 HOH 71  371 71  HOH HOH A . 
D 4 HOH 72  372 72  HOH HOH A . 
D 4 HOH 73  373 73  HOH HOH A . 
D 4 HOH 74  374 74  HOH HOH A . 
D 4 HOH 75  375 75  HOH HOH A . 
D 4 HOH 76  376 76  HOH HOH A . 
D 4 HOH 77  377 77  HOH HOH A . 
D 4 HOH 78  378 78  HOH HOH A . 
D 4 HOH 79  379 79  HOH HOH A . 
D 4 HOH 80  380 80  HOH HOH A . 
D 4 HOH 81  381 81  HOH HOH A . 
D 4 HOH 82  382 82  HOH HOH A . 
D 4 HOH 83  383 83  HOH HOH A . 
D 4 HOH 84  384 84  HOH HOH A . 
D 4 HOH 85  385 85  HOH HOH A . 
D 4 HOH 86  386 86  HOH HOH A . 
D 4 HOH 87  387 87  HOH HOH A . 
D 4 HOH 88  388 88  HOH HOH A . 
D 4 HOH 89  389 89  HOH HOH A . 
D 4 HOH 90  390 90  HOH HOH A . 
D 4 HOH 91  391 91  HOH HOH A . 
D 4 HOH 92  392 92  HOH HOH A . 
D 4 HOH 93  393 93  HOH HOH A . 
D 4 HOH 94  394 94  HOH HOH A . 
D 4 HOH 95  395 95  HOH HOH A . 
D 4 HOH 96  396 96  HOH HOH A . 
D 4 HOH 97  397 97  HOH HOH A . 
D 4 HOH 98  398 98  HOH HOH A . 
D 4 HOH 99  399 99  HOH HOH A . 
D 4 HOH 100 400 100 HOH HOH A . 
D 4 HOH 101 401 101 HOH HOH A . 
D 4 HOH 102 402 102 HOH HOH A . 
D 4 HOH 103 403 103 HOH HOH A . 
D 4 HOH 104 404 104 HOH HOH A . 
D 4 HOH 105 405 105 HOH HOH A . 
D 4 HOH 106 406 106 HOH HOH A . 
D 4 HOH 107 407 107 HOH HOH A . 
D 4 HOH 108 408 108 HOH HOH A . 
D 4 HOH 109 409 109 HOH HOH A . 
D 4 HOH 110 410 110 HOH HOH A . 
D 4 HOH 111 411 111 HOH HOH A . 
D 4 HOH 112 412 112 HOH HOH A . 
D 4 HOH 113 413 113 HOH HOH A . 
D 4 HOH 114 414 114 HOH HOH A . 
D 4 HOH 115 415 115 HOH HOH A . 
D 4 HOH 116 416 116 HOH HOH A . 
D 4 HOH 117 417 117 HOH HOH A . 
D 4 HOH 118 418 118 HOH HOH A . 
D 4 HOH 119 419 119 HOH HOH A . 
D 4 HOH 120 420 120 HOH HOH A . 
D 4 HOH 121 421 121 HOH HOH A . 
D 4 HOH 122 422 122 HOH HOH A . 
D 4 HOH 123 423 123 HOH HOH A . 
D 4 HOH 124 424 124 HOH HOH A . 
D 4 HOH 125 425 125 HOH HOH A . 
# 
_pdbx_struct_assembly.id                   1 
_pdbx_struct_assembly.details              author_defined_assembly 
_pdbx_struct_assembly.method_details       ? 
_pdbx_struct_assembly.oligomeric_details   monomeric 
_pdbx_struct_assembly.oligomeric_count     1 
# 
_pdbx_struct_assembly_gen.assembly_id       1 
_pdbx_struct_assembly_gen.oper_expression   1 
_pdbx_struct_assembly_gen.asym_id_list      A,B,C,D 
# 
_pdbx_struct_oper_list.id                   1 
_pdbx_struct_oper_list.type                 'identity operation' 
_pdbx_struct_oper_list.name                 1_555 
_pdbx_struct_oper_list.symmetry_operation   x,y,z 
_pdbx_struct_oper_list.matrix[1][1]         1.0000000000 
_pdbx_struct_oper_list.matrix[1][2]         0.0000000000 
_pdbx_struct_oper_list.matrix[1][3]         0.0000000000 
_pdbx_struct_oper_list.vector[1]            0.0000000000 
_pdbx_struct_oper_list.matrix[2][1]         0.0000000000 
_pdbx_struct_oper_list.matrix[2][2]         1.0000000000 
_pdbx_struct_oper_list.matrix[2][3]         0.0000000000 
_pdbx_struct_oper_list.vector[2]            0.0000000000 
_pdbx_struct_oper_list.matrix[3][1]         0.0000000000 
_pdbx_struct_oper_list.matrix[3][2]         0.0000000000 
_pdbx_struct_oper_list.matrix[3][3]         1.0000000000 
_pdbx_struct_oper_list.vector[3]            0.0000000000 
# 
loop_
_pdbx_struct_conn_angle.id 
_pdbx_struct_conn_angle.ptnr1_label_atom_id 
_pdbx_struct_conn_angle.ptnr1_label_alt_id 
_pdbx_struct_conn_angle.ptnr1_label_asym_id 
_pdbx_struct_conn_angle.ptnr1_label_comp_id 
_pdbx_struct_conn_angle.ptnr1_label_seq_id 
_pdbx_struct_conn_angle.ptnr1_auth_atom_id 
_pdbx_struct_conn_angle.ptnr1_auth_asym_id 
_pdbx_struct_conn_angle.ptnr1_auth_comp_id 
_pdbx_struct_conn_angle.ptnr1_auth_seq_id 
_pdbx_struct_conn_angle.ptnr1_PDB_ins_code 
_pdbx_struct_conn_angle.ptnr1_symmetry 
_pdbx_struct_conn_angle.ptnr2_label_atom_id 
_pdbx_struct_conn_angle.ptnr2_label_alt_id 
_pdbx_struct_conn_angle.ptnr2_label_asym_id 
_pdbx_struct_conn_angle.ptnr2_label_comp_id 
_pdbx_struct_conn_angle.ptnr2_label_seq_id 
_pdbx_struct_conn_angle.ptnr2_auth_atom_id 
_pdbx_struct_conn_angle.ptnr2_auth_asym_id 
_pdbx_struct_conn_angle.ptnr2_auth_comp_id 
_pdbx_struct_conn_angle.ptnr2_auth_seq_id 
_pdbx_struct_conn_angle.ptnr2_PDB_ins_code 
_pdbx_struct_conn_angle.ptnr2_symmetry 
_pdbx_struct_conn_angle.ptnr3_label_atom_id 
_pdbx_struct_conn_angle.ptnr3_label_alt_id 
_pdbx_struct_conn_angle.ptnr3_label_asym_id 
_pdbx_struct_conn_angle.ptnr3_label_comp_id 
_pdbx_struct_conn_angle.ptnr3_label_seq_id 
_pdbx_struct_conn_angle.ptnr3_auth_atom_id 
_pdbx_struct_conn_angle.ptnr3_auth_asym_id 
_pdbx_struct_conn_angle.ptnr3_auth_comp_id 
_pdbx_struct_conn_angle.ptnr3_auth_seq_id 
_pdbx_struct_conn_angle.ptnr3_PDB_ins_code 
_pdbx_struct_conn_angle.ptnr3_symmetry 
_pdbx_struct_conn_angle.value 
_pdbx_struct_conn_angle.value_esd 
1 SG  ? A CYS 95  ? A CYS 96  ? 1_555 CO ? B CO . ? A CO 300 ? 1_555 NE2 ? A HIS 137 ? A HIS 138 ? 1_555 106.8 ? 
2 SG  ? A CYS 95  ? A CYS 96  ? 1_555 CO ? B CO . ? A CO 300 ? 1_555 NE2 ? A HIS 141 ? A HIS 142 ? 1_555 96.8  ? 
3 NE2 ? A HIS 137 ? A HIS 138 ? 1_555 CO ? B CO . ? A CO 300 ? 1_555 NE2 ? A HIS 141 ? A HIS 142 ? 1_555 108.0 ? 
4 SG  ? A CYS 95  ? A CYS 96  ? 1_555 CO ? B CO . ? A CO 300 ? 1_555 O   ? D HOH .   ? A HOH 424 ? 1_555 126.0 ? 
5 NE2 ? A HIS 137 ? A HIS 138 ? 1_555 CO ? B CO . ? A CO 300 ? 1_555 O   ? D HOH .   ? A HOH 424 ? 1_555 114.4 ? 
6 NE2 ? A HIS 141 ? A HIS 142 ? 1_555 CO ? B CO . ? A CO 300 ? 1_555 O   ? D HOH .   ? A HOH 424 ? 1_555 101.9 ? 
# 
loop_
_pdbx_audit_revision_history.ordinal 
_pdbx_audit_revision_history.data_content_type 
_pdbx_audit_revision_history.major_revision 
_pdbx_audit_revision_history.minor_revision 
_pdbx_audit_revision_history.revision_date 
1 'Structure model' 1 0 2006-10-24 
2 'Structure model' 1 1 2008-05-01 
3 'Structure model' 1 2 2011-07-13 
4 'Structure model' 1 3 2017-10-18 
5 'Structure model' 1 4 2023-10-25 
# 
_pdbx_audit_revision_details.ordinal             1 
_pdbx_audit_revision_details.revision_ordinal    1 
_pdbx_audit_revision_details.data_content_type   'Structure model' 
_pdbx_audit_revision_details.provider            repository 
_pdbx_audit_revision_details.type                'Initial release' 
_pdbx_audit_revision_details.description         ? 
_pdbx_audit_revision_details.details             ? 
# 
loop_
_pdbx_audit_revision_group.ordinal 
_pdbx_audit_revision_group.revision_ordinal 
_pdbx_audit_revision_group.data_content_type 
_pdbx_audit_revision_group.group 
1 2 'Structure model' 'Version format compliance' 
2 3 'Structure model' 'Version format compliance' 
3 4 'Structure model' 'Refinement description'    
4 5 'Structure model' 'Data collection'           
5 5 'Structure model' 'Database references'       
6 5 'Structure model' 'Derived calculations'      
7 5 'Structure model' 'Refinement description'    
# 
loop_
_pdbx_audit_revision_category.ordinal 
_pdbx_audit_revision_category.revision_ordinal 
_pdbx_audit_revision_category.data_content_type 
_pdbx_audit_revision_category.category 
1 4 'Structure model' software                      
2 5 'Structure model' chem_comp_atom                
3 5 'Structure model' chem_comp_bond                
4 5 'Structure model' database_2                    
5 5 'Structure model' pdbx_initial_refinement_model 
6 5 'Structure model' pdbx_struct_conn_angle        
7 5 'Structure model' struct_conn                   
8 5 'Structure model' struct_ref_seq_dif            
9 5 'Structure model' struct_site                   
# 
loop_
_pdbx_audit_revision_item.ordinal 
_pdbx_audit_revision_item.revision_ordinal 
_pdbx_audit_revision_item.data_content_type 
_pdbx_audit_revision_item.item 
1  5 'Structure model' '_database_2.pdbx_DOI'                        
2  5 'Structure model' '_database_2.pdbx_database_accession'         
3  5 'Structure model' '_pdbx_struct_conn_angle.ptnr1_auth_comp_id'  
4  5 'Structure model' '_pdbx_struct_conn_angle.ptnr1_auth_seq_id'   
5  5 'Structure model' '_pdbx_struct_conn_angle.ptnr1_label_asym_id' 
6  5 'Structure model' '_pdbx_struct_conn_angle.ptnr1_label_atom_id' 
7  5 'Structure model' '_pdbx_struct_conn_angle.ptnr1_label_comp_id' 
8  5 'Structure model' '_pdbx_struct_conn_angle.ptnr1_label_seq_id'  
9  5 'Structure model' '_pdbx_struct_conn_angle.ptnr3_auth_comp_id'  
10 5 'Structure model' '_pdbx_struct_conn_angle.ptnr3_auth_seq_id'   
11 5 'Structure model' '_pdbx_struct_conn_angle.ptnr3_label_asym_id' 
12 5 'Structure model' '_pdbx_struct_conn_angle.ptnr3_label_atom_id' 
13 5 'Structure model' '_pdbx_struct_conn_angle.ptnr3_label_comp_id' 
14 5 'Structure model' '_pdbx_struct_conn_angle.ptnr3_label_seq_id'  
15 5 'Structure model' '_pdbx_struct_conn_angle.value'               
16 5 'Structure model' '_struct_conn.pdbx_dist_value'                
17 5 'Structure model' '_struct_conn.ptnr1_auth_comp_id'             
18 5 'Structure model' '_struct_conn.ptnr1_auth_seq_id'              
19 5 'Structure model' '_struct_conn.ptnr1_label_asym_id'            
20 5 'Structure model' '_struct_conn.ptnr1_label_atom_id'            
21 5 'Structure model' '_struct_conn.ptnr1_label_comp_id'            
22 5 'Structure model' '_struct_conn.ptnr1_label_seq_id'             
23 5 'Structure model' '_struct_conn.ptnr2_auth_comp_id'             
24 5 'Structure model' '_struct_conn.ptnr2_auth_seq_id'              
25 5 'Structure model' '_struct_conn.ptnr2_label_asym_id'            
26 5 'Structure model' '_struct_conn.ptnr2_label_atom_id'            
27 5 'Structure model' '_struct_conn.ptnr2_label_comp_id'            
28 5 'Structure model' '_struct_conn.ptnr2_label_seq_id'             
29 5 'Structure model' '_struct_ref_seq_dif.details'                 
30 5 'Structure model' '_struct_site.pdbx_auth_asym_id'              
31 5 'Structure model' '_struct_site.pdbx_auth_comp_id'              
32 5 'Structure model' '_struct_site.pdbx_auth_seq_id'               
# 
loop_
_software.name 
_software.classification 
_software.version 
_software.citation_id 
_software.pdbx_ordinal 
TRUNCATE 'data reduction' .            ? 1 
CNS      refinement       .            ? 2 
CCP4     'data scaling'   '(TRUNCATE)' ? 3 
CNS      phasing          .            ? 4 
# 
loop_
_pdbx_validate_torsion.id 
_pdbx_validate_torsion.PDB_model_num 
_pdbx_validate_torsion.auth_comp_id 
_pdbx_validate_torsion.auth_asym_id 
_pdbx_validate_torsion.auth_seq_id 
_pdbx_validate_torsion.PDB_ins_code 
_pdbx_validate_torsion.label_alt_id 
_pdbx_validate_torsion.phi 
_pdbx_validate_torsion.psi 
1 1 LYS A 72  ? ? -46.61  -13.79  
2 1 VAL A 99  ? ? -141.90 57.34   
3 1 TYR A 116 ? ? -160.69 -168.52 
4 1 GLU A 130 ? ? 54.34   -138.79 
# 
loop_
_pdbx_unobs_or_zero_occ_residues.id 
_pdbx_unobs_or_zero_occ_residues.PDB_model_num 
_pdbx_unobs_or_zero_occ_residues.polymer_flag 
_pdbx_unobs_or_zero_occ_residues.occupancy_flag 
_pdbx_unobs_or_zero_occ_residues.auth_asym_id 
_pdbx_unobs_or_zero_occ_residues.auth_comp_id 
_pdbx_unobs_or_zero_occ_residues.auth_seq_id 
_pdbx_unobs_or_zero_occ_residues.PDB_ins_code 
_pdbx_unobs_or_zero_occ_residues.label_asym_id 
_pdbx_unobs_or_zero_occ_residues.label_comp_id 
_pdbx_unobs_or_zero_occ_residues.label_seq_id 
1  1 Y 1 A GLN 168 ? A GLN 167 
2  1 Y 1 A LYS 169 ? A LYS 168 
3  1 Y 1 A LYS 170 ? A LYS 169 
4  1 Y 1 A GLN 171 ? A GLN 170 
5  1 Y 1 A LYS 172 ? A LYS 171 
6  1 Y 1 A HIS 173 ? A HIS 172 
7  1 Y 1 A LYS 174 ? A LYS 173 
8  1 Y 1 A LEU 175 ? A LEU 174 
9  1 Y 1 A GLU 176 ? A GLU 175 
10 1 Y 1 A HIS 177 ? A HIS 176 
11 1 Y 1 A HIS 178 ? A HIS 177 
12 1 Y 1 A HIS 179 ? A HIS 178 
13 1 Y 1 A HIS 180 ? A HIS 179 
14 1 Y 1 A HIS 181 ? A HIS 180 
15 1 Y 1 A HIS 182 ? A HIS 181 
# 
loop_
_chem_comp_atom.comp_id 
_chem_comp_atom.atom_id 
_chem_comp_atom.type_symbol 
_chem_comp_atom.pdbx_aromatic_flag 
_chem_comp_atom.pdbx_stereo_config 
_chem_comp_atom.pdbx_ordinal 
ALA N    N  N N 1   
ALA CA   C  N S 2   
ALA C    C  N N 3   
ALA O    O  N N 4   
ALA CB   C  N N 5   
ALA OXT  O  N N 6   
ALA H    H  N N 7   
ALA H2   H  N N 8   
ALA HA   H  N N 9   
ALA HB1  H  N N 10  
ALA HB2  H  N N 11  
ALA HB3  H  N N 12  
ALA HXT  H  N N 13  
ARG N    N  N N 14  
ARG CA   C  N S 15  
ARG C    C  N N 16  
ARG O    O  N N 17  
ARG CB   C  N N 18  
ARG CG   C  N N 19  
ARG CD   C  N N 20  
ARG NE   N  N N 21  
ARG CZ   C  N N 22  
ARG NH1  N  N N 23  
ARG NH2  N  N N 24  
ARG OXT  O  N N 25  
ARG H    H  N N 26  
ARG H2   H  N N 27  
ARG HA   H  N N 28  
ARG HB2  H  N N 29  
ARG HB3  H  N N 30  
ARG HG2  H  N N 31  
ARG HG3  H  N N 32  
ARG HD2  H  N N 33  
ARG HD3  H  N N 34  
ARG HE   H  N N 35  
ARG HH11 H  N N 36  
ARG HH12 H  N N 37  
ARG HH21 H  N N 38  
ARG HH22 H  N N 39  
ARG HXT  H  N N 40  
ASN N    N  N N 41  
ASN CA   C  N S 42  
ASN C    C  N N 43  
ASN O    O  N N 44  
ASN CB   C  N N 45  
ASN CG   C  N N 46  
ASN OD1  O  N N 47  
ASN ND2  N  N N 48  
ASN OXT  O  N N 49  
ASN H    H  N N 50  
ASN H2   H  N N 51  
ASN HA   H  N N 52  
ASN HB2  H  N N 53  
ASN HB3  H  N N 54  
ASN HD21 H  N N 55  
ASN HD22 H  N N 56  
ASN HXT  H  N N 57  
ASP N    N  N N 58  
ASP CA   C  N S 59  
ASP C    C  N N 60  
ASP O    O  N N 61  
ASP CB   C  N N 62  
ASP CG   C  N N 63  
ASP OD1  O  N N 64  
ASP OD2  O  N N 65  
ASP OXT  O  N N 66  
ASP H    H  N N 67  
ASP H2   H  N N 68  
ASP HA   H  N N 69  
ASP HB2  H  N N 70  
ASP HB3  H  N N 71  
ASP HD2  H  N N 72  
ASP HXT  H  N N 73  
CO  CO   CO N N 74  
CYS N    N  N N 75  
CYS CA   C  N R 76  
CYS C    C  N N 77  
CYS O    O  N N 78  
CYS CB   C  N N 79  
CYS SG   S  N N 80  
CYS OXT  O  N N 81  
CYS H    H  N N 82  
CYS H2   H  N N 83  
CYS HA   H  N N 84  
CYS HB2  H  N N 85  
CYS HB3  H  N N 86  
CYS HG   H  N N 87  
CYS HXT  H  N N 88  
GLN N    N  N N 89  
GLN CA   C  N S 90  
GLN C    C  N N 91  
GLN O    O  N N 92  
GLN CB   C  N N 93  
GLN CG   C  N N 94  
GLN CD   C  N N 95  
GLN OE1  O  N N 96  
GLN NE2  N  N N 97  
GLN OXT  O  N N 98  
GLN H    H  N N 99  
GLN H2   H  N N 100 
GLN HA   H  N N 101 
GLN HB2  H  N N 102 
GLN HB3  H  N N 103 
GLN HG2  H  N N 104 
GLN HG3  H  N N 105 
GLN HE21 H  N N 106 
GLN HE22 H  N N 107 
GLN HXT  H  N N 108 
GLU N    N  N N 109 
GLU CA   C  N S 110 
GLU C    C  N N 111 
GLU O    O  N N 112 
GLU CB   C  N N 113 
GLU CG   C  N N 114 
GLU CD   C  N N 115 
GLU OE1  O  N N 116 
GLU OE2  O  N N 117 
GLU OXT  O  N N 118 
GLU H    H  N N 119 
GLU H2   H  N N 120 
GLU HA   H  N N 121 
GLU HB2  H  N N 122 
GLU HB3  H  N N 123 
GLU HG2  H  N N 124 
GLU HG3  H  N N 125 
GLU HE2  H  N N 126 
GLU HXT  H  N N 127 
GLY N    N  N N 128 
GLY CA   C  N N 129 
GLY C    C  N N 130 
GLY O    O  N N 131 
GLY OXT  O  N N 132 
GLY H    H  N N 133 
GLY H2   H  N N 134 
GLY HA2  H  N N 135 
GLY HA3  H  N N 136 
GLY HXT  H  N N 137 
HIS N    N  N N 138 
HIS CA   C  N S 139 
HIS C    C  N N 140 
HIS O    O  N N 141 
HIS CB   C  N N 142 
HIS CG   C  Y N 143 
HIS ND1  N  Y N 144 
HIS CD2  C  Y N 145 
HIS CE1  C  Y N 146 
HIS NE2  N  Y N 147 
HIS OXT  O  N N 148 
HIS H    H  N N 149 
HIS H2   H  N N 150 
HIS HA   H  N N 151 
HIS HB2  H  N N 152 
HIS HB3  H  N N 153 
HIS HD1  H  N N 154 
HIS HD2  H  N N 155 
HIS HE1  H  N N 156 
HIS HE2  H  N N 157 
HIS HXT  H  N N 158 
HOH O    O  N N 159 
HOH H1   H  N N 160 
HOH H2   H  N N 161 
ILE N    N  N N 162 
ILE CA   C  N S 163 
ILE C    C  N N 164 
ILE O    O  N N 165 
ILE CB   C  N S 166 
ILE CG1  C  N N 167 
ILE CG2  C  N N 168 
ILE CD1  C  N N 169 
ILE OXT  O  N N 170 
ILE H    H  N N 171 
ILE H2   H  N N 172 
ILE HA   H  N N 173 
ILE HB   H  N N 174 
ILE HG12 H  N N 175 
ILE HG13 H  N N 176 
ILE HG21 H  N N 177 
ILE HG22 H  N N 178 
ILE HG23 H  N N 179 
ILE HD11 H  N N 180 
ILE HD12 H  N N 181 
ILE HD13 H  N N 182 
ILE HXT  H  N N 183 
LEU N    N  N N 184 
LEU CA   C  N S 185 
LEU C    C  N N 186 
LEU O    O  N N 187 
LEU CB   C  N N 188 
LEU CG   C  N N 189 
LEU CD1  C  N N 190 
LEU CD2  C  N N 191 
LEU OXT  O  N N 192 
LEU H    H  N N 193 
LEU H2   H  N N 194 
LEU HA   H  N N 195 
LEU HB2  H  N N 196 
LEU HB3  H  N N 197 
LEU HG   H  N N 198 
LEU HD11 H  N N 199 
LEU HD12 H  N N 200 
LEU HD13 H  N N 201 
LEU HD21 H  N N 202 
LEU HD22 H  N N 203 
LEU HD23 H  N N 204 
LEU HXT  H  N N 205 
LYS N    N  N N 206 
LYS CA   C  N S 207 
LYS C    C  N N 208 
LYS O    O  N N 209 
LYS CB   C  N N 210 
LYS CG   C  N N 211 
LYS CD   C  N N 212 
LYS CE   C  N N 213 
LYS NZ   N  N N 214 
LYS OXT  O  N N 215 
LYS H    H  N N 216 
LYS H2   H  N N 217 
LYS HA   H  N N 218 
LYS HB2  H  N N 219 
LYS HB3  H  N N 220 
LYS HG2  H  N N 221 
LYS HG3  H  N N 222 
LYS HD2  H  N N 223 
LYS HD3  H  N N 224 
LYS HE2  H  N N 225 
LYS HE3  H  N N 226 
LYS HZ1  H  N N 227 
LYS HZ2  H  N N 228 
LYS HZ3  H  N N 229 
LYS HXT  H  N N 230 
MET N    N  N N 231 
MET CA   C  N S 232 
MET C    C  N N 233 
MET O    O  N N 234 
MET CB   C  N N 235 
MET CG   C  N N 236 
MET SD   S  N N 237 
MET CE   C  N N 238 
MET OXT  O  N N 239 
MET H    H  N N 240 
MET H2   H  N N 241 
MET HA   H  N N 242 
MET HB2  H  N N 243 
MET HB3  H  N N 244 
MET HG2  H  N N 245 
MET HG3  H  N N 246 
MET HE1  H  N N 247 
MET HE2  H  N N 248 
MET HE3  H  N N 249 
MET HXT  H  N N 250 
PHE N    N  N N 251 
PHE CA   C  N S 252 
PHE C    C  N N 253 
PHE O    O  N N 254 
PHE CB   C  N N 255 
PHE CG   C  Y N 256 
PHE CD1  C  Y N 257 
PHE CD2  C  Y N 258 
PHE CE1  C  Y N 259 
PHE CE2  C  Y N 260 
PHE CZ   C  Y N 261 
PHE OXT  O  N N 262 
PHE H    H  N N 263 
PHE H2   H  N N 264 
PHE HA   H  N N 265 
PHE HB2  H  N N 266 
PHE HB3  H  N N 267 
PHE HD1  H  N N 268 
PHE HD2  H  N N 269 
PHE HE1  H  N N 270 
PHE HE2  H  N N 271 
PHE HZ   H  N N 272 
PHE HXT  H  N N 273 
PRO N    N  N N 274 
PRO CA   C  N S 275 
PRO C    C  N N 276 
PRO O    O  N N 277 
PRO CB   C  N N 278 
PRO CG   C  N N 279 
PRO CD   C  N N 280 
PRO OXT  O  N N 281 
PRO H    H  N N 282 
PRO HA   H  N N 283 
PRO HB2  H  N N 284 
PRO HB3  H  N N 285 
PRO HG2  H  N N 286 
PRO HG3  H  N N 287 
PRO HD2  H  N N 288 
PRO HD3  H  N N 289 
PRO HXT  H  N N 290 
SER N    N  N N 291 
SER CA   C  N S 292 
SER C    C  N N 293 
SER O    O  N N 294 
SER CB   C  N N 295 
SER OG   O  N N 296 
SER OXT  O  N N 297 
SER H    H  N N 298 
SER H2   H  N N 299 
SER HA   H  N N 300 
SER HB2  H  N N 301 
SER HB3  H  N N 302 
SER HG   H  N N 303 
SER HXT  H  N N 304 
THR N    N  N N 305 
THR CA   C  N S 306 
THR C    C  N N 307 
THR O    O  N N 308 
THR CB   C  N R 309 
THR OG1  O  N N 310 
THR CG2  C  N N 311 
THR OXT  O  N N 312 
THR H    H  N N 313 
THR H2   H  N N 314 
THR HA   H  N N 315 
THR HB   H  N N 316 
THR HG1  H  N N 317 
THR HG21 H  N N 318 
THR HG22 H  N N 319 
THR HG23 H  N N 320 
THR HXT  H  N N 321 
TYR N    N  N N 322 
TYR CA   C  N S 323 
TYR C    C  N N 324 
TYR O    O  N N 325 
TYR CB   C  N N 326 
TYR CG   C  Y N 327 
TYR CD1  C  Y N 328 
TYR CD2  C  Y N 329 
TYR CE1  C  Y N 330 
TYR CE2  C  Y N 331 
TYR CZ   C  Y N 332 
TYR OH   O  N N 333 
TYR OXT  O  N N 334 
TYR H    H  N N 335 
TYR H2   H  N N 336 
TYR HA   H  N N 337 
TYR HB2  H  N N 338 
TYR HB3  H  N N 339 
TYR HD1  H  N N 340 
TYR HD2  H  N N 341 
TYR HE1  H  N N 342 
TYR HE2  H  N N 343 
TYR HH   H  N N 344 
TYR HXT  H  N N 345 
VAL N    N  N N 346 
VAL CA   C  N S 347 
VAL C    C  N N 348 
VAL O    O  N N 349 
VAL CB   C  N N 350 
VAL CG1  C  N N 351 
VAL CG2  C  N N 352 
VAL OXT  O  N N 353 
VAL H    H  N N 354 
VAL H2   H  N N 355 
VAL HA   H  N N 356 
VAL HB   H  N N 357 
VAL HG11 H  N N 358 
VAL HG12 H  N N 359 
VAL HG13 H  N N 360 
VAL HG21 H  N N 361 
VAL HG22 H  N N 362 
VAL HG23 H  N N 363 
VAL HXT  H  N N 364 
Y12 C2   C  Y N 365 
Y12 C3   C  Y N 366 
Y12 C4   C  Y N 367 
Y12 C5   C  Y N 368 
Y12 C7   C  N N 369 
Y12 C8   C  N N 370 
Y12 N9   N  N N 371 
Y12 C10  C  N N 372 
Y12 O27  O  N N 373 
Y12 C11  C  N N 374 
Y12 C12  C  N N 375 
Y12 C13  C  Y N 376 
Y12 C18  C  Y N 377 
Y12 C17  C  Y N 378 
Y12 O23  O  N N 379 
Y12 C24  C  N N 380 
Y12 O26  O  N N 381 
Y12 C25  C  N N 382 
Y12 C16  C  Y N 383 
Y12 O19  O  N N 384 
Y12 C20  C  N N 385 
Y12 O22  O  N N 386 
Y12 C21  C  N N 387 
Y12 C15  C  Y N 388 
Y12 C14  C  Y N 389 
Y12 C6   C  Y N 390 
Y12 C1   C  Y N 391 
Y12 H2   H  N N 392 
Y12 H3   H  N N 393 
Y12 H4   H  N N 394 
Y12 H71  H  N N 395 
Y12 H72  H  N N 396 
Y12 H81  H  N N 397 
Y12 H82  H  N N 398 
Y12 HN9  H  N N 399 
Y12 H11  H  N N 400 
Y12 H12  H  N N 401 
Y12 H18  H  N N 402 
Y12 H251 H  N N 403 
Y12 H252 H  N N 404 
Y12 H253 H  N N 405 
Y12 H211 H  N N 406 
Y12 H212 H  N N 407 
Y12 H213 H  N N 408 
Y12 H15  H  N N 409 
Y12 H14  H  N N 410 
Y12 H6   H  N N 411 
Y12 H1   H  N N 412 
# 
loop_
_chem_comp_bond.comp_id 
_chem_comp_bond.atom_id_1 
_chem_comp_bond.atom_id_2 
_chem_comp_bond.value_order 
_chem_comp_bond.pdbx_aromatic_flag 
_chem_comp_bond.pdbx_stereo_config 
_chem_comp_bond.pdbx_ordinal 
ALA N   CA   sing N N 1   
ALA N   H    sing N N 2   
ALA N   H2   sing N N 3   
ALA CA  C    sing N N 4   
ALA CA  CB   sing N N 5   
ALA CA  HA   sing N N 6   
ALA C   O    doub N N 7   
ALA C   OXT  sing N N 8   
ALA CB  HB1  sing N N 9   
ALA CB  HB2  sing N N 10  
ALA CB  HB3  sing N N 11  
ALA OXT HXT  sing N N 12  
ARG N   CA   sing N N 13  
ARG N   H    sing N N 14  
ARG N   H2   sing N N 15  
ARG CA  C    sing N N 16  
ARG CA  CB   sing N N 17  
ARG CA  HA   sing N N 18  
ARG C   O    doub N N 19  
ARG C   OXT  sing N N 20  
ARG CB  CG   sing N N 21  
ARG CB  HB2  sing N N 22  
ARG CB  HB3  sing N N 23  
ARG CG  CD   sing N N 24  
ARG CG  HG2  sing N N 25  
ARG CG  HG3  sing N N 26  
ARG CD  NE   sing N N 27  
ARG CD  HD2  sing N N 28  
ARG CD  HD3  sing N N 29  
ARG NE  CZ   sing N N 30  
ARG NE  HE   sing N N 31  
ARG CZ  NH1  sing N N 32  
ARG CZ  NH2  doub N N 33  
ARG NH1 HH11 sing N N 34  
ARG NH1 HH12 sing N N 35  
ARG NH2 HH21 sing N N 36  
ARG NH2 HH22 sing N N 37  
ARG OXT HXT  sing N N 38  
ASN N   CA   sing N N 39  
ASN N   H    sing N N 40  
ASN N   H2   sing N N 41  
ASN CA  C    sing N N 42  
ASN CA  CB   sing N N 43  
ASN CA  HA   sing N N 44  
ASN C   O    doub N N 45  
ASN C   OXT  sing N N 46  
ASN CB  CG   sing N N 47  
ASN CB  HB2  sing N N 48  
ASN CB  HB3  sing N N 49  
ASN CG  OD1  doub N N 50  
ASN CG  ND2  sing N N 51  
ASN ND2 HD21 sing N N 52  
ASN ND2 HD22 sing N N 53  
ASN OXT HXT  sing N N 54  
ASP N   CA   sing N N 55  
ASP N   H    sing N N 56  
ASP N   H2   sing N N 57  
ASP CA  C    sing N N 58  
ASP CA  CB   sing N N 59  
ASP CA  HA   sing N N 60  
ASP C   O    doub N N 61  
ASP C   OXT  sing N N 62  
ASP CB  CG   sing N N 63  
ASP CB  HB2  sing N N 64  
ASP CB  HB3  sing N N 65  
ASP CG  OD1  doub N N 66  
ASP CG  OD2  sing N N 67  
ASP OD2 HD2  sing N N 68  
ASP OXT HXT  sing N N 69  
CYS N   CA   sing N N 70  
CYS N   H    sing N N 71  
CYS N   H2   sing N N 72  
CYS CA  C    sing N N 73  
CYS CA  CB   sing N N 74  
CYS CA  HA   sing N N 75  
CYS C   O    doub N N 76  
CYS C   OXT  sing N N 77  
CYS CB  SG   sing N N 78  
CYS CB  HB2  sing N N 79  
CYS CB  HB3  sing N N 80  
CYS SG  HG   sing N N 81  
CYS OXT HXT  sing N N 82  
GLN N   CA   sing N N 83  
GLN N   H    sing N N 84  
GLN N   H2   sing N N 85  
GLN CA  C    sing N N 86  
GLN CA  CB   sing N N 87  
GLN CA  HA   sing N N 88  
GLN C   O    doub N N 89  
GLN C   OXT  sing N N 90  
GLN CB  CG   sing N N 91  
GLN CB  HB2  sing N N 92  
GLN CB  HB3  sing N N 93  
GLN CG  CD   sing N N 94  
GLN CG  HG2  sing N N 95  
GLN CG  HG3  sing N N 96  
GLN CD  OE1  doub N N 97  
GLN CD  NE2  sing N N 98  
GLN NE2 HE21 sing N N 99  
GLN NE2 HE22 sing N N 100 
GLN OXT HXT  sing N N 101 
GLU N   CA   sing N N 102 
GLU N   H    sing N N 103 
GLU N   H2   sing N N 104 
GLU CA  C    sing N N 105 
GLU CA  CB   sing N N 106 
GLU CA  HA   sing N N 107 
GLU C   O    doub N N 108 
GLU C   OXT  sing N N 109 
GLU CB  CG   sing N N 110 
GLU CB  HB2  sing N N 111 
GLU CB  HB3  sing N N 112 
GLU CG  CD   sing N N 113 
GLU CG  HG2  sing N N 114 
GLU CG  HG3  sing N N 115 
GLU CD  OE1  doub N N 116 
GLU CD  OE2  sing N N 117 
GLU OE2 HE2  sing N N 118 
GLU OXT HXT  sing N N 119 
GLY N   CA   sing N N 120 
GLY N   H    sing N N 121 
GLY N   H2   sing N N 122 
GLY CA  C    sing N N 123 
GLY CA  HA2  sing N N 124 
GLY CA  HA3  sing N N 125 
GLY C   O    doub N N 126 
GLY C   OXT  sing N N 127 
GLY OXT HXT  sing N N 128 
HIS N   CA   sing N N 129 
HIS N   H    sing N N 130 
HIS N   H2   sing N N 131 
HIS CA  C    sing N N 132 
HIS CA  CB   sing N N 133 
HIS CA  HA   sing N N 134 
HIS C   O    doub N N 135 
HIS C   OXT  sing N N 136 
HIS CB  CG   sing N N 137 
HIS CB  HB2  sing N N 138 
HIS CB  HB3  sing N N 139 
HIS CG  ND1  sing Y N 140 
HIS CG  CD2  doub Y N 141 
HIS ND1 CE1  doub Y N 142 
HIS ND1 HD1  sing N N 143 
HIS CD2 NE2  sing Y N 144 
HIS CD2 HD2  sing N N 145 
HIS CE1 NE2  sing Y N 146 
HIS CE1 HE1  sing N N 147 
HIS NE2 HE2  sing N N 148 
HIS OXT HXT  sing N N 149 
HOH O   H1   sing N N 150 
HOH O   H2   sing N N 151 
ILE N   CA   sing N N 152 
ILE N   H    sing N N 153 
ILE N   H2   sing N N 154 
ILE CA  C    sing N N 155 
ILE CA  CB   sing N N 156 
ILE CA  HA   sing N N 157 
ILE C   O    doub N N 158 
ILE C   OXT  sing N N 159 
ILE CB  CG1  sing N N 160 
ILE CB  CG2  sing N N 161 
ILE CB  HB   sing N N 162 
ILE CG1 CD1  sing N N 163 
ILE CG1 HG12 sing N N 164 
ILE CG1 HG13 sing N N 165 
ILE CG2 HG21 sing N N 166 
ILE CG2 HG22 sing N N 167 
ILE CG2 HG23 sing N N 168 
ILE CD1 HD11 sing N N 169 
ILE CD1 HD12 sing N N 170 
ILE CD1 HD13 sing N N 171 
ILE OXT HXT  sing N N 172 
LEU N   CA   sing N N 173 
LEU N   H    sing N N 174 
LEU N   H2   sing N N 175 
LEU CA  C    sing N N 176 
LEU CA  CB   sing N N 177 
LEU CA  HA   sing N N 178 
LEU C   O    doub N N 179 
LEU C   OXT  sing N N 180 
LEU CB  CG   sing N N 181 
LEU CB  HB2  sing N N 182 
LEU CB  HB3  sing N N 183 
LEU CG  CD1  sing N N 184 
LEU CG  CD2  sing N N 185 
LEU CG  HG   sing N N 186 
LEU CD1 HD11 sing N N 187 
LEU CD1 HD12 sing N N 188 
LEU CD1 HD13 sing N N 189 
LEU CD2 HD21 sing N N 190 
LEU CD2 HD22 sing N N 191 
LEU CD2 HD23 sing N N 192 
LEU OXT HXT  sing N N 193 
LYS N   CA   sing N N 194 
LYS N   H    sing N N 195 
LYS N   H2   sing N N 196 
LYS CA  C    sing N N 197 
LYS CA  CB   sing N N 198 
LYS CA  HA   sing N N 199 
LYS C   O    doub N N 200 
LYS C   OXT  sing N N 201 
LYS CB  CG   sing N N 202 
LYS CB  HB2  sing N N 203 
LYS CB  HB3  sing N N 204 
LYS CG  CD   sing N N 205 
LYS CG  HG2  sing N N 206 
LYS CG  HG3  sing N N 207 
LYS CD  CE   sing N N 208 
LYS CD  HD2  sing N N 209 
LYS CD  HD3  sing N N 210 
LYS CE  NZ   sing N N 211 
LYS CE  HE2  sing N N 212 
LYS CE  HE3  sing N N 213 
LYS NZ  HZ1  sing N N 214 
LYS NZ  HZ2  sing N N 215 
LYS NZ  HZ3  sing N N 216 
LYS OXT HXT  sing N N 217 
MET N   CA   sing N N 218 
MET N   H    sing N N 219 
MET N   H2   sing N N 220 
MET CA  C    sing N N 221 
MET CA  CB   sing N N 222 
MET CA  HA   sing N N 223 
MET C   O    doub N N 224 
MET C   OXT  sing N N 225 
MET CB  CG   sing N N 226 
MET CB  HB2  sing N N 227 
MET CB  HB3  sing N N 228 
MET CG  SD   sing N N 229 
MET CG  HG2  sing N N 230 
MET CG  HG3  sing N N 231 
MET SD  CE   sing N N 232 
MET CE  HE1  sing N N 233 
MET CE  HE2  sing N N 234 
MET CE  HE3  sing N N 235 
MET OXT HXT  sing N N 236 
PHE N   CA   sing N N 237 
PHE N   H    sing N N 238 
PHE N   H2   sing N N 239 
PHE CA  C    sing N N 240 
PHE CA  CB   sing N N 241 
PHE CA  HA   sing N N 242 
PHE C   O    doub N N 243 
PHE C   OXT  sing N N 244 
PHE CB  CG   sing N N 245 
PHE CB  HB2  sing N N 246 
PHE CB  HB3  sing N N 247 
PHE CG  CD1  doub Y N 248 
PHE CG  CD2  sing Y N 249 
PHE CD1 CE1  sing Y N 250 
PHE CD1 HD1  sing N N 251 
PHE CD2 CE2  doub Y N 252 
PHE CD2 HD2  sing N N 253 
PHE CE1 CZ   doub Y N 254 
PHE CE1 HE1  sing N N 255 
PHE CE2 CZ   sing Y N 256 
PHE CE2 HE2  sing N N 257 
PHE CZ  HZ   sing N N 258 
PHE OXT HXT  sing N N 259 
PRO N   CA   sing N N 260 
PRO N   CD   sing N N 261 
PRO N   H    sing N N 262 
PRO CA  C    sing N N 263 
PRO CA  CB   sing N N 264 
PRO CA  HA   sing N N 265 
PRO C   O    doub N N 266 
PRO C   OXT  sing N N 267 
PRO CB  CG   sing N N 268 
PRO CB  HB2  sing N N 269 
PRO CB  HB3  sing N N 270 
PRO CG  CD   sing N N 271 
PRO CG  HG2  sing N N 272 
PRO CG  HG3  sing N N 273 
PRO CD  HD2  sing N N 274 
PRO CD  HD3  sing N N 275 
PRO OXT HXT  sing N N 276 
SER N   CA   sing N N 277 
SER N   H    sing N N 278 
SER N   H2   sing N N 279 
SER CA  C    sing N N 280 
SER CA  CB   sing N N 281 
SER CA  HA   sing N N 282 
SER C   O    doub N N 283 
SER C   OXT  sing N N 284 
SER CB  OG   sing N N 285 
SER CB  HB2  sing N N 286 
SER CB  HB3  sing N N 287 
SER OG  HG   sing N N 288 
SER OXT HXT  sing N N 289 
THR N   CA   sing N N 290 
THR N   H    sing N N 291 
THR N   H2   sing N N 292 
THR CA  C    sing N N 293 
THR CA  CB   sing N N 294 
THR CA  HA   sing N N 295 
THR C   O    doub N N 296 
THR C   OXT  sing N N 297 
THR CB  OG1  sing N N 298 
THR CB  CG2  sing N N 299 
THR CB  HB   sing N N 300 
THR OG1 HG1  sing N N 301 
THR CG2 HG21 sing N N 302 
THR CG2 HG22 sing N N 303 
THR CG2 HG23 sing N N 304 
THR OXT HXT  sing N N 305 
TYR N   CA   sing N N 306 
TYR N   H    sing N N 307 
TYR N   H2   sing N N 308 
TYR CA  C    sing N N 309 
TYR CA  CB   sing N N 310 
TYR CA  HA   sing N N 311 
TYR C   O    doub N N 312 
TYR C   OXT  sing N N 313 
TYR CB  CG   sing N N 314 
TYR CB  HB2  sing N N 315 
TYR CB  HB3  sing N N 316 
TYR CG  CD1  doub Y N 317 
TYR CG  CD2  sing Y N 318 
TYR CD1 CE1  sing Y N 319 
TYR CD1 HD1  sing N N 320 
TYR CD2 CE2  doub Y N 321 
TYR CD2 HD2  sing N N 322 
TYR CE1 CZ   doub Y N 323 
TYR CE1 HE1  sing N N 324 
TYR CE2 CZ   sing Y N 325 
TYR CE2 HE2  sing N N 326 
TYR CZ  OH   sing N N 327 
TYR OH  HH   sing N N 328 
TYR OXT HXT  sing N N 329 
VAL N   CA   sing N N 330 
VAL N   H    sing N N 331 
VAL N   H2   sing N N 332 
VAL CA  C    sing N N 333 
VAL CA  CB   sing N N 334 
VAL CA  HA   sing N N 335 
VAL C   O    doub N N 336 
VAL C   OXT  sing N N 337 
VAL CB  CG1  sing N N 338 
VAL CB  CG2  sing N N 339 
VAL CB  HB   sing N N 340 
VAL CG1 HG11 sing N N 341 
VAL CG1 HG12 sing N N 342 
VAL CG1 HG13 sing N N 343 
VAL CG2 HG21 sing N N 344 
VAL CG2 HG22 sing N N 345 
VAL CG2 HG23 sing N N 346 
VAL OXT HXT  sing N N 347 
Y12 C2  C3   doub Y N 348 
Y12 C2  C1   sing Y N 349 
Y12 C2  H2   sing N N 350 
Y12 C3  C4   sing Y N 351 
Y12 C3  H3   sing N N 352 
Y12 C4  C5   doub Y N 353 
Y12 C4  H4   sing N N 354 
Y12 C5  C7   sing N N 355 
Y12 C5  C6   sing Y N 356 
Y12 C7  C8   sing N N 357 
Y12 C7  H71  sing N N 358 
Y12 C7  H72  sing N N 359 
Y12 C8  N9   sing N N 360 
Y12 C8  H81  sing N N 361 
Y12 C8  H82  sing N N 362 
Y12 N9  C10  sing N N 363 
Y12 N9  HN9  sing N N 364 
Y12 C10 O27  doub N N 365 
Y12 C10 C11  sing N N 366 
Y12 C11 C12  doub N E 367 
Y12 C11 H11  sing N N 368 
Y12 C12 C13  sing N N 369 
Y12 C12 H12  sing N N 370 
Y12 C13 C18  sing Y N 371 
Y12 C13 C14  doub Y N 372 
Y12 C18 C17  doub Y N 373 
Y12 C18 H18  sing N N 374 
Y12 C17 O23  sing N N 375 
Y12 C17 C16  sing Y N 376 
Y12 O23 C24  sing N N 377 
Y12 C24 O26  doub N N 378 
Y12 C24 C25  sing N N 379 
Y12 C25 H251 sing N N 380 
Y12 C25 H252 sing N N 381 
Y12 C25 H253 sing N N 382 
Y12 C16 O19  sing N N 383 
Y12 C16 C15  doub Y N 384 
Y12 O19 C20  sing N N 385 
Y12 C20 O22  doub N N 386 
Y12 C20 C21  sing N N 387 
Y12 C21 H211 sing N N 388 
Y12 C21 H212 sing N N 389 
Y12 C21 H213 sing N N 390 
Y12 C15 C14  sing Y N 391 
Y12 C15 H15  sing N N 392 
Y12 C14 H14  sing N N 393 
Y12 C6  C1   doub Y N 394 
Y12 C6  H6   sing N N 395 
Y12 C1  H1   sing N N 396 
# 
loop_
_pdbx_entity_nonpoly.entity_id 
_pdbx_entity_nonpoly.name 
_pdbx_entity_nonpoly.comp_id 
2 'COBALT (II) ION'                                                               CO  
3 '4-{(1E)-3-OXO-3-[(2-PHENYLETHYL)AMINO]PROP-1-EN-1-YL}-1,2-PHENYLENE DIACETATE' Y12 
4 water                                                                           HOH 
# 
_pdbx_initial_refinement_model.id               1 
_pdbx_initial_refinement_model.entity_id_list   ? 
_pdbx_initial_refinement_model.type             'experimental model' 
_pdbx_initial_refinement_model.source_name      PDB 
_pdbx_initial_refinement_model.accession_code   1IX1 
_pdbx_initial_refinement_model.details          ? 
# 
